data_5OJ2
#
_entry.id   5OJ2
#
_cell.length_a   103.180
_cell.length_b   109.040
_cell.length_c   208.770
_cell.angle_alpha   90.00
_cell.angle_beta   90.00
_cell.angle_gamma   90.00
#
_symmetry.space_group_name_H-M   'P 21 21 21'
#
loop_
_entity.id
_entity.type
_entity.pdbx_description
1 polymer 'MAM domain-containing glycosylphosphatidylinositol anchor protein 1'
2 branched beta-D-mannopyranose-(1-4)-2-acetamido-2-deoxy-beta-D-glucopyranose-(1-4)-2-acetamido-2-deoxy-beta-D-glucopyranose
3 branched alpha-D-mannopyranose-(1-3)-beta-D-mannopyranose-(1-4)-2-acetamido-2-deoxy-beta-D-glucopyranose-(1-4)-2-acetamido-2-deoxy-beta-D-glucopyranose
4 non-polymer 2-acetamido-2-deoxy-beta-D-glucopyranose
#
_entity_poly.entity_id   1
_entity_poly.type   'polypeptide(L)'
_entity_poly.pdbx_seq_one_letter_code
;QGVYAPAQAQIIHAGQACVVKEDNISERVYTIREGDTLVLQCLVTGHPRPQVRWTKTAGSASDKFQETSVLNETLRIEKI
QRLQGGRYYCKAENGVGVPAIKSIRVDVQYLDEPVLTVHQTISDVRGSFYQEKTVFLRCTVNSNPPARFIWKRGAETLSH
SQDNGVDIYEPLYTQGETKVLKLKNLRPQDYASYTCQVSVRNVCSIPDKSITFQLTNTTAPPALKLSVNETLVVNPGDNV
T(MSE)QCSLTGGDPQPEVLWSHSPGPLPPNSLVQGGNLTIWRIRVEDSGYYNCTAINNVGNPAKKTVNLLVRS(MSE)K
NATFQITPDVIKESETIQLGQDLKLSCHVDAVPQEKVVYSWYKNGKPARFSDRLLITRNDPELPPVTCSLEIIDLRFSDY
GTYLCVATFQGAPIPDLSVEVNISSETVPPTISVPKGQSTITVREGSRAELQCEVRGKPKPPIIWSRVDKETP(MSE)PS
GT(MSE)TVETYDGKLRLESVSRD(MSE)SGTYKCQTARYNGFNIRPREALVQLNVQFPPVVEPAFQDVRQG(MSE)GRS
VTLRCT(MSE)LKGSP(MSE)KVATSVWRFNGTLLAQPPAEQQDYSELKVDSVSRETSGSYECSISNDVGVSACLFQVSA
KAYSPEFYYDTPNPTLSQKQSKNYSYILQWTQKEPDAVDPILKYRLEVRQLAQRNTIQTFIPVQK(MSE)EKGLLLEHIL
PNLKVPQSYEVRLTPITSFGAGD(MSE)AARIIRY(MSE)EPINYPSPTDNTCRFEDEKICGFVQDK(MSE)DNFDWTRQ
NALTQNPKRTVNTGPPTDISGTPEGYY(MSE)FIEASRPRVTGDKARLISPLYNITAKYYCVSFYYH(MSE)YGKHIGSL
NLLVRVRNKRAIDTQVWSLSGNRGN(MSE)WQQAHVPINPPGPFQIIFEGVRGTSYEGDIAIDDVTLKKGDCPRKPIGPN
KGTKHHHHHH
;
_entity_poly.pdbx_strand_id   A,B
#
# COMPACT_ATOMS: atom_id res chain seq x y z
N GLN A 1 27.51 28.98 -6.86
CA GLN A 1 27.91 27.65 -7.29
C GLN A 1 27.95 27.54 -8.82
N GLY A 2 29.09 27.91 -9.39
CA GLY A 2 29.21 28.01 -10.83
C GLY A 2 28.86 26.72 -11.57
N VAL A 3 29.48 25.62 -11.18
CA VAL A 3 29.32 24.37 -11.92
C VAL A 3 28.24 23.46 -11.34
N TYR A 4 27.72 23.75 -10.16
CA TYR A 4 26.67 22.92 -9.59
C TYR A 4 25.39 23.10 -10.41
N ALA A 5 24.85 21.98 -10.88
CA ALA A 5 23.65 22.00 -11.72
C ALA A 5 22.53 21.19 -11.07
N PRO A 6 21.31 21.74 -11.04
CA PRO A 6 20.21 20.98 -10.42
C PRO A 6 19.95 19.66 -11.13
N ALA A 7 19.36 18.72 -10.40
CA ALA A 7 19.15 17.37 -10.92
C ALA A 7 18.12 17.37 -12.03
N GLN A 8 18.22 16.36 -12.90
CA GLN A 8 17.28 16.18 -13.99
C GLN A 8 17.10 14.69 -14.23
N ALA A 9 15.84 14.24 -14.26
CA ALA A 9 15.55 12.82 -14.38
C ALA A 9 14.90 12.48 -15.71
N GLN A 10 15.03 11.21 -16.10
CA GLN A 10 14.35 10.67 -17.25
C GLN A 10 14.12 9.19 -17.02
N ILE A 11 12.87 8.76 -17.16
CA ILE A 11 12.51 7.38 -16.90
C ILE A 11 12.74 6.56 -18.16
N ILE A 12 13.14 5.31 -17.96
CA ILE A 12 13.42 4.41 -19.08
C ILE A 12 12.82 3.05 -18.78
N HIS A 13 12.40 2.39 -19.85
CA HIS A 13 11.56 1.21 -19.78
C HIS A 13 12.37 -0.05 -20.06
N ALA A 14 12.14 -1.09 -19.27
CA ALA A 14 12.85 -2.35 -19.44
C ALA A 14 11.93 -3.50 -19.04
N GLY A 15 12.50 -4.64 -18.68
CA GLY A 15 11.71 -5.79 -18.29
C GLY A 15 10.67 -6.15 -19.32
N GLN A 16 9.60 -6.82 -18.88
CA GLN A 16 8.53 -7.21 -19.79
C GLN A 16 7.51 -6.10 -19.95
N ALA A 17 7.10 -5.87 -21.19
CA ALA A 17 6.07 -4.89 -21.52
C ALA A 17 5.25 -5.45 -22.66
N CYS A 18 4.55 -4.61 -23.40
CA CYS A 18 3.69 -5.09 -24.47
C CYS A 18 3.56 -4.08 -25.59
N VAL A 19 3.35 -4.59 -26.80
CA VAL A 19 2.87 -3.78 -27.92
C VAL A 19 3.81 -2.60 -28.16
N GLU A 27 3.31 5.38 -25.37
CA GLU A 27 3.61 6.80 -25.20
C GLU A 27 4.00 7.07 -23.75
N ARG A 28 3.03 7.39 -22.91
CA ARG A 28 3.28 7.78 -21.52
C ARG A 28 3.13 6.65 -20.51
N VAL A 29 2.89 5.42 -20.97
CA VAL A 29 2.49 4.37 -20.06
C VAL A 29 3.21 3.05 -20.31
N TYR A 30 3.43 2.32 -19.22
CA TYR A 30 4.23 1.11 -19.21
C TYR A 30 3.30 -0.06 -18.90
N THR A 31 2.77 -0.69 -19.95
CA THR A 31 1.76 -1.73 -19.82
C THR A 31 2.39 -3.12 -19.81
N ILE A 32 2.05 -3.93 -18.81
CA ILE A 32 2.57 -5.28 -18.72
C ILE A 32 1.51 -6.25 -18.22
N ARG A 33 1.68 -7.53 -18.56
CA ARG A 33 0.75 -8.55 -18.13
C ARG A 33 0.94 -8.86 -16.65
N GLU A 34 -0.16 -8.98 -15.92
CA GLU A 34 -0.12 -9.39 -14.53
C GLU A 34 0.68 -10.67 -14.38
N GLY A 35 1.51 -10.74 -13.35
CA GLY A 35 2.39 -11.87 -13.13
C GLY A 35 3.78 -11.73 -13.75
N ASP A 36 3.93 -10.82 -14.71
CA ASP A 36 5.25 -10.54 -15.28
C ASP A 36 6.07 -9.71 -14.29
N THR A 37 7.21 -9.21 -14.74
CA THR A 37 8.10 -8.41 -13.90
C THR A 37 8.30 -7.01 -14.50
N LEU A 38 8.18 -6.00 -13.64
CA LEU A 38 8.40 -4.62 -14.05
C LEU A 38 9.84 -4.21 -13.81
N VAL A 39 10.41 -3.47 -14.76
CA VAL A 39 11.76 -2.94 -14.61
C VAL A 39 11.79 -1.52 -15.17
N LEU A 40 11.82 -0.55 -14.28
CA LEU A 40 11.96 0.86 -14.68
C LEU A 40 13.27 1.42 -14.17
N GLN A 41 13.93 2.22 -15.00
CA GLN A 41 15.20 2.82 -14.63
C GLN A 41 15.11 4.34 -14.74
N CYS A 42 15.63 5.01 -13.72
CA CYS A 42 15.64 6.47 -13.71
C CYS A 42 17.05 6.97 -13.99
N LEU A 43 17.25 7.52 -15.19
CA LEU A 43 18.51 8.15 -15.53
C LEU A 43 18.50 9.58 -15.06
N VAL A 44 19.60 10.00 -14.44
CA VAL A 44 19.66 11.33 -13.85
C VAL A 44 20.97 12.00 -14.21
N THR A 45 20.94 13.33 -14.23
CA THR A 45 22.15 14.13 -14.42
C THR A 45 22.08 15.37 -13.54
N GLY A 46 23.13 16.19 -13.61
CA GLY A 46 23.30 17.30 -12.71
C GLY A 46 24.41 17.04 -11.72
N HIS A 47 24.93 18.11 -11.12
CA HIS A 47 26.09 18.01 -10.24
C HIS A 47 25.87 18.81 -8.96
N PRO A 48 26.16 18.22 -7.79
CA PRO A 48 26.70 16.87 -7.55
C PRO A 48 25.74 15.77 -7.98
N ARG A 49 26.27 14.57 -8.21
CA ARG A 49 25.46 13.48 -8.75
C ARG A 49 24.27 13.22 -7.84
N PRO A 50 23.05 13.42 -8.35
CA PRO A 50 21.88 13.30 -7.46
C PRO A 50 21.55 11.85 -7.12
N GLN A 51 20.93 11.66 -5.96
CA GLN A 51 20.42 10.35 -5.55
C GLN A 51 18.98 10.18 -5.99
N VAL A 52 18.58 8.93 -6.19
CA VAL A 52 17.29 8.64 -6.79
C VAL A 52 16.52 7.67 -5.91
N ARG A 53 15.30 8.06 -5.56
CA ARG A 53 14.36 7.16 -4.92
C ARG A 53 13.09 7.03 -5.76
N TRP A 54 12.62 5.81 -5.96
CA TRP A 54 11.33 5.56 -6.60
C TRP A 54 10.23 5.56 -5.55
N THR A 55 9.17 6.32 -5.80
CA THR A 55 8.01 6.33 -4.91
C THR A 55 6.71 6.23 -5.70
N LYS A 56 5.61 6.02 -4.99
CA LYS A 56 4.29 6.00 -5.60
C LYS A 56 3.36 7.06 -5.01
N THR A 57 3.91 7.99 -4.24
CA THR A 57 3.10 9.01 -3.57
C THR A 57 3.42 10.45 -4.03
N ALA A 58 4.70 10.77 -4.14
CA ALA A 58 5.11 12.14 -4.46
C ALA A 58 4.66 13.10 -3.36
N THR A 68 7.26 3.08 1.28
CA THR A 68 6.73 3.91 0.20
C THR A 68 7.75 4.07 -0.92
N SER A 69 8.97 4.42 -0.53
CA SER A 69 10.02 4.75 -1.49
C SER A 69 11.16 3.74 -1.44
N VAL A 70 11.75 3.46 -2.60
CA VAL A 70 12.88 2.56 -2.71
C VAL A 70 14.06 3.39 -3.20
N LEU A 71 15.21 3.20 -2.56
CA LEU A 71 16.39 4.00 -2.87
C LEU A 71 17.24 3.25 -3.86
N ASN A 72 16.97 3.49 -5.14
CA ASN A 72 17.58 2.73 -6.22
C ASN A 72 17.20 3.40 -7.53
N GLU A 73 18.15 3.55 -8.44
CA GLU A 73 17.85 4.19 -9.73
C GLU A 73 17.02 3.28 -10.63
N THR A 74 16.87 2.01 -10.26
CA THR A 74 16.02 1.10 -11.00
C THR A 74 14.94 0.52 -10.10
N LEU A 75 13.69 0.61 -10.56
CA LEU A 75 12.56 0.01 -9.86
C LEU A 75 12.22 -1.35 -10.48
N ARG A 76 12.11 -2.36 -9.64
CA ARG A 76 11.90 -3.72 -10.12
C ARG A 76 10.86 -4.43 -9.27
N ILE A 77 9.77 -4.85 -9.91
CA ILE A 77 8.67 -5.52 -9.24
C ILE A 77 8.42 -6.85 -9.93
N GLU A 78 8.65 -7.95 -9.23
CA GLU A 78 8.44 -9.28 -9.79
C GLU A 78 7.02 -9.76 -9.52
N LYS A 79 6.44 -10.43 -10.51
CA LYS A 79 5.07 -10.92 -10.40
C LYS A 79 4.12 -9.81 -9.99
N ILE A 80 4.05 -8.80 -10.85
CA ILE A 80 3.23 -7.63 -10.59
C ILE A 80 1.78 -8.05 -10.45
N GLN A 81 1.01 -7.26 -9.71
CA GLN A 81 -0.40 -7.53 -9.48
C GLN A 81 -1.25 -6.36 -9.93
N ARG A 82 -2.55 -6.61 -10.09
CA ARG A 82 -3.51 -5.58 -10.46
C ARG A 82 -3.27 -4.28 -9.69
N LEU A 83 -3.28 -4.38 -8.37
CA LEU A 83 -3.29 -3.20 -7.53
C LEU A 83 -1.97 -2.44 -7.59
N GLN A 84 -0.88 -3.15 -7.82
CA GLN A 84 0.43 -2.52 -7.93
C GLN A 84 0.52 -1.58 -9.12
N GLY A 85 -0.43 -1.68 -10.04
CA GLY A 85 -0.56 -0.70 -11.09
C GLY A 85 -0.82 0.69 -10.52
N GLY A 86 -0.61 1.71 -11.34
CA GLY A 86 -0.80 3.09 -10.90
C GLY A 86 0.18 4.04 -11.52
N ARG A 87 0.38 5.18 -10.87
CA ARG A 87 1.36 6.15 -11.30
C ARG A 87 2.57 6.10 -10.37
N TYR A 88 3.76 6.04 -10.95
CA TYR A 88 4.99 5.98 -10.17
C TYR A 88 5.83 7.23 -10.39
N TYR A 89 6.57 7.62 -9.36
CA TYR A 89 7.37 8.83 -9.41
C TYR A 89 8.82 8.53 -9.11
N CYS A 90 9.70 8.99 -9.99
CA CYS A 90 11.13 8.99 -9.71
C CYS A 90 11.55 10.34 -9.17
N LYS A 91 12.05 10.36 -7.94
CA LYS A 91 12.51 11.59 -7.32
C LYS A 91 14.02 11.62 -7.27
N ALA A 92 14.60 12.73 -7.74
CA ALA A 92 16.04 12.88 -7.83
C ALA A 92 16.46 14.25 -7.33
N GLU A 93 17.29 14.28 -6.30
CA GLU A 93 17.73 15.54 -5.72
C GLU A 93 19.23 15.51 -5.45
N ASN A 94 19.83 16.68 -5.32
CA ASN A 94 21.26 16.78 -5.06
C ASN A 94 21.64 17.97 -4.19
N GLY A 95 20.65 18.77 -3.78
CA GLY A 95 20.93 19.94 -2.96
C GLY A 95 20.82 21.24 -3.74
N VAL A 96 21.29 21.20 -4.98
CA VAL A 96 21.31 22.40 -5.82
C VAL A 96 20.00 22.48 -6.58
N GLY A 97 19.21 23.49 -6.27
CA GLY A 97 18.01 23.78 -7.03
C GLY A 97 16.82 22.94 -6.61
N VAL A 98 15.83 22.85 -7.49
CA VAL A 98 14.58 22.16 -7.20
C VAL A 98 14.72 20.67 -7.52
N PRO A 99 14.29 19.79 -6.61
CA PRO A 99 14.39 18.35 -6.92
C PRO A 99 13.65 17.98 -8.20
N ALA A 100 14.19 17.00 -8.92
CA ALA A 100 13.60 16.55 -10.19
C ALA A 100 12.64 15.39 -9.95
N ILE A 101 11.47 15.47 -10.57
CA ILE A 101 10.47 14.43 -10.46
C ILE A 101 9.96 14.09 -11.84
N LYS A 102 9.70 12.80 -12.06
CA LYS A 102 9.17 12.32 -13.33
C LYS A 102 8.17 11.22 -13.06
N SER A 103 7.10 11.20 -13.85
CA SER A 103 5.98 10.30 -13.62
C SER A 103 5.88 9.28 -14.75
N ILE A 104 5.29 8.14 -14.43
CA ILE A 104 4.95 7.15 -15.44
C ILE A 104 3.78 6.33 -14.93
N ARG A 105 2.83 6.06 -15.81
CA ARG A 105 1.65 5.29 -15.45
C ARG A 105 1.86 3.84 -15.87
N VAL A 106 1.96 2.95 -14.89
CA VAL A 106 2.05 1.52 -15.17
C VAL A 106 0.65 0.95 -15.19
N ASP A 107 0.31 0.31 -16.30
CA ASP A 107 -1.03 -0.22 -16.52
C ASP A 107 -0.95 -1.73 -16.63
N VAL A 108 -0.94 -2.39 -15.48
CA VAL A 108 -0.99 -3.85 -15.46
C VAL A 108 -2.32 -4.31 -16.05
N GLN A 109 -2.27 -5.39 -16.83
CA GLN A 109 -3.43 -5.85 -17.58
C GLN A 109 -3.70 -7.33 -17.35
N TYR A 110 -4.95 -7.73 -17.54
CA TYR A 110 -5.39 -9.05 -17.15
C TYR A 110 -6.76 -9.36 -17.75
N LEU A 111 -7.16 -10.61 -17.66
CA LEU A 111 -8.50 -11.03 -18.07
C LEU A 111 -8.88 -12.29 -17.32
N ASP A 112 -9.78 -12.14 -16.34
CA ASP A 112 -10.23 -13.31 -15.58
C ASP A 112 -11.24 -14.08 -16.41
N GLU A 113 -11.69 -15.21 -15.87
CA GLU A 113 -12.71 -16.00 -16.56
C GLU A 113 -14.09 -15.37 -16.33
N PRO A 114 -14.87 -15.20 -17.40
CA PRO A 114 -16.19 -14.56 -17.26
C PRO A 114 -17.21 -15.41 -16.51
N VAL A 115 -18.16 -14.74 -15.88
CA VAL A 115 -19.27 -15.40 -15.21
C VAL A 115 -20.51 -15.21 -16.04
N LEU A 116 -21.28 -16.28 -16.19
CA LEU A 116 -22.48 -16.24 -17.01
C LEU A 116 -23.67 -16.60 -16.15
N THR A 117 -24.67 -15.72 -16.15
CA THR A 117 -25.83 -15.87 -15.29
C THR A 117 -27.07 -15.49 -16.09
N VAL A 118 -28.22 -16.00 -15.67
CA VAL A 118 -29.43 -15.85 -16.45
C VAL A 118 -30.65 -15.74 -15.54
N HIS A 119 -31.58 -14.87 -15.89
CA HIS A 119 -32.86 -14.80 -15.18
C HIS A 119 -34.00 -14.55 -16.16
N GLN A 120 -35.19 -14.96 -15.76
CA GLN A 120 -36.38 -14.85 -16.61
C GLN A 120 -37.15 -13.58 -16.32
N THR A 121 -38.11 -13.27 -17.17
CA THR A 121 -38.95 -12.09 -17.01
C THR A 121 -40.24 -12.31 -17.77
N ILE A 122 -41.33 -12.49 -17.02
CA ILE A 122 -42.65 -12.62 -17.59
C ILE A 122 -43.36 -11.28 -17.51
N SER A 123 -44.03 -10.89 -18.57
CA SER A 123 -44.64 -9.57 -18.65
C SER A 123 -45.92 -9.60 -19.49
N ASP A 124 -46.83 -8.68 -19.18
CA ASP A 124 -48.12 -8.60 -19.86
C ASP A 124 -48.00 -7.97 -21.25
N VAL A 125 -49.11 -7.98 -21.98
CA VAL A 125 -49.15 -7.46 -23.34
C VAL A 125 -50.37 -6.57 -23.50
N ARG A 126 -50.25 -5.52 -24.29
CA ARG A 126 -51.30 -4.52 -24.41
C ARG A 126 -52.60 -5.13 -24.90
N GLY A 127 -53.68 -4.89 -24.17
CA GLY A 127 -54.98 -5.36 -24.55
C GLY A 127 -55.04 -6.86 -24.74
N SER A 128 -54.42 -7.59 -23.84
CA SER A 128 -54.30 -9.03 -23.97
C SER A 128 -53.99 -9.69 -22.65
N PHE A 129 -54.43 -10.93 -22.50
CA PHE A 129 -54.09 -11.75 -21.34
C PHE A 129 -52.99 -12.76 -21.65
N TYR A 130 -52.45 -12.69 -22.85
CA TYR A 130 -51.29 -13.47 -23.23
C TYR A 130 -50.04 -12.86 -22.60
N GLN A 131 -49.07 -13.70 -22.28
CA GLN A 131 -47.85 -13.23 -21.60
C GLN A 131 -46.59 -13.60 -22.38
N GLU A 132 -45.58 -12.75 -22.28
CA GLU A 132 -44.32 -12.96 -22.97
C GLU A 132 -43.18 -13.23 -21.98
N LYS A 133 -42.47 -14.33 -22.20
CA LYS A 133 -41.31 -14.65 -21.38
C LYS A 133 -40.04 -14.03 -21.98
N THR A 134 -39.23 -13.44 -21.13
CA THR A 134 -37.96 -12.85 -21.55
C THR A 134 -36.82 -13.36 -20.68
N VAL A 135 -35.73 -13.78 -21.31
CA VAL A 135 -34.55 -14.23 -20.57
C VAL A 135 -33.40 -13.26 -20.81
N PHE A 136 -32.67 -12.99 -19.73
CA PHE A 136 -31.50 -12.13 -19.82
C PHE A 136 -30.26 -12.96 -19.55
N LEU A 137 -29.35 -13.00 -20.52
CA LEU A 137 -28.09 -13.70 -20.35
C LEU A 137 -27.02 -12.66 -20.05
N ARG A 138 -26.57 -12.63 -18.80
CA ARG A 138 -25.63 -11.62 -18.36
C ARG A 138 -24.22 -12.20 -18.27
N CYS A 139 -23.30 -11.55 -18.96
CA CYS A 139 -21.91 -11.99 -18.98
C CYS A 139 -21.04 -10.91 -18.35
N THR A 140 -20.39 -11.27 -17.25
CA THR A 140 -19.56 -10.34 -16.50
C THR A 140 -18.14 -10.88 -16.40
N VAL A 141 -17.17 -9.98 -16.54
CA VAL A 141 -15.77 -10.32 -16.37
C VAL A 141 -15.01 -9.08 -15.95
N ASN A 142 -14.11 -9.23 -14.99
CA ASN A 142 -13.23 -8.14 -14.61
C ASN A 142 -11.94 -8.23 -15.42
N SER A 143 -11.56 -7.11 -16.03
CA SER A 143 -10.41 -7.10 -16.94
C SER A 143 -9.86 -5.69 -17.11
N ASN A 144 -8.55 -5.60 -17.27
CA ASN A 144 -7.89 -4.38 -17.71
C ASN A 144 -7.08 -4.72 -18.95
N PRO A 145 -7.34 -4.05 -20.09
CA PRO A 145 -8.31 -2.99 -20.39
C PRO A 145 -9.77 -3.43 -20.36
N PRO A 146 -10.70 -2.49 -20.64
CA PRO A 146 -12.09 -2.88 -20.87
C PRO A 146 -12.21 -4.02 -21.86
N ALA A 147 -13.00 -5.02 -21.52
CA ALA A 147 -13.12 -6.21 -22.35
C ALA A 147 -13.95 -5.99 -23.61
N ARG A 148 -13.87 -6.95 -24.52
CA ARG A 148 -14.74 -7.03 -25.68
C ARG A 148 -15.60 -8.29 -25.59
N PHE A 149 -16.90 -8.11 -25.74
CA PHE A 149 -17.83 -9.23 -25.64
C PHE A 149 -18.33 -9.64 -27.02
N ILE A 150 -18.41 -10.94 -27.25
CA ILE A 150 -19.12 -11.46 -28.41
C ILE A 150 -20.02 -12.60 -27.93
N TRP A 151 -21.23 -12.65 -28.48
CA TRP A 151 -22.19 -13.66 -28.10
C TRP A 151 -22.41 -14.62 -29.26
N LYS A 152 -22.67 -15.87 -28.94
CA LYS A 152 -22.97 -16.86 -29.97
C LYS A 152 -23.86 -17.98 -29.47
N ARG A 153 -24.64 -18.53 -30.39
CA ARG A 153 -25.39 -19.75 -30.16
C ARG A 153 -24.88 -20.75 -31.19
N GLY A 154 -23.61 -21.13 -31.06
CA GLY A 154 -22.93 -21.79 -32.17
C GLY A 154 -22.54 -20.79 -33.25
N ALA A 155 -23.48 -19.89 -33.56
CA ALA A 155 -23.27 -18.81 -34.52
C ALA A 155 -23.27 -17.45 -33.80
N GLU A 156 -22.57 -16.48 -34.38
CA GLU A 156 -22.45 -15.15 -33.77
C GLU A 156 -23.74 -14.35 -33.92
N THR A 157 -24.18 -13.74 -32.82
CA THR A 157 -25.38 -12.90 -32.83
C THR A 157 -25.03 -11.42 -33.00
N LEU A 158 -25.81 -10.73 -33.81
CA LEU A 158 -25.55 -9.34 -34.17
C LEU A 158 -26.28 -8.43 -33.18
N ASN A 164 -30.12 -6.66 -33.65
CA ASN A 164 -31.04 -7.16 -34.66
C ASN A 164 -32.36 -7.55 -33.98
N GLY A 165 -32.97 -8.66 -34.39
CA GLY A 165 -34.20 -9.13 -33.77
C GLY A 165 -34.13 -9.12 -32.25
N VAL A 166 -33.04 -9.66 -31.70
CA VAL A 166 -32.80 -9.65 -30.26
C VAL A 166 -31.69 -8.64 -29.96
N ASP A 167 -31.54 -8.29 -28.68
CA ASP A 167 -30.79 -7.11 -28.30
C ASP A 167 -29.60 -7.41 -27.39
N ILE A 168 -28.53 -6.66 -27.58
CA ILE A 168 -27.34 -6.74 -26.72
C ILE A 168 -27.08 -5.34 -26.18
N TYR A 169 -26.64 -5.26 -24.93
CA TYR A 169 -26.37 -3.98 -24.30
C TYR A 169 -25.65 -4.14 -22.97
N GLU A 170 -25.25 -3.01 -22.40
CA GLU A 170 -24.72 -3.00 -21.04
C GLU A 170 -25.79 -2.47 -20.08
N PRO A 171 -26.08 -3.23 -19.02
CA PRO A 171 -27.15 -2.76 -18.13
C PRO A 171 -26.69 -1.64 -17.22
N LEU A 172 -27.60 -1.03 -16.48
CA LEU A 172 -27.24 0.03 -15.56
C LEU A 172 -26.41 -0.49 -14.41
N TYR A 173 -25.74 0.43 -13.72
CA TYR A 173 -25.01 0.08 -12.52
C TYR A 173 -23.88 -0.88 -12.86
N THR A 174 -23.25 -0.64 -14.01
CA THR A 174 -22.12 -1.41 -14.49
C THR A 174 -21.34 -0.54 -15.48
N GLN A 175 -20.01 -0.60 -15.39
CA GLN A 175 -19.16 0.30 -16.15
C GLN A 175 -18.46 -0.43 -17.28
N GLY A 176 -19.23 -1.20 -18.05
CA GLY A 176 -18.69 -1.90 -19.20
C GLY A 176 -18.14 -3.28 -18.92
N GLU A 177 -18.06 -3.66 -17.65
CA GLU A 177 -17.59 -4.99 -17.28
C GLU A 177 -18.64 -6.07 -17.58
N THR A 178 -19.84 -5.63 -17.93
CA THR A 178 -20.94 -6.56 -18.11
C THR A 178 -21.72 -6.27 -19.39
N LYS A 179 -22.12 -7.33 -20.07
CA LYS A 179 -23.03 -7.24 -21.20
C LYS A 179 -24.10 -8.30 -21.06
N VAL A 180 -25.30 -7.98 -21.54
CA VAL A 180 -26.43 -8.87 -21.41
C VAL A 180 -27.06 -9.11 -22.77
N LEU A 181 -27.43 -10.35 -23.03
CA LEU A 181 -28.14 -10.70 -24.25
C LEU A 181 -29.60 -10.92 -23.88
N LYS A 182 -30.48 -10.09 -24.43
CA LYS A 182 -31.89 -10.16 -24.10
C LYS A 182 -32.66 -10.85 -25.21
N LEU A 183 -33.37 -11.90 -24.84
CA LEU A 183 -34.22 -12.64 -25.77
C LEU A 183 -35.67 -12.32 -25.43
N LYS A 184 -36.29 -11.50 -26.26
CA LYS A 184 -37.53 -10.82 -25.90
C LYS A 184 -38.71 -11.77 -25.84
N ASN A 185 -39.16 -12.26 -26.99
CA ASN A 185 -40.21 -13.28 -27.01
C ASN A 185 -39.56 -14.63 -27.14
N LEU A 186 -39.70 -15.49 -26.14
CA LEU A 186 -38.91 -16.71 -26.08
C LEU A 186 -39.63 -17.85 -26.77
N ARG A 187 -39.19 -18.13 -27.99
CA ARG A 187 -39.71 -19.22 -28.78
C ARG A 187 -38.75 -20.40 -28.72
N PRO A 188 -39.29 -21.64 -28.70
CA PRO A 188 -38.49 -22.86 -28.60
C PRO A 188 -37.12 -22.84 -29.28
N GLN A 189 -37.04 -22.35 -30.52
CA GLN A 189 -35.76 -22.34 -31.23
C GLN A 189 -34.68 -21.57 -30.44
N ASP A 190 -35.10 -20.68 -29.55
CA ASP A 190 -34.15 -19.93 -28.73
C ASP A 190 -33.53 -20.80 -27.64
N TYR A 191 -34.17 -21.93 -27.33
CA TYR A 191 -33.64 -22.80 -26.29
C TYR A 191 -32.44 -23.55 -26.82
N ALA A 192 -31.27 -22.96 -26.64
CA ALA A 192 -30.02 -23.53 -27.13
C ALA A 192 -28.90 -23.23 -26.14
N SER A 193 -27.69 -23.66 -26.48
CA SER A 193 -26.52 -23.33 -25.68
C SER A 193 -25.95 -21.99 -26.13
N TYR A 194 -26.01 -21.01 -25.24
CA TYR A 194 -25.43 -19.71 -25.52
C TYR A 194 -24.07 -19.62 -24.84
N THR A 195 -23.12 -18.99 -25.54
CA THR A 195 -21.74 -18.96 -25.08
C THR A 195 -21.21 -17.53 -25.18
N CYS A 196 -20.81 -16.99 -24.03
CA CYS A 196 -20.15 -15.69 -23.99
C CYS A 196 -18.65 -15.88 -24.15
N GLN A 197 -18.09 -15.19 -25.13
CA GLN A 197 -16.67 -15.24 -25.39
C GLN A 197 -16.14 -13.83 -25.25
N VAL A 198 -15.25 -13.63 -24.27
CA VAL A 198 -14.81 -12.30 -23.91
C VAL A 198 -13.32 -12.17 -24.19
N SER A 199 -12.94 -11.03 -24.77
CA SER A 199 -11.58 -10.85 -25.26
C SER A 199 -11.00 -9.54 -24.75
N VAL A 200 -9.69 -9.52 -24.60
CA VAL A 200 -8.96 -8.31 -24.26
C VAL A 200 -8.19 -7.80 -25.48
N ARG A 201 -8.62 -8.21 -26.66
CA ARG A 201 -7.96 -7.84 -27.91
C ARG A 201 -6.56 -8.48 -28.05
N ASN A 202 -6.29 -9.52 -27.28
CA ASN A 202 -4.97 -10.16 -27.26
C ASN A 202 -3.83 -9.17 -27.02
N VAL A 203 -4.14 -8.02 -26.43
CA VAL A 203 -3.09 -7.09 -26.01
C VAL A 203 -2.36 -7.68 -24.82
N CYS A 204 -1.05 -7.42 -24.75
CA CYS A 204 -0.17 -8.09 -23.81
C CYS A 204 -0.24 -9.61 -23.99
N SER A 205 -0.58 -10.03 -25.20
CA SER A 205 -0.67 -11.45 -25.55
C SER A 205 -1.44 -12.21 -24.49
N ILE A 206 -2.68 -11.78 -24.27
CA ILE A 206 -3.56 -12.38 -23.29
C ILE A 206 -4.64 -13.14 -24.05
N PRO A 207 -4.85 -14.43 -23.72
CA PRO A 207 -5.83 -15.17 -24.50
C PRO A 207 -7.27 -14.78 -24.19
N ASP A 208 -8.17 -14.99 -25.15
CA ASP A 208 -9.58 -14.84 -24.89
C ASP A 208 -10.07 -15.99 -24.03
N LYS A 209 -11.26 -15.83 -23.45
CA LYS A 209 -11.85 -16.88 -22.63
C LYS A 209 -13.35 -16.97 -22.89
N SER A 210 -13.89 -18.17 -22.68
CA SER A 210 -15.25 -18.48 -23.06
C SER A 210 -15.99 -19.14 -21.92
N ILE A 211 -17.28 -18.87 -21.84
CA ILE A 211 -18.16 -19.61 -20.94
C ILE A 211 -19.46 -19.86 -21.68
N THR A 212 -20.09 -20.99 -21.40
CA THR A 212 -21.30 -21.38 -22.11
C THR A 212 -22.37 -21.74 -21.11
N PHE A 213 -23.63 -21.62 -21.54
CA PHE A 213 -24.74 -21.99 -20.68
C PHE A 213 -25.79 -22.77 -21.46
N GLN A 214 -26.39 -23.75 -20.79
CA GLN A 214 -27.40 -24.58 -21.39
C GLN A 214 -28.76 -24.00 -21.07
N LEU A 215 -29.31 -23.20 -22.00
CA LEU A 215 -30.64 -22.66 -21.79
C LEU A 215 -31.67 -23.69 -22.25
N THR A 216 -32.48 -24.15 -21.30
CA THR A 216 -33.44 -25.20 -21.56
C THR A 216 -34.73 -24.89 -20.83
N ASN A 217 -35.83 -25.48 -21.27
CA ASN A 217 -37.13 -25.25 -20.64
C ASN A 217 -37.23 -25.95 -19.28
N THR A 218 -36.17 -26.64 -18.87
CA THR A 218 -36.07 -27.11 -17.49
C THR A 218 -35.27 -26.15 -16.61
N THR A 219 -34.52 -25.25 -17.24
CA THR A 219 -33.74 -24.25 -16.50
C THR A 219 -34.64 -23.53 -15.51
N ALA A 220 -34.19 -23.45 -14.25
CA ALA A 220 -35.00 -22.87 -13.20
C ALA A 220 -34.13 -22.40 -12.04
N PRO A 221 -34.51 -21.28 -11.40
CA PRO A 221 -33.72 -20.83 -10.26
C PRO A 221 -33.77 -21.83 -9.11
N PRO A 222 -32.91 -21.66 -8.09
CA PRO A 222 -32.92 -22.60 -6.97
C PRO A 222 -34.07 -22.36 -6.02
N ALA A 223 -34.34 -23.34 -5.16
CA ALA A 223 -35.35 -23.21 -4.12
C ALA A 223 -35.01 -24.15 -2.96
N LEU A 224 -35.35 -23.73 -1.75
CA LEU A 224 -34.93 -24.45 -0.55
C LEU A 224 -36.09 -24.65 0.40
N LYS A 225 -35.98 -25.70 1.21
CA LYS A 225 -36.88 -25.89 2.34
C LYS A 225 -36.07 -26.21 3.59
N LEU A 226 -36.45 -25.59 4.69
CA LEU A 226 -35.70 -25.72 5.94
C LEU A 226 -36.50 -26.54 6.95
N SER A 227 -35.80 -27.31 7.77
CA SER A 227 -36.45 -28.20 8.73
C SER A 227 -36.70 -27.53 10.08
N VAL A 228 -36.51 -26.21 10.15
CA VAL A 228 -36.77 -25.47 11.38
C VAL A 228 -37.38 -24.10 11.05
N ASN A 229 -37.98 -23.48 12.07
CA ASN A 229 -38.73 -22.24 11.89
C ASN A 229 -37.81 -21.04 11.66
N GLU A 230 -38.41 -19.89 11.38
CA GLU A 230 -37.68 -18.63 11.27
C GLU A 230 -36.71 -18.46 12.43
N THR A 231 -37.25 -18.53 13.64
CA THR A 231 -36.47 -18.31 14.84
C THR A 231 -36.53 -19.56 15.72
N LEU A 232 -35.38 -19.97 16.23
CA LEU A 232 -35.28 -21.20 17.01
C LEU A 232 -34.60 -20.91 18.34
N VAL A 233 -35.30 -21.22 19.43
CA VAL A 233 -34.77 -21.01 20.77
C VAL A 233 -34.22 -22.31 21.30
N VAL A 234 -33.09 -22.25 21.99
CA VAL A 234 -32.43 -23.43 22.48
C VAL A 234 -31.70 -23.11 23.79
N ASN A 235 -31.36 -24.15 24.54
CA ASN A 235 -30.60 -23.99 25.79
C ASN A 235 -29.13 -24.25 25.55
N PRO A 236 -28.26 -23.74 26.43
CA PRO A 236 -26.81 -23.95 26.24
C PRO A 236 -26.44 -25.43 26.37
N GLY A 237 -25.56 -25.91 25.50
CA GLY A 237 -25.15 -27.30 25.52
C GLY A 237 -25.88 -28.13 24.49
N ASP A 238 -27.17 -27.87 24.31
CA ASP A 238 -27.99 -28.57 23.34
C ASP A 238 -27.27 -28.73 22.00
N ASN A 239 -27.43 -29.90 21.40
CA ASN A 239 -27.06 -30.09 20.00
C ASN A 239 -28.25 -29.78 19.10
N VAL A 240 -28.00 -29.02 18.04
CA VAL A 240 -29.06 -28.62 17.13
C VAL A 240 -28.59 -28.86 15.70
N THR A 241 -29.43 -29.54 14.93
CA THR A 241 -29.09 -29.90 13.56
C THR A 241 -30.16 -29.38 12.62
N GLN A 243 -31.52 -29.23 8.65
CA GLN A 243 -31.49 -29.82 7.32
C GLN A 243 -32.00 -28.82 6.30
N CYS A 244 -31.10 -28.41 5.40
CA CYS A 244 -31.46 -27.52 4.31
C CYS A 244 -31.42 -28.31 3.00
N SER A 245 -32.59 -28.46 2.38
CA SER A 245 -32.74 -29.35 1.23
C SER A 245 -33.30 -28.59 0.03
N LEU A 246 -32.81 -28.94 -1.15
CA LEU A 246 -33.30 -28.33 -2.39
C LEU A 246 -34.74 -28.77 -2.68
N THR A 247 -35.52 -27.85 -3.22
CA THR A 247 -36.85 -28.17 -3.73
C THR A 247 -37.00 -27.74 -5.19
N GLY A 248 -35.91 -27.33 -5.81
CA GLY A 248 -35.94 -26.82 -7.17
C GLY A 248 -34.60 -26.24 -7.60
N GLY A 249 -34.25 -26.43 -8.87
CA GLY A 249 -33.07 -25.80 -9.42
C GLY A 249 -32.40 -26.57 -10.53
N ASP A 250 -32.29 -25.95 -11.70
CA ASP A 250 -31.55 -26.50 -12.81
C ASP A 250 -30.80 -25.39 -13.54
N PRO A 251 -29.45 -25.46 -13.62
CA PRO A 251 -28.50 -26.46 -13.13
C PRO A 251 -28.64 -26.79 -11.64
N GLN A 252 -28.02 -27.88 -11.21
CA GLN A 252 -28.10 -28.27 -9.81
C GLN A 252 -27.35 -27.25 -8.97
N PRO A 253 -28.05 -26.54 -8.08
CA PRO A 253 -27.38 -25.46 -7.35
C PRO A 253 -26.47 -25.97 -6.25
N GLU A 254 -25.63 -25.07 -5.75
CA GLU A 254 -24.71 -25.39 -4.65
C GLU A 254 -25.24 -24.78 -3.37
N VAL A 255 -25.49 -25.63 -2.38
CA VAL A 255 -26.00 -25.18 -1.09
C VAL A 255 -24.84 -24.84 -0.16
N LEU A 256 -25.00 -23.76 0.60
CA LEU A 256 -23.95 -23.30 1.50
C LEU A 256 -24.56 -22.70 2.78
N TRP A 257 -23.99 -23.09 3.92
CA TRP A 257 -24.34 -22.48 5.18
C TRP A 257 -23.39 -21.35 5.53
N SER A 258 -23.89 -20.36 6.26
CA SER A 258 -23.07 -19.24 6.71
C SER A 258 -23.62 -18.72 8.03
N HIS A 259 -22.81 -17.95 8.73
CA HIS A 259 -23.16 -17.49 10.06
C HIS A 259 -22.83 -16.02 10.24
N SER A 260 -23.69 -15.32 10.97
CA SER A 260 -23.42 -13.94 11.36
C SER A 260 -23.82 -13.77 12.83
N PRO A 261 -22.91 -13.21 13.65
CA PRO A 261 -21.56 -12.73 13.34
C PRO A 261 -20.51 -13.83 13.31
N GLY A 262 -19.49 -13.67 12.48
CA GLY A 262 -18.34 -14.56 12.48
C GLY A 262 -18.56 -15.81 11.63
N PRO A 263 -17.61 -16.75 11.70
CA PRO A 263 -17.73 -18.03 10.99
C PRO A 263 -18.53 -19.06 11.79
N LEU A 264 -18.85 -20.18 11.16
CA LEU A 264 -19.65 -21.23 11.80
C LEU A 264 -18.85 -21.86 12.94
N PRO A 265 -17.77 -22.58 12.62
CA PRO A 265 -17.06 -23.31 13.66
C PRO A 265 -16.47 -22.36 14.70
N PRO A 266 -16.02 -22.89 15.86
CA PRO A 266 -15.84 -24.32 16.14
C PRO A 266 -17.11 -25.06 16.56
N ASN A 267 -16.94 -26.35 16.82
CA ASN A 267 -17.95 -27.24 17.39
C ASN A 267 -19.18 -27.41 16.51
N SER A 268 -19.06 -27.04 15.24
CA SER A 268 -20.17 -27.18 14.30
C SER A 268 -19.65 -27.82 13.03
N LEU A 269 -20.36 -28.83 12.55
CA LEU A 269 -19.96 -29.55 11.34
C LEU A 269 -21.02 -29.44 10.25
N VAL A 270 -20.55 -29.30 9.01
CA VAL A 270 -21.42 -29.23 7.86
C VAL A 270 -21.27 -30.53 7.08
N GLN A 271 -22.30 -31.37 7.11
CA GLN A 271 -22.34 -32.52 6.23
C GLN A 271 -22.46 -32.06 4.78
N GLY A 272 -23.09 -30.90 4.60
CA GLY A 272 -23.58 -30.48 3.30
C GLY A 272 -25.09 -30.54 3.30
N GLY A 273 -25.75 -29.39 3.36
CA GLY A 273 -27.18 -29.37 3.58
C GLY A 273 -27.52 -29.48 5.06
N ASN A 274 -26.92 -30.45 5.74
CA ASN A 274 -27.08 -30.58 7.18
C ASN A 274 -26.04 -29.74 7.91
N LEU A 275 -26.51 -28.88 8.81
CA LEU A 275 -25.62 -28.15 9.70
C LEU A 275 -25.93 -28.54 11.13
N THR A 276 -24.94 -29.10 11.82
CA THR A 276 -25.08 -29.47 13.21
C THR A 276 -24.16 -28.63 14.08
N ILE A 277 -24.69 -28.18 15.22
CA ILE A 277 -23.91 -27.43 16.19
C ILE A 277 -23.86 -28.23 17.48
N TRP A 278 -22.65 -28.58 17.89
CA TRP A 278 -22.45 -29.40 19.09
C TRP A 278 -22.15 -28.53 20.29
N ARG A 279 -22.71 -28.90 21.44
CA ARG A 279 -22.38 -28.25 22.69
C ARG A 279 -22.45 -26.74 22.52
N ILE A 280 -23.61 -26.26 22.06
CA ILE A 280 -23.73 -24.88 21.62
C ILE A 280 -23.48 -23.94 22.79
N ARG A 281 -22.60 -22.96 22.54
CA ARG A 281 -22.32 -21.92 23.52
C ARG A 281 -23.20 -20.71 23.28
N VAL A 282 -23.36 -19.88 24.30
CA VAL A 282 -24.27 -18.74 24.23
C VAL A 282 -23.83 -17.79 23.12
N GLU A 283 -22.52 -17.64 22.95
CA GLU A 283 -21.98 -16.75 21.93
C GLU A 283 -22.20 -17.27 20.50
N ASP A 284 -22.59 -18.53 20.39
CA ASP A 284 -22.90 -19.11 19.08
C ASP A 284 -24.24 -18.62 18.54
N SER A 285 -25.03 -17.97 19.40
CA SER A 285 -26.29 -17.38 18.96
C SER A 285 -26.07 -16.55 17.71
N GLY A 286 -27.12 -16.37 16.92
CA GLY A 286 -27.06 -15.51 15.76
C GLY A 286 -27.81 -16.08 14.57
N TYR A 287 -27.49 -15.57 13.38
CA TYR A 287 -28.18 -15.95 12.17
C TYR A 287 -27.38 -16.98 11.40
N TYR A 288 -28.01 -18.11 11.10
CA TYR A 288 -27.42 -19.11 10.23
C TYR A 288 -28.22 -19.16 8.94
N ASN A 289 -27.55 -18.88 7.83
CA ASN A 289 -28.22 -18.76 6.54
C ASN A 289 -27.78 -19.87 5.60
N CYS A 290 -28.76 -20.60 5.09
CA CYS A 290 -28.52 -21.54 4.01
C CYS A 290 -28.88 -20.88 2.68
N THR A 291 -27.95 -20.94 1.73
CA THR A 291 -28.16 -20.30 0.44
C THR A 291 -27.83 -21.25 -0.71
N ALA A 292 -28.70 -21.27 -1.71
CA ALA A 292 -28.49 -22.06 -2.92
C ALA A 292 -28.27 -21.14 -4.11
N ILE A 293 -27.28 -21.48 -4.93
CA ILE A 293 -26.95 -20.68 -6.11
C ILE A 293 -26.72 -21.61 -7.29
N ASN A 294 -27.17 -21.17 -8.48
CA ASN A 294 -26.88 -21.89 -9.72
C ASN A 294 -26.75 -20.94 -10.90
N ASN A 295 -26.52 -19.66 -10.60
CA ASN A 295 -26.39 -18.65 -11.64
C ASN A 295 -27.68 -18.49 -12.45
N VAL A 296 -28.80 -18.93 -11.88
CA VAL A 296 -30.10 -18.74 -12.51
C VAL A 296 -31.03 -18.04 -11.54
N GLY A 297 -31.53 -16.87 -11.94
CA GLY A 297 -32.49 -16.15 -11.13
C GLY A 297 -31.85 -15.59 -9.88
N ASN A 298 -32.67 -15.27 -8.89
CA ASN A 298 -32.13 -14.88 -7.59
C ASN A 298 -31.74 -16.14 -6.83
N PRO A 299 -30.56 -16.11 -6.19
CA PRO A 299 -30.21 -17.27 -5.36
C PRO A 299 -31.19 -17.44 -4.21
N ALA A 300 -31.54 -18.68 -3.91
CA ALA A 300 -32.46 -18.97 -2.82
C ALA A 300 -31.71 -18.93 -1.50
N LYS A 301 -32.33 -18.34 -0.48
CA LYS A 301 -31.78 -18.40 0.86
C LYS A 301 -32.88 -18.63 1.89
N LYS A 302 -32.64 -19.57 2.79
CA LYS A 302 -33.46 -19.74 3.97
C LYS A 302 -32.64 -19.32 5.18
N THR A 303 -33.29 -18.64 6.11
CA THR A 303 -32.58 -17.98 7.21
C THR A 303 -33.22 -18.35 8.53
N VAL A 304 -32.41 -18.88 9.44
CA VAL A 304 -32.87 -19.24 10.77
C VAL A 304 -32.06 -18.47 11.79
N ASN A 305 -32.76 -17.94 12.78
CA ASN A 305 -32.14 -17.16 13.84
C ASN A 305 -32.08 -18.01 15.10
N LEU A 306 -30.87 -18.42 15.46
CA LEU A 306 -30.67 -19.34 16.57
C LEU A 306 -30.37 -18.58 17.85
N LEU A 307 -31.25 -18.75 18.84
CA LEU A 307 -31.16 -18.03 20.10
C LEU A 307 -30.89 -18.99 21.24
N VAL A 308 -29.67 -18.94 21.77
CA VAL A 308 -29.32 -19.67 22.97
C VAL A 308 -29.71 -18.84 24.18
N ARG A 309 -30.37 -19.48 25.15
CA ARG A 309 -30.91 -18.76 26.29
C ARG A 309 -29.80 -18.35 27.26
N SER A 310 -29.98 -17.18 27.87
CA SER A 310 -29.08 -16.75 28.92
C SER A 310 -29.73 -15.64 29.74
N LYS A 312 -28.33 -12.47 32.40
CA LYS A 312 -27.15 -11.79 32.91
C LYS A 312 -27.51 -10.43 33.50
N ASN A 313 -26.72 -9.99 34.47
CA ASN A 313 -26.73 -8.59 34.90
C ASN A 313 -28.08 -8.24 35.51
N ALA A 314 -28.51 -9.03 36.49
CA ALA A 314 -29.73 -8.72 37.23
C ALA A 314 -29.50 -7.47 38.06
N THR A 315 -30.39 -6.49 37.92
CA THR A 315 -30.21 -5.20 38.56
C THR A 315 -31.52 -4.65 39.10
N PHE A 316 -31.43 -3.95 40.23
CA PHE A 316 -32.59 -3.30 40.82
C PHE A 316 -32.40 -1.79 40.83
N GLN A 317 -33.49 -1.05 41.06
CA GLN A 317 -33.42 0.40 41.13
C GLN A 317 -34.35 0.91 42.21
N ILE A 318 -33.83 1.81 43.04
CA ILE A 318 -34.65 2.51 44.01
C ILE A 318 -34.96 3.90 43.45
N THR A 319 -36.23 4.16 43.16
CA THR A 319 -36.64 5.47 42.70
C THR A 319 -37.55 6.12 43.75
N PRO A 320 -37.00 7.07 44.54
CA PRO A 320 -37.83 7.83 45.49
C PRO A 320 -38.91 8.64 44.78
N ASP A 321 -39.78 9.27 45.54
CA ASP A 321 -40.89 10.02 44.96
C ASP A 321 -40.38 10.99 43.90
N VAL A 322 -40.90 10.82 42.68
CA VAL A 322 -40.50 11.64 41.56
C VAL A 322 -41.31 12.93 41.54
N ILE A 323 -42.61 12.79 41.81
CA ILE A 323 -43.51 13.92 41.71
C ILE A 323 -43.25 14.93 42.83
N LYS A 324 -42.82 14.45 43.99
CA LYS A 324 -42.35 15.32 45.06
C LYS A 324 -40.88 15.71 44.88
N GLU A 325 -40.30 15.34 43.73
CA GLU A 325 -38.91 15.66 43.43
C GLU A 325 -37.98 15.27 44.59
N SER A 326 -38.05 14.00 44.98
CA SER A 326 -37.24 13.49 46.09
C SER A 326 -36.07 12.67 45.58
N GLU A 327 -35.01 12.61 46.39
CA GLU A 327 -33.88 11.73 46.12
C GLU A 327 -33.63 10.80 47.30
N THR A 328 -34.63 10.63 48.15
CA THR A 328 -34.44 9.93 49.41
C THR A 328 -35.71 9.21 49.85
N ILE A 329 -35.54 8.11 50.57
CA ILE A 329 -36.67 7.37 51.12
C ILE A 329 -37.30 8.15 52.25
N GLN A 330 -38.54 8.61 52.05
CA GLN A 330 -39.25 9.32 53.09
C GLN A 330 -40.64 8.74 53.26
N LEU A 331 -41.05 8.58 54.51
CA LEU A 331 -42.36 8.02 54.82
C LEU A 331 -43.45 8.96 54.30
N GLY A 332 -44.54 8.39 53.81
CA GLY A 332 -45.57 9.16 53.14
C GLY A 332 -45.22 9.55 51.72
N GLN A 333 -44.39 8.73 51.07
CA GLN A 333 -44.01 8.98 49.69
C GLN A 333 -44.12 7.72 48.85
N ASP A 334 -44.08 7.91 47.53
CA ASP A 334 -44.02 6.79 46.60
C ASP A 334 -42.59 6.25 46.52
N LEU A 335 -42.47 4.93 46.58
CA LEU A 335 -41.18 4.29 46.44
C LEU A 335 -41.30 3.18 45.39
N LYS A 336 -40.64 3.38 44.25
CA LYS A 336 -40.61 2.35 43.22
C LYS A 336 -39.38 1.46 43.41
N LEU A 337 -39.59 0.15 43.31
CA LEU A 337 -38.49 -0.81 43.30
C LEU A 337 -38.56 -1.58 41.98
N SER A 338 -37.70 -1.20 41.03
CA SER A 338 -37.70 -1.84 39.73
C SER A 338 -36.75 -3.04 39.70
N CYS A 339 -36.80 -3.78 38.59
CA CYS A 339 -36.03 -5.01 38.46
C CYS A 339 -35.81 -5.32 36.99
N HIS A 340 -34.61 -5.79 36.65
CA HIS A 340 -34.24 -6.02 35.27
C HIS A 340 -33.12 -7.03 35.13
N VAL A 341 -33.10 -7.73 34.00
CA VAL A 341 -32.02 -8.65 33.68
C VAL A 341 -31.85 -8.71 32.17
N ASP A 342 -30.61 -8.95 31.72
CA ASP A 342 -30.33 -9.08 30.30
C ASP A 342 -30.45 -10.53 29.87
N ALA A 343 -31.36 -10.79 28.93
CA ALA A 343 -31.65 -12.16 28.49
C ALA A 343 -31.77 -12.20 26.97
N VAL A 344 -31.39 -13.32 26.35
CA VAL A 344 -31.48 -13.43 24.90
C VAL A 344 -32.94 -13.44 24.44
N PRO A 345 -33.79 -14.29 25.04
CA PRO A 345 -35.18 -14.16 24.62
C PRO A 345 -35.81 -13.20 25.63
N GLN A 346 -35.48 -11.93 25.46
CA GLN A 346 -35.83 -10.89 26.42
C GLN A 346 -37.32 -10.85 26.68
N GLU A 347 -38.12 -11.04 25.62
CA GLU A 347 -39.57 -10.99 25.77
C GLU A 347 -40.10 -12.15 26.60
N LYS A 348 -39.27 -13.15 26.88
CA LYS A 348 -39.72 -14.37 27.52
C LYS A 348 -39.50 -14.40 29.04
N VAL A 349 -38.87 -13.36 29.59
CA VAL A 349 -38.58 -13.35 31.02
C VAL A 349 -39.83 -13.04 31.82
N VAL A 350 -39.84 -13.48 33.08
CA VAL A 350 -40.94 -13.20 33.99
C VAL A 350 -40.38 -12.97 35.39
N TYR A 351 -40.89 -11.95 36.07
CA TYR A 351 -40.34 -11.51 37.34
C TYR A 351 -41.29 -11.82 38.49
N SER A 352 -40.72 -12.12 39.65
CA SER A 352 -41.48 -12.44 40.85
C SER A 352 -40.94 -11.63 42.02
N TRP A 353 -41.81 -10.90 42.70
CA TRP A 353 -41.40 -9.99 43.76
C TRP A 353 -41.75 -10.57 45.12
N TYR A 354 -40.72 -10.84 45.92
CA TYR A 354 -40.94 -11.35 47.27
C TYR A 354 -40.52 -10.31 48.31
N LYS A 355 -41.01 -10.45 49.54
CA LYS A 355 -40.72 -9.50 50.61
C LYS A 355 -40.70 -10.26 51.94
N ASN A 356 -39.51 -10.48 52.50
CA ASN A 356 -39.41 -11.31 53.71
C ASN A 356 -40.21 -12.60 53.54
N GLY A 357 -40.05 -13.24 52.38
CA GLY A 357 -40.98 -14.25 51.92
C GLY A 357 -41.83 -13.59 50.84
N LYS A 358 -42.68 -14.35 50.16
CA LYS A 358 -43.33 -13.79 48.99
C LYS A 358 -44.83 -13.52 48.99
N PRO A 359 -45.22 -12.26 48.71
CA PRO A 359 -46.64 -11.99 48.56
C PRO A 359 -46.96 -12.04 47.08
N ALA A 360 -45.91 -12.19 46.27
CA ALA A 360 -46.02 -12.27 44.81
C ALA A 360 -46.60 -10.97 44.24
N ARG A 361 -46.54 -9.90 45.04
CA ARG A 361 -47.06 -8.60 44.64
C ARG A 361 -48.48 -8.74 44.09
N PHE A 362 -49.37 -9.25 44.92
CA PHE A 362 -50.79 -9.34 44.61
C PHE A 362 -51.62 -8.34 45.42
N SER A 363 -50.96 -7.55 46.26
CA SER A 363 -51.67 -6.65 47.16
C SER A 363 -52.43 -5.56 46.40
N ASP A 364 -51.74 -4.84 45.51
CA ASP A 364 -52.35 -3.78 44.71
C ASP A 364 -52.66 -2.54 45.54
N ARG A 365 -53.60 -2.67 46.47
CA ARG A 365 -53.99 -1.55 47.31
C ARG A 365 -52.78 -1.04 48.10
N LEU A 366 -52.47 0.24 47.95
CA LEU A 366 -51.33 0.87 48.60
C LEU A 366 -50.01 0.42 47.96
N LEU A 367 -49.80 -0.89 47.86
CA LEU A 367 -48.63 -1.43 47.19
C LEU A 367 -49.05 -2.14 45.91
N ILE A 368 -48.44 -1.76 44.79
CA ILE A 368 -48.94 -2.15 43.47
C ILE A 368 -47.79 -2.58 42.56
N THR A 369 -48.12 -3.39 41.56
CA THR A 369 -47.16 -3.82 40.56
C THR A 369 -47.37 -3.10 39.24
N ARG A 370 -46.29 -2.57 38.68
CA ARG A 370 -46.27 -2.07 37.31
C ARG A 370 -45.15 -2.78 36.57
N ASN A 371 -45.45 -3.39 35.44
CA ASN A 371 -44.44 -4.14 34.71
C ASN A 371 -43.71 -3.34 33.63
N ASP A 372 -44.34 -2.34 33.02
CA ASP A 372 -43.69 -1.59 31.96
C ASP A 372 -43.91 -0.07 31.95
N PRO A 373 -43.30 0.66 32.90
CA PRO A 373 -43.47 2.10 32.85
C PRO A 373 -42.39 2.76 31.99
N GLU A 374 -42.14 4.06 32.15
CA GLU A 374 -41.14 4.75 31.34
C GLU A 374 -39.69 4.32 31.65
N LEU A 375 -39.52 3.59 32.75
CA LEU A 375 -38.19 3.19 33.22
C LEU A 375 -37.55 2.26 32.17
N PRO A 376 -36.35 1.71 32.44
CA PRO A 376 -35.64 0.98 31.37
C PRO A 376 -36.48 -0.10 30.70
N PRO A 377 -35.96 -0.70 29.62
CA PRO A 377 -36.80 -1.62 28.84
C PRO A 377 -36.99 -2.96 29.53
N VAL A 378 -38.24 -3.41 29.60
CA VAL A 378 -38.57 -4.72 30.12
C VAL A 378 -38.17 -4.79 31.59
N THR A 379 -38.84 -3.99 32.42
CA THR A 379 -38.50 -3.92 33.83
C THR A 379 -39.76 -4.06 34.68
N CYS A 380 -39.79 -5.07 35.54
CA CYS A 380 -40.87 -5.18 36.52
C CYS A 380 -40.58 -4.30 37.72
N SER A 381 -41.57 -3.52 38.14
CA SER A 381 -41.39 -2.51 39.17
C SER A 381 -42.65 -2.34 40.00
N LEU A 382 -42.56 -2.64 41.29
CA LEU A 382 -43.67 -2.41 42.20
C LEU A 382 -43.57 -1.05 42.85
N GLU A 383 -44.71 -0.37 42.98
CA GLU A 383 -44.76 0.91 43.67
C GLU A 383 -45.39 0.76 45.04
N ILE A 384 -44.87 1.52 46.00
CA ILE A 384 -45.46 1.61 47.33
C ILE A 384 -45.93 3.04 47.53
N ILE A 385 -47.25 3.22 47.54
CA ILE A 385 -47.82 4.55 47.75
C ILE A 385 -47.94 4.78 49.26
N ASP A 386 -47.62 6.00 49.68
CA ASP A 386 -47.70 6.36 51.09
C ASP A 386 -46.86 5.40 51.92
N LEU A 387 -45.54 5.49 51.76
CA LEU A 387 -44.62 4.55 52.39
C LEU A 387 -44.86 4.50 53.89
N ARG A 388 -44.83 3.30 54.44
CA ARG A 388 -45.08 3.07 55.86
C ARG A 388 -43.90 2.31 56.46
N PHE A 389 -43.74 2.40 57.78
CA PHE A 389 -42.71 1.63 58.46
C PHE A 389 -42.92 0.14 58.24
N SER A 390 -44.16 -0.26 58.00
CA SER A 390 -44.47 -1.65 57.68
C SER A 390 -43.87 -2.09 56.35
N ASP A 391 -43.42 -1.13 55.54
CA ASP A 391 -42.83 -1.44 54.25
C ASP A 391 -41.32 -1.60 54.32
N TYR A 392 -40.72 -1.20 55.45
CA TYR A 392 -39.30 -1.44 55.66
C TYR A 392 -39.06 -2.94 55.74
N GLY A 393 -38.42 -3.50 54.72
CA GLY A 393 -38.08 -4.90 54.72
C GLY A 393 -37.12 -5.27 53.62
N THR A 394 -36.88 -6.58 53.47
CA THR A 394 -35.99 -7.09 52.45
C THR A 394 -36.83 -7.58 51.27
N TYR A 395 -36.71 -6.90 50.14
CA TYR A 395 -37.46 -7.26 48.94
C TYR A 395 -36.60 -8.07 47.99
N LEU A 396 -37.19 -9.09 47.38
CA LEU A 396 -36.50 -9.91 46.40
C LEU A 396 -37.25 -9.94 45.08
N CYS A 397 -36.51 -9.82 43.99
CA CYS A 397 -37.07 -10.00 42.65
C CYS A 397 -36.40 -11.17 41.96
N VAL A 398 -37.20 -12.08 41.43
CA VAL A 398 -36.67 -13.30 40.83
C VAL A 398 -37.06 -13.34 39.36
N ALA A 399 -36.07 -13.21 38.50
CA ALA A 399 -36.28 -13.36 37.06
C ALA A 399 -36.05 -14.81 36.66
N THR A 400 -36.96 -15.33 35.86
CA THR A 400 -36.90 -16.74 35.47
C THR A 400 -37.52 -16.94 34.10
N PHE A 401 -37.08 -17.99 33.41
CA PHE A 401 -37.74 -18.44 32.19
C PHE A 401 -38.72 -19.57 32.51
N GLN A 402 -39.90 -19.50 31.91
CA GLN A 402 -40.94 -20.48 32.17
C GLN A 402 -40.45 -21.88 31.81
N GLY A 403 -40.29 -22.72 32.84
CA GLY A 403 -39.86 -24.09 32.64
C GLY A 403 -38.63 -24.25 31.78
N ALA A 404 -37.63 -23.40 32.02
CA ALA A 404 -36.36 -23.49 31.31
C ALA A 404 -35.29 -24.07 32.22
N PRO A 405 -34.39 -24.90 31.67
CA PRO A 405 -33.37 -25.53 32.53
C PRO A 405 -32.32 -24.56 33.06
N ILE A 406 -32.19 -23.39 32.43
CA ILE A 406 -31.24 -22.39 32.91
C ILE A 406 -31.62 -22.02 34.34
N PRO A 407 -30.64 -21.59 35.15
CA PRO A 407 -30.96 -21.18 36.51
C PRO A 407 -31.63 -19.80 36.57
N ASP A 408 -32.38 -19.55 37.63
CA ASP A 408 -33.00 -18.25 37.85
C ASP A 408 -31.98 -17.24 38.35
N LEU A 409 -32.34 -15.96 38.32
CA LEU A 409 -31.52 -14.91 38.88
C LEU A 409 -32.37 -14.05 39.80
N SER A 410 -31.73 -13.48 40.81
CA SER A 410 -32.44 -12.70 41.81
C SER A 410 -31.68 -11.43 42.16
N VAL A 411 -32.38 -10.48 42.78
CA VAL A 411 -31.77 -9.25 43.25
C VAL A 411 -32.44 -8.86 44.56
N GLU A 412 -31.68 -8.95 45.65
CA GLU A 412 -32.18 -8.56 46.96
C GLU A 412 -31.90 -7.07 47.20
N VAL A 413 -32.85 -6.41 47.85
CA VAL A 413 -32.71 -4.99 48.12
C VAL A 413 -33.40 -4.63 49.44
N ASN A 414 -32.62 -4.53 50.51
CA ASN A 414 -33.16 -4.16 51.82
C ASN A 414 -33.51 -2.68 51.87
N ILE A 415 -34.75 -2.38 52.23
CA ILE A 415 -35.16 -1.00 52.51
C ILE A 415 -35.31 -0.84 54.01
N SER A 416 -34.71 0.22 54.54
CA SER A 416 -34.85 0.56 55.95
C SER A 416 -34.53 2.04 56.12
N SER A 417 -34.67 2.55 57.34
CA SER A 417 -34.26 3.92 57.64
C SER A 417 -32.83 4.20 57.18
N GLU A 418 -31.98 3.19 57.20
CA GLU A 418 -30.58 3.37 56.84
C GLU A 418 -30.37 3.63 55.35
N THR A 419 -31.27 3.12 54.51
CA THR A 419 -31.07 3.26 53.07
C THR A 419 -31.11 4.74 52.70
N VAL A 420 -30.13 5.15 51.90
CA VAL A 420 -29.83 6.57 51.72
C VAL A 420 -29.09 6.73 50.38
N PRO A 421 -29.38 7.79 49.63
CA PRO A 421 -28.69 7.93 48.35
C PRO A 421 -27.17 8.01 48.52
N PRO A 422 -26.42 7.90 47.41
CA PRO A 422 -24.97 7.81 47.53
C PRO A 422 -24.25 9.14 47.43
N THR A 423 -23.01 9.16 47.91
CA THR A 423 -22.07 10.24 47.63
C THR A 423 -20.77 9.62 47.14
N ILE A 424 -20.07 10.33 46.26
CA ILE A 424 -18.84 9.81 45.66
C ILE A 424 -17.70 10.80 45.90
N SER A 425 -16.50 10.26 46.05
CA SER A 425 -15.33 11.09 46.30
C SER A 425 -14.06 10.42 45.79
N VAL A 426 -12.97 11.18 45.77
CA VAL A 426 -11.66 10.65 45.43
C VAL A 426 -10.86 10.50 46.73
N PRO A 427 -10.29 9.31 46.98
CA PRO A 427 -9.64 9.13 48.29
C PRO A 427 -8.40 9.98 48.45
N LYS A 428 -8.28 10.66 49.59
CA LYS A 428 -7.12 11.49 49.88
C LYS A 428 -6.96 12.53 48.77
N GLY A 429 -5.76 12.67 48.23
CA GLY A 429 -5.59 13.46 47.02
C GLY A 429 -5.05 12.64 45.86
N GLN A 430 -5.75 11.56 45.53
CA GLN A 430 -5.55 10.88 44.25
C GLN A 430 -6.38 11.55 43.16
N SER A 431 -6.65 12.84 43.30
CA SER A 431 -7.37 13.60 42.29
C SER A 431 -6.57 13.65 41.00
N THR A 432 -5.29 14.03 41.12
CA THR A 432 -4.37 13.98 40.00
C THR A 432 -3.38 12.87 40.25
N ILE A 433 -3.27 11.95 39.29
CA ILE A 433 -2.37 10.82 39.43
C ILE A 433 -1.48 10.77 38.20
N THR A 434 -0.17 10.90 38.44
CA THR A 434 0.80 10.95 37.35
C THR A 434 1.50 9.61 37.18
N VAL A 435 1.72 9.22 35.92
CA VAL A 435 2.42 7.97 35.61
C VAL A 435 3.28 8.17 34.38
N ARG A 436 4.30 7.32 34.24
CA ARG A 436 5.15 7.31 33.05
C ARG A 436 4.47 6.52 31.94
N GLU A 437 4.63 6.98 30.70
CA GLU A 437 4.01 6.34 29.54
C GLU A 437 4.36 4.85 29.47
N GLY A 438 3.41 4.06 28.99
CA GLY A 438 3.58 2.62 28.85
C GLY A 438 3.17 1.80 30.07
N SER A 439 3.55 2.26 31.25
CA SER A 439 3.23 1.53 32.49
C SER A 439 1.72 1.44 32.70
N ARG A 440 1.31 0.82 33.80
CA ARG A 440 -0.11 0.76 34.15
C ARG A 440 -0.52 1.92 35.05
N ALA A 441 -1.75 2.38 34.89
CA ALA A 441 -2.32 3.42 35.73
C ALA A 441 -3.58 2.91 36.41
N GLU A 442 -3.80 3.35 37.65
CA GLU A 442 -4.97 2.92 38.42
C GLU A 442 -5.68 4.15 38.99
N LEU A 443 -6.85 4.45 38.43
CA LEU A 443 -7.69 5.53 38.93
C LEU A 443 -8.69 4.97 39.94
N GLN A 444 -8.94 5.72 41.00
CA GLN A 444 -9.75 5.23 42.10
C GLN A 444 -10.79 6.24 42.55
N CYS A 445 -12.02 5.76 42.72
CA CYS A 445 -13.07 6.54 43.37
C CYS A 445 -13.70 5.65 44.43
N GLU A 446 -14.24 6.28 45.47
CA GLU A 446 -14.86 5.54 46.56
C GLU A 446 -16.24 6.13 46.83
N VAL A 447 -17.24 5.25 46.91
CA VAL A 447 -18.63 5.65 46.96
C VAL A 447 -19.24 5.23 48.28
N ARG A 448 -20.10 6.08 48.83
CA ARG A 448 -20.69 5.83 50.14
C ARG A 448 -22.20 5.94 50.08
N GLY A 449 -22.86 4.98 50.72
CA GLY A 449 -24.31 4.95 50.75
C GLY A 449 -24.85 3.55 50.99
N LYS A 450 -26.14 3.45 51.22
CA LYS A 450 -26.79 2.16 51.41
C LYS A 450 -28.02 2.01 50.50
N PRO A 451 -27.95 1.12 49.50
CA PRO A 451 -26.80 0.31 49.10
C PRO A 451 -25.73 1.15 48.41
N LYS A 452 -24.53 0.59 48.25
CA LYS A 452 -23.48 1.28 47.49
C LYS A 452 -23.59 0.85 46.02
N PRO A 453 -23.87 1.81 45.13
CA PRO A 453 -23.97 1.41 43.72
C PRO A 453 -22.60 1.28 43.07
N PRO A 454 -22.53 0.67 41.88
CA PRO A 454 -21.24 0.63 41.18
C PRO A 454 -20.89 1.97 40.55
N ILE A 455 -19.61 2.15 40.21
CA ILE A 455 -19.12 3.39 39.63
C ILE A 455 -19.00 3.23 38.12
N ILE A 456 -19.31 4.30 37.40
CA ILE A 456 -19.18 4.31 35.95
C ILE A 456 -18.12 5.34 35.58
N TRP A 457 -17.03 4.87 35.00
CA TRP A 457 -15.94 5.75 34.58
C TRP A 457 -16.12 6.18 33.13
N SER A 458 -16.01 7.48 32.89
CA SER A 458 -15.97 8.03 31.55
C SER A 458 -14.83 9.03 31.43
N ARG A 459 -14.54 9.45 30.21
CA ARG A 459 -13.58 10.52 29.97
C ARG A 459 -14.33 11.78 29.58
N VAL A 460 -13.80 12.93 29.99
CA VAL A 460 -14.52 14.19 29.87
C VAL A 460 -13.81 15.19 28.96
N ASP A 461 -12.49 15.27 29.06
CA ASP A 461 -11.73 16.17 28.20
C ASP A 461 -11.97 15.85 26.72
N LYS A 462 -12.25 14.59 26.43
CA LYS A 462 -12.52 14.16 25.07
C LYS A 462 -13.58 13.07 25.05
N GLU A 463 -14.00 12.67 23.85
CA GLU A 463 -14.95 11.57 23.70
C GLU A 463 -14.20 10.37 23.13
N THR A 464 -13.56 9.61 24.02
CA THR A 464 -12.87 8.40 23.61
C THR A 464 -13.46 7.22 24.38
N PRO A 465 -13.12 5.99 23.96
CA PRO A 465 -13.60 4.81 24.69
C PRO A 465 -12.72 4.46 25.87
N PRO A 467 -10.95 0.97 28.55
CA PRO A 467 -10.57 -0.43 28.65
C PRO A 467 -11.59 -1.38 28.00
N SER A 468 -12.87 -1.23 28.33
CA SER A 468 -13.91 -2.08 27.78
C SER A 468 -14.18 -1.79 26.30
N GLY A 469 -13.48 -0.82 25.73
CA GLY A 469 -13.70 -0.44 24.35
C GLY A 469 -14.97 0.33 24.08
N THR A 470 -15.70 0.68 25.14
CA THR A 470 -16.92 1.49 25.00
C THR A 470 -16.79 2.77 25.80
N THR A 472 -18.10 3.94 28.35
CA THR A 472 -18.14 3.87 29.81
C THR A 472 -17.85 2.46 30.31
N VAL A 473 -17.40 2.37 31.56
CA VAL A 473 -17.01 1.09 32.16
C VAL A 473 -17.64 0.95 33.54
N GLU A 474 -18.22 -0.21 33.79
CA GLU A 474 -18.78 -0.51 35.10
C GLU A 474 -17.68 -1.01 36.02
N THR A 475 -17.76 -0.65 37.29
CA THR A 475 -16.79 -1.11 38.29
C THR A 475 -17.38 -1.00 39.69
N TYR A 476 -17.22 -2.06 40.47
CA TYR A 476 -17.73 -2.10 41.84
C TYR A 476 -16.65 -1.77 42.87
N ASP A 477 -15.43 -2.23 42.65
CA ASP A 477 -14.31 -1.88 43.51
C ASP A 477 -13.89 -0.41 43.39
N GLY A 478 -14.52 0.33 42.49
CA GLY A 478 -14.19 1.73 42.28
C GLY A 478 -12.80 1.97 41.72
N LYS A 479 -12.16 0.91 41.23
CA LYS A 479 -10.86 1.04 40.58
C LYS A 479 -11.01 0.96 39.07
N LEU A 480 -10.30 1.82 38.36
CA LEU A 480 -10.21 1.75 36.91
C LEU A 480 -8.75 1.53 36.53
N ARG A 481 -8.47 0.39 35.91
CA ARG A 481 -7.11 0.02 35.57
C ARG A 481 -6.82 0.26 34.09
N LEU A 482 -5.67 0.88 33.82
CA LEU A 482 -5.23 1.15 32.46
C LEU A 482 -3.87 0.50 32.24
N GLU A 483 -3.82 -0.53 31.41
CA GLU A 483 -2.63 -1.36 31.30
C GLU A 483 -1.52 -0.64 30.56
N SER A 484 -1.76 -0.28 29.31
CA SER A 484 -0.77 0.40 28.49
C SER A 484 -1.21 1.83 28.27
N VAL A 485 -0.79 2.72 29.18
CA VAL A 485 -1.27 4.10 29.15
C VAL A 485 -0.51 4.88 28.09
N SER A 486 -1.24 5.62 27.27
CA SER A 486 -0.67 6.43 26.21
C SER A 486 -0.81 7.90 26.56
N ARG A 487 0.17 8.70 26.15
CA ARG A 487 0.14 10.13 26.43
C ARG A 487 -1.17 10.74 25.95
N ASP A 488 -1.69 10.24 24.84
CA ASP A 488 -2.97 10.70 24.31
C ASP A 488 -4.08 10.56 25.35
N SER A 490 -3.78 11.03 28.46
CA SER A 490 -3.61 12.03 29.49
C SER A 490 -4.74 13.04 29.41
N GLY A 491 -5.38 13.29 30.55
CA GLY A 491 -6.54 14.16 30.58
C GLY A 491 -7.34 14.06 31.86
N THR A 492 -8.63 14.36 31.77
CA THR A 492 -9.51 14.31 32.92
C THR A 492 -10.47 13.14 32.78
N TYR A 493 -10.78 12.50 33.91
CA TYR A 493 -11.66 11.32 33.90
C TYR A 493 -12.74 11.49 34.96
N LYS A 494 -13.96 11.08 34.60
CA LYS A 494 -15.10 11.20 35.49
C LYS A 494 -15.49 9.84 36.04
N CYS A 495 -15.77 9.80 37.33
CA CYS A 495 -16.37 8.62 37.95
C CYS A 495 -17.71 9.03 38.54
N GLN A 496 -18.74 8.22 38.34
CA GLN A 496 -20.08 8.57 38.79
C GLN A 496 -20.87 7.35 39.25
N THR A 497 -21.87 7.61 40.08
CA THR A 497 -22.72 6.56 40.63
C THR A 497 -23.65 6.01 39.55
N ALA A 498 -23.81 4.69 39.54
CA ALA A 498 -24.75 4.04 38.63
C ALA A 498 -26.18 4.43 38.98
N ARG A 499 -27.06 4.35 38.00
CA ARG A 499 -28.49 4.49 38.24
C ARG A 499 -29.12 3.15 38.62
N TYR A 500 -28.32 2.09 38.64
CA TYR A 500 -28.82 0.76 38.98
C TYR A 500 -28.08 0.17 40.18
N ASN A 501 -28.60 -0.94 40.69
CA ASN A 501 -28.12 -1.52 41.95
C ASN A 501 -28.00 -0.45 43.02
N GLY A 502 -29.01 0.41 43.07
CA GLY A 502 -29.02 1.52 44.00
C GLY A 502 -30.06 2.55 43.61
N PHE A 503 -29.88 3.78 44.08
CA PHE A 503 -30.84 4.84 43.81
C PHE A 503 -30.78 5.25 42.34
N ASN A 504 -31.96 5.42 41.74
CA ASN A 504 -32.05 5.96 40.38
C ASN A 504 -32.20 7.48 40.50
N ILE A 505 -31.08 8.14 40.73
CA ILE A 505 -31.05 9.58 40.95
C ILE A 505 -29.94 10.19 40.10
N ARG A 506 -29.99 11.51 39.91
CA ARG A 506 -28.91 12.23 39.26
C ARG A 506 -27.58 11.67 39.78
N PRO A 507 -26.77 11.08 38.89
CA PRO A 507 -25.55 10.45 39.39
C PRO A 507 -24.61 11.47 40.01
N ARG A 508 -23.98 11.10 41.12
CA ARG A 508 -22.98 11.96 41.75
C ARG A 508 -21.67 11.78 41.03
N GLU A 509 -20.91 12.86 40.89
CA GLU A 509 -19.75 12.85 40.02
C GLU A 509 -18.50 13.31 40.76
N ALA A 510 -17.36 12.87 40.23
CA ALA A 510 -16.06 13.28 40.74
C ALA A 510 -15.03 13.06 39.64
N LEU A 511 -14.05 13.96 39.58
CA LEU A 511 -13.07 13.94 38.50
C LEU A 511 -11.68 13.60 39.04
N VAL A 512 -10.89 12.93 38.20
CA VAL A 512 -9.49 12.71 38.51
C VAL A 512 -8.67 13.05 37.27
N GLN A 513 -7.53 13.71 37.49
CA GLN A 513 -6.60 14.02 36.42
C GLN A 513 -5.61 12.89 36.23
N LEU A 514 -5.15 12.71 35.00
CA LEU A 514 -4.15 11.69 34.67
C LEU A 514 -3.03 12.32 33.88
N ASN A 515 -1.88 12.50 34.52
CA ASN A 515 -0.68 12.93 33.80
C ASN A 515 0.08 11.71 33.30
N VAL A 516 0.39 11.70 32.02
CA VAL A 516 1.21 10.65 31.43
C VAL A 516 2.54 11.27 31.07
N GLN A 517 3.51 11.16 31.97
CA GLN A 517 4.85 11.65 31.67
C GLN A 517 5.52 10.75 30.64
N PHE A 518 6.51 11.31 29.95
CA PHE A 518 7.23 10.58 28.91
C PHE A 518 8.63 11.16 28.73
N PRO A 519 9.56 10.36 28.18
CA PRO A 519 10.96 10.79 28.15
C PRO A 519 11.18 11.93 27.14
N PRO A 520 12.35 12.59 27.19
CA PRO A 520 12.58 13.70 26.26
C PRO A 520 12.82 13.24 24.83
N VAL A 521 12.68 14.17 23.90
CA VAL A 521 13.15 13.96 22.54
C VAL A 521 13.96 15.19 22.18
N VAL A 522 15.22 14.99 21.83
CA VAL A 522 16.15 16.08 21.67
C VAL A 522 16.57 16.17 20.21
N GLU A 523 17.23 17.26 19.86
CA GLU A 523 17.64 17.52 18.49
C GLU A 523 18.97 18.26 18.52
N PRO A 524 19.93 17.85 17.68
CA PRO A 524 19.96 16.79 16.65
C PRO A 524 20.36 15.42 17.18
N ALA A 525 19.79 14.36 16.62
CA ALA A 525 20.18 13.01 16.99
C ALA A 525 21.62 12.77 16.56
N PHE A 526 21.97 13.23 15.37
CA PHE A 526 23.36 13.22 14.93
C PHE A 526 23.65 14.48 14.10
N GLN A 527 24.84 15.02 14.28
CA GLN A 527 25.26 16.20 13.53
C GLN A 527 26.76 16.12 13.27
N ASP A 528 27.13 16.25 11.99
CA ASP A 528 28.54 16.19 11.59
C ASP A 528 29.10 17.60 11.51
N VAL A 529 29.91 17.95 12.50
CA VAL A 529 30.40 19.31 12.66
C VAL A 529 31.85 19.42 12.20
N ARG A 530 32.12 20.41 11.36
CA ARG A 530 33.46 20.62 10.84
C ARG A 530 33.91 22.04 11.15
N GLN A 531 35.21 22.20 11.41
CA GLN A 531 35.76 23.51 11.75
C GLN A 531 37.28 23.47 11.67
N GLY A 532 37.90 24.60 11.33
CA GLY A 532 39.34 24.71 11.27
C GLY A 532 40.03 24.35 12.57
N GLY A 534 42.39 25.90 14.73
CA GLY A 534 42.56 26.79 15.86
C GLY A 534 41.23 27.29 16.40
N ARG A 535 40.23 27.30 15.52
CA ARG A 535 38.93 27.88 15.84
C ARG A 535 38.18 27.08 16.88
N SER A 536 37.10 27.67 17.40
CA SER A 536 36.24 27.03 18.38
C SER A 536 34.92 26.64 17.73
N VAL A 537 34.17 25.77 18.41
CA VAL A 537 32.82 25.44 17.97
C VAL A 537 31.98 25.13 19.21
N THR A 538 30.69 25.43 19.12
CA THR A 538 29.77 25.12 20.20
C THR A 538 28.68 24.16 19.73
N LEU A 539 28.40 23.16 20.55
CA LEU A 539 27.39 22.16 20.24
C LEU A 539 26.17 22.39 21.13
N ARG A 540 25.00 22.44 20.51
CA ARG A 540 23.76 22.62 21.27
C ARG A 540 22.85 21.41 21.10
N CYS A 541 22.38 20.89 22.22
CA CYS A 541 21.36 19.86 22.23
C CYS A 541 20.08 20.48 22.79
N THR A 542 19.04 20.52 21.97
CA THR A 542 17.81 21.22 22.32
C THR A 542 16.68 20.22 22.56
N LEU A 544 12.82 19.30 22.55
CA LEU A 544 11.61 19.69 21.83
C LEU A 544 10.34 19.23 22.54
N LYS A 545 10.22 17.92 22.77
CA LYS A 545 9.07 17.38 23.50
C LYS A 545 9.54 16.79 24.82
N GLY A 546 8.62 16.69 25.77
CA GLY A 546 8.93 16.12 27.07
C GLY A 546 8.06 16.66 28.18
N SER A 547 7.47 15.75 28.95
CA SER A 547 6.74 16.12 30.15
C SER A 547 7.32 15.35 31.32
N PRO A 548 7.97 16.04 32.28
CA PRO A 548 8.22 17.48 32.40
C PRO A 548 8.98 18.10 31.22
N LYS A 550 11.27 20.31 31.05
CA LYS A 550 12.44 21.04 31.53
C LYS A 550 13.64 20.13 31.50
N VAL A 551 14.80 20.69 31.16
CA VAL A 551 16.03 19.93 31.22
C VAL A 551 16.39 19.80 32.68
N ALA A 552 16.13 18.63 33.25
CA ALA A 552 16.55 18.36 34.62
C ALA A 552 18.07 18.38 34.67
N THR A 553 18.71 17.69 33.73
CA THR A 553 20.16 17.62 33.69
C THR A 553 20.68 17.29 32.30
N SER A 554 21.86 17.81 31.99
CA SER A 554 22.59 17.45 30.78
C SER A 554 23.99 16.96 31.13
N VAL A 555 24.40 15.87 30.51
CA VAL A 555 25.72 15.29 30.78
C VAL A 555 26.42 15.08 29.44
N TRP A 556 27.52 15.79 29.25
CA TRP A 556 28.29 15.68 28.01
C TRP A 556 29.42 14.65 28.14
N ARG A 557 29.58 13.83 27.11
CA ARG A 557 30.67 12.87 27.06
C ARG A 557 31.47 13.01 25.77
N PHE A 558 32.76 12.70 25.85
CA PHE A 558 33.63 12.76 24.69
C PHE A 558 34.34 11.42 24.52
N ASN A 559 34.25 10.87 23.32
CA ASN A 559 34.81 9.54 23.02
C ASN A 559 34.68 8.60 24.22
N GLY A 560 33.52 8.63 24.87
CA GLY A 560 33.22 7.67 25.92
C GLY A 560 33.33 8.20 27.33
N THR A 561 34.09 9.28 27.51
CA THR A 561 34.39 9.79 28.86
C THR A 561 33.59 11.03 29.20
N LEU A 562 33.35 11.25 30.48
CA LEU A 562 32.55 12.39 30.92
C LEU A 562 33.37 13.68 30.87
N LEU A 563 32.68 14.78 30.66
CA LEU A 563 33.29 16.10 30.70
C LEU A 563 32.74 16.90 31.88
N ALA A 564 33.47 17.94 32.28
CA ALA A 564 33.05 18.81 33.37
C ALA A 564 32.42 20.08 32.81
N GLN A 565 31.30 20.48 33.38
CA GLN A 565 30.66 21.74 33.02
C GLN A 565 30.06 22.43 34.24
N GLN A 571 17.37 25.55 30.95
CA GLN A 571 17.39 26.55 29.87
C GLN A 571 16.85 25.94 28.58
N ASP A 572 16.14 24.81 28.68
CA ASP A 572 15.44 24.23 27.54
C ASP A 572 16.41 23.43 26.66
N TYR A 573 17.70 23.68 26.81
CA TYR A 573 18.73 23.07 25.99
C TYR A 573 20.06 23.08 26.72
N SER A 574 21.05 22.43 26.15
CA SER A 574 22.39 22.42 26.72
C SER A 574 23.42 22.75 25.65
N GLU A 575 24.49 23.42 26.06
CA GLU A 575 25.53 23.86 25.16
C GLU A 575 26.90 23.42 25.69
N LEU A 576 27.78 23.06 24.77
CA LEU A 576 29.16 22.78 25.11
C LEU A 576 30.07 23.47 24.10
N LYS A 577 31.11 24.12 24.59
CA LYS A 577 32.03 24.85 23.72
C LYS A 577 33.39 24.16 23.66
N VAL A 578 33.77 23.72 22.47
CA VAL A 578 35.12 23.24 22.23
C VAL A 578 35.97 24.44 21.87
N ASP A 579 36.92 24.77 22.73
CA ASP A 579 37.71 25.99 22.56
C ASP A 579 38.52 25.93 21.28
N SER A 580 39.29 24.86 21.11
CA SER A 580 40.16 24.71 19.95
C SER A 580 39.96 23.35 19.32
N VAL A 581 39.37 23.33 18.13
CA VAL A 581 39.15 22.08 17.42
C VAL A 581 40.51 21.54 16.97
N SER A 582 40.99 20.54 17.68
CA SER A 582 42.30 19.96 17.39
C SER A 582 42.19 18.45 17.27
N ARG A 583 43.32 17.81 16.99
CA ARG A 583 43.38 16.36 17.01
C ARG A 583 42.96 15.81 18.36
N GLU A 584 43.28 16.55 19.43
CA GLU A 584 42.97 16.09 20.78
C GLU A 584 41.50 16.29 21.14
N THR A 585 40.87 17.30 20.54
CA THR A 585 39.47 17.61 20.84
C THR A 585 38.49 17.07 19.81
N SER A 586 38.98 16.75 18.62
CA SER A 586 38.09 16.22 17.59
C SER A 586 37.70 14.78 17.91
N GLY A 587 36.44 14.45 17.65
CA GLY A 587 35.87 13.17 18.03
C GLY A 587 34.36 13.21 18.05
N SER A 588 33.75 12.36 18.86
CA SER A 588 32.30 12.29 18.94
C SER A 588 31.85 12.76 20.32
N TYR A 589 30.96 13.75 20.33
CA TYR A 589 30.44 14.31 21.56
C TYR A 589 29.00 13.86 21.74
N GLU A 590 28.65 13.54 22.98
CA GLU A 590 27.30 13.06 23.29
C GLU A 590 26.74 13.84 24.45
N CYS A 591 25.63 14.53 24.20
CA CYS A 591 24.91 15.22 25.27
C CYS A 591 23.72 14.39 25.67
N SER A 592 23.74 13.90 26.90
CA SER A 592 22.64 13.08 27.41
C SER A 592 21.72 13.97 28.25
N ILE A 593 20.70 14.52 27.59
CA ILE A 593 19.72 15.37 28.26
C ILE A 593 18.63 14.48 28.85
N SER A 594 18.14 14.85 30.03
CA SER A 594 17.11 14.04 30.67
C SER A 594 16.11 14.81 31.51
N ASN A 595 14.85 14.40 31.41
CA ASN A 595 13.79 14.93 32.25
C ASN A 595 13.78 13.96 33.41
N ASP A 596 13.01 14.23 34.46
CA ASP A 596 12.97 13.34 35.60
C ASP A 596 12.47 11.91 35.29
N VAL A 597 12.17 11.62 34.02
CA VAL A 597 11.49 10.37 33.66
C VAL A 597 12.36 9.48 32.76
N GLY A 598 13.08 10.08 31.83
CA GLY A 598 13.97 9.32 30.96
C GLY A 598 15.14 10.12 30.45
N VAL A 599 15.89 9.55 29.50
CA VAL A 599 17.06 10.22 28.95
C VAL A 599 17.05 10.10 27.43
N SER A 600 17.53 11.15 26.76
CA SER A 600 17.71 11.12 25.31
C SER A 600 18.89 11.99 24.93
N ALA A 601 19.59 11.64 23.87
CA ALA A 601 20.89 12.23 23.60
C ALA A 601 21.06 12.73 22.17
N CYS A 602 21.69 13.89 22.05
CA CYS A 602 22.24 14.35 20.78
C CYS A 602 23.64 13.80 20.62
N LEU A 603 24.07 13.65 19.37
CA LEU A 603 25.38 13.09 19.08
C LEU A 603 26.07 13.95 18.03
N PHE A 604 27.20 14.55 18.41
CA PHE A 604 27.93 15.43 17.52
C PHE A 604 29.25 14.81 17.11
N GLN A 605 29.64 15.03 15.86
CA GLN A 605 30.94 14.58 15.36
C GLN A 605 31.78 15.82 15.01
N VAL A 606 32.78 16.09 15.84
CA VAL A 606 33.61 17.27 15.67
C VAL A 606 34.97 16.88 15.11
N SER A 607 35.42 17.63 14.10
CA SER A 607 36.74 17.43 13.51
C SER A 607 37.08 18.58 12.57
N ALA A 608 38.33 18.63 12.13
CA ALA A 608 38.76 19.61 11.15
C ALA A 608 39.12 18.96 9.82
N LYS A 609 38.47 17.84 9.53
CA LYS A 609 38.64 17.17 8.25
C LYS A 609 37.88 17.90 7.16
N ALA A 610 38.51 18.06 5.99
CA ALA A 610 37.82 18.63 4.85
C ALA A 610 36.76 17.67 4.31
N TYR A 611 35.73 18.21 3.69
CA TYR A 611 34.67 17.38 3.14
C TYR A 611 35.16 16.62 1.92
N SER A 612 34.36 15.65 1.48
CA SER A 612 34.73 14.81 0.36
C SER A 612 34.74 15.62 -0.94
N PRO A 613 35.65 15.28 -1.87
CA PRO A 613 35.50 15.84 -3.21
C PRO A 613 34.32 15.22 -3.93
N GLU A 614 33.70 15.99 -4.82
CA GLU A 614 32.47 15.58 -5.50
C GLU A 614 32.79 15.39 -6.98
N PHE A 615 32.90 14.13 -7.41
CA PHE A 615 33.28 13.85 -8.78
C PHE A 615 32.25 14.42 -9.76
N TYR A 616 32.78 14.93 -10.87
CA TYR A 616 31.96 15.50 -11.93
C TYR A 616 31.83 14.48 -13.04
N TYR A 617 30.61 14.04 -13.30
CA TYR A 617 30.39 12.88 -14.16
C TYR A 617 29.98 13.21 -15.60
N ASP A 618 29.64 14.47 -15.87
CA ASP A 618 28.97 14.82 -17.11
C ASP A 618 29.91 15.53 -18.09
N THR A 619 30.90 14.79 -18.60
CA THR A 619 31.81 15.29 -19.62
C THR A 619 32.37 14.16 -20.48
N PRO A 620 32.72 14.44 -21.75
CA PRO A 620 33.40 13.43 -22.56
C PRO A 620 34.87 13.29 -22.18
N ASN A 621 35.25 12.09 -21.74
CA ASN A 621 36.42 11.96 -20.86
C ASN A 621 37.71 11.48 -21.52
N PRO A 622 37.64 10.42 -22.35
CA PRO A 622 38.92 9.76 -22.66
C PRO A 622 39.74 10.49 -23.72
N THR A 623 41.04 10.25 -23.69
CA THR A 623 41.97 10.81 -24.67
C THR A 623 42.90 9.70 -25.12
N LEU A 624 42.78 9.31 -26.39
CA LEU A 624 43.60 8.23 -26.94
C LEU A 624 44.99 8.75 -27.26
N SER A 625 46.01 8.18 -26.63
CA SER A 625 47.35 8.65 -26.86
C SER A 625 47.86 8.00 -28.14
N GLN A 626 47.80 8.76 -29.23
CA GLN A 626 48.31 8.35 -30.55
C GLN A 626 47.74 6.99 -30.99
N LYS A 627 46.67 6.54 -30.35
CA LYS A 627 46.10 5.22 -30.59
C LYS A 627 47.14 4.11 -30.46
N GLN A 628 48.25 4.38 -29.80
CA GLN A 628 49.33 3.40 -29.68
C GLN A 628 49.88 3.34 -28.26
N SER A 629 50.79 2.42 -28.04
CA SER A 629 51.32 2.11 -26.70
C SER A 629 50.25 1.51 -25.79
N LYS A 630 49.08 1.25 -26.35
CA LYS A 630 47.99 0.69 -25.56
C LYS A 630 47.58 1.64 -24.44
N ASN A 631 47.88 2.93 -24.58
CA ASN A 631 47.57 3.90 -23.53
C ASN A 631 46.55 4.95 -23.97
N TYR A 632 45.61 5.22 -23.08
CA TYR A 632 44.78 6.42 -23.15
C TYR A 632 44.95 7.23 -21.87
N SER A 633 44.47 8.46 -21.88
CA SER A 633 44.46 9.29 -20.67
C SER A 633 43.04 9.73 -20.37
N TYR A 634 42.77 10.04 -19.10
CA TYR A 634 41.42 10.34 -18.64
C TYR A 634 41.34 11.73 -18.02
N ILE A 635 40.27 12.46 -18.35
CA ILE A 635 40.05 13.78 -17.79
C ILE A 635 39.26 13.61 -16.51
N LEU A 636 39.96 13.43 -15.41
CA LEU A 636 39.33 13.36 -14.10
C LEU A 636 38.91 14.75 -13.65
N GLN A 637 37.64 14.91 -13.35
CA GLN A 637 37.08 16.20 -12.94
C GLN A 637 36.26 16.05 -11.68
N TRP A 638 36.20 17.12 -10.89
CA TRP A 638 35.48 17.09 -9.63
C TRP A 638 35.38 18.50 -9.07
N THR A 639 34.54 18.66 -8.05
CA THR A 639 34.51 19.87 -7.26
C THR A 639 34.81 19.54 -5.81
N GLN A 640 35.20 20.55 -5.04
CA GLN A 640 35.44 20.38 -3.61
C GLN A 640 34.24 20.88 -2.83
N LYS A 641 33.65 20.00 -2.04
CA LYS A 641 32.53 20.40 -1.19
C LYS A 641 33.01 21.33 -0.10
N GLU A 642 32.33 22.47 0.05
CA GLU A 642 32.59 23.40 1.15
C GLU A 642 34.09 23.55 1.40
N PRO A 643 34.79 24.21 0.47
CA PRO A 643 36.23 24.43 0.69
C PRO A 643 36.56 25.30 1.89
N ASP A 644 35.68 26.25 2.21
CA ASP A 644 35.95 27.19 3.30
C ASP A 644 35.37 26.72 4.64
N ALA A 645 34.94 25.46 4.71
CA ALA A 645 34.41 24.92 5.96
C ALA A 645 35.51 24.53 6.95
N VAL A 646 36.70 24.24 6.46
CA VAL A 646 37.82 23.93 7.34
C VAL A 646 39.06 24.70 6.86
N ASP A 647 40.24 24.25 7.30
CA ASP A 647 41.48 24.81 6.81
C ASP A 647 41.54 24.66 5.29
N PRO A 648 42.23 25.59 4.60
CA PRO A 648 42.23 25.52 3.14
C PRO A 648 42.82 24.23 2.61
N ILE A 649 42.37 23.80 1.44
CA ILE A 649 42.86 22.56 0.84
C ILE A 649 44.22 22.85 0.22
N LEU A 650 45.23 22.10 0.65
CA LEU A 650 46.58 22.27 0.13
C LEU A 650 46.81 21.39 -1.09
N LYS A 651 46.55 20.09 -0.93
CA LYS A 651 46.81 19.13 -1.98
C LYS A 651 45.82 17.98 -1.93
N TYR A 652 45.57 17.35 -3.07
CA TYR A 652 44.82 16.11 -3.12
C TYR A 652 45.76 14.93 -3.26
N ARG A 653 45.50 13.88 -2.50
CA ARG A 653 46.13 12.59 -2.75
C ARG A 653 45.31 11.82 -3.78
N LEU A 654 45.95 11.44 -4.88
CA LEU A 654 45.30 10.64 -5.91
C LEU A 654 45.87 9.22 -5.93
N GLU A 655 44.99 8.24 -5.81
CA GLU A 655 45.36 6.84 -5.98
C GLU A 655 44.70 6.27 -7.23
N VAL A 656 45.44 5.49 -8.00
CA VAL A 656 44.90 4.86 -9.19
C VAL A 656 45.20 3.36 -9.18
N ARG A 657 44.15 2.56 -9.15
CA ARG A 657 44.26 1.12 -9.30
C ARG A 657 43.47 0.70 -10.53
N GLN A 658 43.95 -0.30 -11.27
CA GLN A 658 43.28 -0.71 -12.50
C GLN A 658 42.33 -1.89 -12.34
N LEU A 659 42.04 -2.27 -11.09
CA LEU A 659 41.14 -3.40 -10.81
C LEU A 659 41.77 -4.78 -11.04
N ALA A 660 42.84 -4.84 -11.83
CA ALA A 660 43.46 -6.10 -12.21
C ALA A 660 44.80 -6.35 -11.52
N GLN A 661 45.46 -5.28 -11.06
CA GLN A 661 46.73 -5.39 -10.35
C GLN A 661 46.50 -4.80 -8.97
N ARG A 662 47.04 -5.46 -7.95
CA ARG A 662 46.87 -4.99 -6.58
C ARG A 662 47.56 -3.66 -6.38
N ASN A 663 48.67 -3.46 -7.08
CA ASN A 663 49.52 -2.31 -6.82
C ASN A 663 48.89 -1.06 -7.38
N THR A 664 49.05 0.04 -6.66
CA THR A 664 48.38 1.29 -6.98
C THR A 664 49.40 2.42 -7.10
N ILE A 665 49.15 3.33 -8.03
CA ILE A 665 50.04 4.45 -8.26
C ILE A 665 49.50 5.65 -7.51
N GLN A 666 50.26 6.09 -6.52
CA GLN A 666 49.86 7.22 -5.67
C GLN A 666 50.60 8.48 -6.09
N THR A 667 49.84 9.56 -6.22
CA THR A 667 50.40 10.86 -6.59
C THR A 667 49.67 11.96 -5.86
N PHE A 668 50.22 13.18 -5.91
CA PHE A 668 49.64 14.30 -5.21
C PHE A 668 49.36 15.45 -6.18
N ILE A 669 48.11 15.90 -6.21
CA ILE A 669 47.76 17.10 -6.96
C ILE A 669 47.90 18.28 -6.01
N PRO A 670 48.61 19.34 -6.44
CA PRO A 670 48.63 20.56 -5.63
C PRO A 670 47.57 21.56 -6.09
N VAL A 671 46.78 22.07 -5.15
CA VAL A 671 45.67 22.93 -5.51
C VAL A 671 46.20 24.33 -5.81
N GLN A 672 45.71 24.90 -6.91
CA GLN A 672 46.08 26.26 -7.30
C GLN A 672 45.31 27.26 -6.45
N LYS A 673 43.99 27.16 -6.51
CA LYS A 673 43.07 28.06 -5.82
C LYS A 673 41.70 27.45 -6.01
N GLU A 675 37.08 27.86 -5.16
CA GLU A 675 35.89 28.44 -4.58
C GLU A 675 34.74 27.44 -4.75
N LYS A 676 33.65 27.69 -4.05
CA LYS A 676 32.52 26.78 -4.05
C LYS A 676 31.94 26.63 -5.45
N GLY A 677 32.01 25.42 -5.99
CA GLY A 677 31.50 25.13 -7.32
C GLY A 677 32.51 25.18 -8.44
N LEU A 678 33.77 25.49 -8.13
CA LEU A 678 34.81 25.58 -9.16
C LEU A 678 35.12 24.17 -9.64
N LEU A 679 35.15 23.95 -10.95
CA LEU A 679 35.49 22.63 -11.47
C LEU A 679 36.99 22.43 -11.46
N LEU A 680 37.42 21.29 -10.95
CA LEU A 680 38.83 20.94 -10.90
C LEU A 680 39.15 19.85 -11.92
N GLU A 681 40.41 19.80 -12.36
CA GLU A 681 40.81 18.85 -13.39
C GLU A 681 42.15 18.21 -13.08
N HIS A 682 42.29 16.97 -13.54
CA HIS A 682 43.57 16.29 -13.55
C HIS A 682 43.52 15.20 -14.61
N ILE A 683 44.52 15.19 -15.49
CA ILE A 683 44.58 14.19 -16.55
C ILE A 683 45.41 13.01 -16.05
N LEU A 684 44.87 11.81 -16.18
CA LEU A 684 45.60 10.61 -15.79
C LEU A 684 46.31 10.17 -17.06
N PRO A 685 47.66 10.18 -17.06
CA PRO A 685 48.40 9.93 -18.30
C PRO A 685 48.50 8.52 -18.87
N ASN A 686 48.77 7.49 -18.08
CA ASN A 686 49.05 6.17 -18.65
C ASN A 686 48.07 5.12 -18.19
N LEU A 687 47.13 4.79 -19.06
CA LEU A 687 46.07 3.83 -18.77
C LEU A 687 45.96 2.85 -19.91
N LYS A 688 46.11 1.56 -19.63
CA LYS A 688 46.00 0.54 -20.67
C LYS A 688 44.72 0.74 -21.48
N VAL A 689 44.81 0.54 -22.79
CA VAL A 689 43.83 1.09 -23.72
C VAL A 689 42.42 0.54 -23.54
N PRO A 690 42.26 -0.73 -23.12
CA PRO A 690 40.86 -1.16 -22.96
C PRO A 690 40.35 -1.06 -21.52
N GLN A 691 41.26 -1.11 -20.55
CA GLN A 691 40.90 -1.44 -19.18
C GLN A 691 40.41 -0.23 -18.38
N SER A 692 39.74 -0.51 -17.26
CA SER A 692 39.22 0.52 -16.37
C SER A 692 40.04 0.62 -15.09
N TYR A 693 39.73 1.63 -14.28
CA TYR A 693 40.54 1.92 -13.09
C TYR A 693 39.66 2.42 -11.95
N GLU A 694 40.14 2.23 -10.72
CA GLU A 694 39.54 2.87 -9.56
C GLU A 694 40.35 4.10 -9.19
N VAL A 695 39.64 5.15 -8.78
CA VAL A 695 40.27 6.44 -8.54
C VAL A 695 39.82 6.92 -7.16
N ARG A 696 40.77 7.03 -6.25
CA ARG A 696 40.50 7.52 -4.92
C ARG A 696 41.14 8.90 -4.74
N LEU A 697 40.31 9.86 -4.33
CA LEU A 697 40.74 11.24 -4.25
C LEU A 697 40.51 11.77 -2.85
N THR A 698 41.59 12.18 -2.20
CA THR A 698 41.53 12.64 -0.81
C THR A 698 42.10 14.05 -0.69
N PRO A 699 41.37 14.97 -0.04
CA PRO A 699 41.98 16.28 0.22
C PRO A 699 42.87 16.27 1.45
N ILE A 700 43.88 17.12 1.46
CA ILE A 700 44.77 17.25 2.60
C ILE A 700 44.78 18.71 3.05
N THR A 701 44.58 18.90 4.35
CA THR A 701 44.78 20.19 4.97
C THR A 701 45.81 20.03 6.07
N SER A 702 46.17 21.13 6.73
CA SER A 702 47.09 21.10 7.86
C SER A 702 46.64 20.09 8.91
N PHE A 703 45.33 19.86 8.99
CA PHE A 703 44.81 18.84 9.91
C PHE A 703 45.13 17.43 9.42
N GLY A 704 45.28 17.28 8.11
CA GLY A 704 45.56 15.97 7.53
C GLY A 704 44.58 15.60 6.43
N ALA A 705 44.30 14.31 6.33
CA ALA A 705 43.45 13.80 5.26
C ALA A 705 41.99 14.09 5.56
N GLY A 706 41.33 14.74 4.60
CA GLY A 706 39.88 14.90 4.67
C GLY A 706 39.14 13.64 4.27
N ASP A 707 37.89 13.80 3.86
CA ASP A 707 37.07 12.67 3.47
C ASP A 707 37.46 12.23 2.06
N ALA A 709 37.11 10.24 -1.52
CA ALA A 709 36.04 9.93 -2.46
C ALA A 709 36.57 9.00 -3.52
N ALA A 710 35.69 8.20 -4.10
CA ALA A 710 36.14 7.16 -5.03
C ALA A 710 35.22 7.07 -6.24
N ARG A 711 35.74 6.46 -7.30
CA ARG A 711 35.09 6.46 -8.60
C ARG A 711 35.80 5.45 -9.50
N ILE A 712 35.07 4.94 -10.48
CA ILE A 712 35.65 4.05 -11.48
C ILE A 712 35.65 4.76 -12.83
N ILE A 713 36.81 4.81 -13.47
CA ILE A 713 36.94 5.44 -14.77
C ILE A 713 37.14 4.36 -15.82
N ARG A 714 36.70 4.64 -17.04
CA ARG A 714 36.68 3.63 -18.09
C ARG A 714 36.93 4.27 -19.45
N TYR A 715 37.55 3.51 -20.34
CA TYR A 715 37.79 3.97 -21.70
C TYR A 715 36.47 3.96 -22.47
N GLU A 717 36.11 5.76 -25.78
CA GLU A 717 36.39 5.79 -27.22
C GLU A 717 37.69 6.52 -27.48
N GLN B 1 22.74 -22.13 27.98
CA GLN B 1 21.81 -21.02 28.15
C GLN B 1 21.03 -21.17 29.45
N GLY B 2 21.67 -20.87 30.57
CA GLY B 2 21.08 -21.09 31.88
C GLY B 2 19.85 -20.25 32.17
N VAL B 3 20.02 -18.93 32.14
CA VAL B 3 18.95 -18.00 32.49
C VAL B 3 18.25 -17.46 31.24
N TYR B 4 18.81 -17.75 30.07
CA TYR B 4 18.23 -17.27 28.83
C TYR B 4 16.89 -17.95 28.57
N ALA B 5 15.87 -17.14 28.37
CA ALA B 5 14.51 -17.63 28.13
C ALA B 5 14.01 -17.11 26.78
N PRO B 6 13.42 -18.00 25.97
CA PRO B 6 12.94 -17.51 24.66
C PRO B 6 11.89 -16.42 24.80
N ALA B 7 11.77 -15.60 23.77
CA ALA B 7 10.86 -14.46 23.83
C ALA B 7 9.41 -14.90 23.88
N GLN B 8 8.57 -14.05 24.45
CA GLN B 8 7.14 -14.30 24.51
C GLN B 8 6.42 -12.96 24.41
N ALA B 9 5.47 -12.87 23.49
CA ALA B 9 4.79 -11.61 23.21
C ALA B 9 3.34 -11.66 23.62
N GLN B 10 2.78 -10.48 23.85
CA GLN B 10 1.36 -10.32 24.09
C GLN B 10 0.95 -8.94 23.61
N ILE B 11 -0.07 -8.89 22.75
CA ILE B 11 -0.53 -7.63 22.20
C ILE B 11 -1.53 -7.00 23.15
N ILE B 12 -1.53 -5.68 23.22
CA ILE B 12 -2.43 -4.95 24.10
C ILE B 12 -3.00 -3.76 23.35
N HIS B 13 -4.23 -3.41 23.69
CA HIS B 13 -4.99 -2.45 22.91
C HIS B 13 -5.01 -1.10 23.62
N ALA B 14 -4.87 -0.04 22.84
CA ALA B 14 -4.85 1.32 23.37
C ALA B 14 -5.49 2.27 22.36
N GLY B 15 -5.14 3.55 22.44
CA GLY B 15 -5.68 4.53 21.53
C GLY B 15 -7.20 4.48 21.45
N GLN B 16 -7.75 4.95 20.35
CA GLN B 16 -9.20 4.93 20.14
C GLN B 16 -9.63 3.58 19.57
N ALA B 17 -10.69 3.02 20.15
CA ALA B 17 -11.22 1.74 19.72
C ALA B 17 -12.74 1.71 19.85
N CYS B 18 -13.33 0.52 19.87
CA CYS B 18 -14.78 0.39 20.00
C CYS B 18 -15.11 -0.95 20.65
N GLU B 27 -12.70 -7.47 21.03
CA GLU B 27 -12.39 -8.84 21.43
C GLU B 27 -10.97 -9.22 21.00
N ARG B 28 -10.87 -9.95 19.89
CA ARG B 28 -9.59 -10.37 19.33
C ARG B 28 -9.24 -9.46 18.15
N VAL B 29 -10.05 -8.43 17.96
CA VAL B 29 -9.96 -7.59 16.78
C VAL B 29 -10.04 -6.15 17.26
N TYR B 30 -9.32 -5.27 16.59
CA TYR B 30 -9.14 -3.90 17.06
C TYR B 30 -9.86 -2.97 16.11
N THR B 31 -11.13 -2.69 16.44
CA THR B 31 -12.00 -1.91 15.58
C THR B 31 -11.97 -0.44 15.97
N ILE B 32 -11.70 0.42 15.00
CA ILE B 32 -11.65 1.86 15.25
C ILE B 32 -12.25 2.60 14.06
N ARG B 33 -12.73 3.81 14.32
CA ARG B 33 -13.31 4.64 13.29
C ARG B 33 -12.22 5.21 12.39
N GLU B 34 -12.45 5.19 11.09
CA GLU B 34 -11.53 5.81 10.14
C GLU B 34 -11.26 7.25 10.55
N GLY B 35 -10.01 7.67 10.42
CA GLY B 35 -9.60 9.00 10.85
C GLY B 35 -9.11 9.07 12.28
N ASP B 36 -9.44 8.07 13.09
CA ASP B 36 -8.93 8.02 14.46
C ASP B 36 -7.47 7.58 14.44
N THR B 37 -6.91 7.31 15.61
CA THR B 37 -5.52 6.89 15.73
C THR B 37 -5.44 5.50 16.35
N LEU B 38 -4.61 4.64 15.75
CA LEU B 38 -4.39 3.31 16.27
C LEU B 38 -3.19 3.31 17.20
N VAL B 39 -3.30 2.60 18.31
CA VAL B 39 -2.18 2.44 19.22
C VAL B 39 -2.17 1.00 19.72
N LEU B 40 -1.26 0.20 19.17
CA LEU B 40 -1.06 -1.16 19.65
C LEU B 40 0.32 -1.29 20.26
N GLN B 41 0.41 -1.96 21.39
CA GLN B 41 1.67 -2.15 22.08
C GLN B 41 1.89 -3.63 22.29
N CYS B 42 3.12 -4.07 22.01
CA CYS B 42 3.49 -5.46 22.18
C CYS B 42 4.32 -5.61 23.44
N LEU B 43 3.74 -6.22 24.46
CA LEU B 43 4.49 -6.55 25.67
C LEU B 43 5.22 -7.86 25.47
N VAL B 44 6.49 -7.86 25.84
CA VAL B 44 7.34 -9.01 25.61
C VAL B 44 8.13 -9.33 26.86
N THR B 45 8.50 -10.59 27.01
CA THR B 45 9.38 -11.01 28.10
C THR B 45 10.33 -12.07 27.57
N GLY B 46 11.23 -12.53 28.45
CA GLY B 46 12.32 -13.40 28.05
C GLY B 46 13.65 -12.66 28.09
N HIS B 47 14.74 -13.42 28.13
CA HIS B 47 16.06 -12.83 28.28
C HIS B 47 17.05 -13.48 27.32
N PRO B 48 17.87 -12.66 26.61
CA PRO B 48 17.96 -11.20 26.65
C PRO B 48 16.68 -10.52 26.15
N ARG B 49 16.48 -9.26 26.51
CA ARG B 49 15.24 -8.57 26.17
C ARG B 49 15.04 -8.61 24.66
N PRO B 50 13.97 -9.26 24.20
CA PRO B 50 13.82 -9.42 22.75
C PRO B 50 13.45 -8.11 22.06
N GLN B 51 13.86 -8.00 20.80
CA GLN B 51 13.47 -6.88 19.96
C GLN B 51 12.21 -7.24 19.21
N VAL B 52 11.38 -6.24 18.92
CA VAL B 52 10.08 -6.50 18.34
C VAL B 52 9.88 -5.60 17.12
N ARG B 53 9.47 -6.22 16.02
CA ARG B 53 9.04 -5.47 14.84
C ARG B 53 7.57 -5.71 14.58
N TRP B 54 6.83 -4.63 14.31
CA TRP B 54 5.46 -4.77 13.84
C TRP B 54 5.48 -4.86 12.32
N THR B 55 4.81 -5.88 11.80
CA THR B 55 4.70 -6.06 10.36
C THR B 55 3.26 -6.32 9.95
N LYS B 56 3.01 -6.26 8.64
CA LYS B 56 1.70 -6.57 8.09
C LYS B 56 1.79 -7.71 7.09
N THR B 57 0.64 -8.32 6.80
CA THR B 57 0.49 -9.42 5.83
C THR B 57 -0.63 -10.35 6.30
N THR B 68 6.71 -0.98 5.51
CA THR B 68 6.00 -2.21 5.88
C THR B 68 6.28 -2.58 7.35
N SER B 69 7.55 -2.55 7.74
CA SER B 69 7.92 -2.99 9.08
C SER B 69 8.49 -1.84 9.91
N VAL B 70 8.09 -1.78 11.17
CA VAL B 70 8.57 -0.76 12.09
C VAL B 70 9.20 -1.40 13.31
N LEU B 71 10.34 -0.88 13.74
CA LEU B 71 11.05 -1.42 14.88
C LEU B 71 10.70 -0.63 16.13
N ASN B 72 9.68 -1.08 16.84
CA ASN B 72 9.15 -0.39 18.01
C ASN B 72 8.13 -1.27 18.71
N GLU B 73 8.16 -1.30 20.04
CA GLU B 73 7.23 -2.13 20.79
C GLU B 73 5.81 -1.57 20.79
N THR B 74 5.66 -0.35 20.29
CA THR B 74 4.33 0.22 20.12
C THR B 74 4.11 0.59 18.67
N LEU B 75 3.00 0.11 18.11
CA LEU B 75 2.59 0.50 16.77
C LEU B 75 1.56 1.61 16.86
N ARG B 76 1.79 2.70 16.14
CA ARG B 76 0.94 3.86 16.23
C ARG B 76 0.68 4.43 14.85
N ILE B 77 -0.60 4.49 14.47
CA ILE B 77 -1.01 4.97 13.16
C ILE B 77 -2.02 6.09 13.36
N GLU B 78 -1.64 7.30 12.97
CA GLU B 78 -2.53 8.45 13.08
C GLU B 78 -3.37 8.61 11.82
N LYS B 79 -4.62 9.02 11.99
CA LYS B 79 -5.55 9.18 10.88
C LYS B 79 -5.59 7.91 10.05
N ILE B 80 -5.99 6.81 10.70
CA ILE B 80 -6.03 5.52 10.03
C ILE B 80 -6.98 5.59 8.85
N GLN B 81 -6.74 4.77 7.84
CA GLN B 81 -7.58 4.73 6.65
C GLN B 81 -8.14 3.33 6.46
N ARG B 82 -9.18 3.22 5.64
CA ARG B 82 -9.78 1.93 5.32
C ARG B 82 -8.73 0.87 5.04
N LEU B 83 -7.85 1.16 4.09
CA LEU B 83 -6.94 0.17 3.56
C LEU B 83 -5.88 -0.24 4.57
N GLN B 84 -5.52 0.68 5.46
CA GLN B 84 -4.55 0.37 6.51
C GLN B 84 -5.05 -0.69 7.47
N GLY B 85 -6.36 -0.97 7.43
CA GLY B 85 -6.90 -2.12 8.14
C GLY B 85 -6.29 -3.41 7.61
N GLY B 86 -6.45 -4.48 8.38
CA GLY B 86 -5.89 -5.76 8.01
C GLY B 86 -5.44 -6.55 9.22
N ARG B 87 -4.55 -7.51 8.98
CA ARG B 87 -3.96 -8.29 10.07
C ARG B 87 -2.54 -7.83 10.31
N TYR B 88 -2.22 -7.58 11.58
CA TYR B 88 -0.89 -7.11 11.96
C TYR B 88 -0.20 -8.15 12.83
N TYR B 89 1.12 -8.22 12.70
CA TYR B 89 1.91 -9.21 13.42
C TYR B 89 2.99 -8.52 14.26
N CYS B 90 3.03 -8.86 15.55
CA CYS B 90 4.16 -8.49 16.39
C CYS B 90 5.14 -9.65 16.43
N LYS B 91 6.33 -9.43 15.88
CA LYS B 91 7.37 -10.44 15.87
C LYS B 91 8.46 -10.06 16.87
N ALA B 92 8.79 -11.01 17.73
CA ALA B 92 9.72 -10.77 18.83
C ALA B 92 10.74 -11.90 18.96
N GLU B 93 12.01 -11.56 18.81
CA GLU B 93 13.09 -12.55 18.91
C GLU B 93 14.23 -12.00 19.76
N ASN B 94 15.06 -12.90 20.27
CA ASN B 94 16.20 -12.51 21.09
C ASN B 94 17.42 -13.41 20.90
N GLY B 95 17.31 -14.41 20.04
CA GLY B 95 18.41 -15.34 19.82
C GLY B 95 18.14 -16.69 20.45
N VAL B 96 17.53 -16.68 21.63
CA VAL B 96 17.28 -17.90 22.37
C VAL B 96 15.91 -18.43 21.99
N GLY B 97 15.89 -19.60 21.35
CA GLY B 97 14.65 -20.30 21.07
C GLY B 97 13.94 -19.81 19.83
N VAL B 98 12.65 -20.13 19.75
CA VAL B 98 11.84 -19.83 18.58
C VAL B 98 11.26 -18.43 18.69
N PRO B 99 11.34 -17.63 17.62
CA PRO B 99 10.78 -16.27 17.71
C PRO B 99 9.30 -16.27 18.08
N ALA B 100 8.90 -15.27 18.86
CA ALA B 100 7.52 -15.15 19.30
C ALA B 100 6.71 -14.29 18.32
N ILE B 101 5.52 -14.77 17.96
CA ILE B 101 4.66 -14.04 17.04
C ILE B 101 3.24 -13.98 17.58
N LYS B 102 2.60 -12.84 17.38
CA LYS B 102 1.22 -12.65 17.80
C LYS B 102 0.48 -11.80 16.77
N SER B 103 -0.78 -12.14 16.53
CA SER B 103 -1.56 -11.51 15.48
C SER B 103 -2.72 -10.72 16.04
N ILE B 104 -3.17 -9.72 15.29
CA ILE B 104 -4.38 -8.99 15.63
C ILE B 104 -5.00 -8.41 14.37
N ARG B 105 -6.33 -8.46 14.30
CA ARG B 105 -7.06 -7.94 13.15
C ARG B 105 -7.54 -6.53 13.41
N VAL B 106 -7.04 -5.57 12.64
CA VAL B 106 -7.53 -4.21 12.71
C VAL B 106 -8.66 -4.05 11.71
N ASP B 107 -9.83 -3.67 12.21
CA ASP B 107 -11.02 -3.55 11.39
C ASP B 107 -11.49 -2.10 11.40
N VAL B 108 -10.91 -1.29 10.52
CA VAL B 108 -11.35 0.10 10.37
C VAL B 108 -12.79 0.13 9.91
N GLN B 109 -13.55 1.08 10.44
CA GLN B 109 -14.97 1.18 10.16
C GLN B 109 -15.34 2.59 9.74
N TYR B 110 -16.40 2.71 8.96
CA TYR B 110 -16.71 3.97 8.29
C TYR B 110 -18.11 3.93 7.70
N LEU B 111 -18.58 5.09 7.27
CA LEU B 111 -19.83 5.19 6.54
C LEU B 111 -19.76 6.42 5.66
N ASP B 112 -19.64 6.20 4.36
CA ASP B 112 -19.55 7.28 3.39
C ASP B 112 -20.92 7.88 3.16
N GLU B 113 -20.97 8.88 2.29
CA GLU B 113 -22.23 9.52 1.95
C GLU B 113 -23.03 8.61 1.04
N PRO B 114 -24.30 8.35 1.38
CA PRO B 114 -25.04 7.48 0.47
C PRO B 114 -25.36 8.20 -0.84
N VAL B 115 -25.36 7.47 -1.94
CA VAL B 115 -25.71 8.03 -3.23
C VAL B 115 -27.07 7.47 -3.65
N LEU B 116 -27.92 8.36 -4.15
CA LEU B 116 -29.30 7.98 -4.47
C LEU B 116 -29.59 8.21 -5.94
N THR B 117 -30.12 7.17 -6.59
CA THR B 117 -30.37 7.20 -8.02
C THR B 117 -31.70 6.53 -8.31
N VAL B 118 -32.31 6.87 -9.45
CA VAL B 118 -33.66 6.46 -9.75
C VAL B 118 -33.85 6.24 -11.25
N HIS B 119 -34.57 5.19 -11.63
CA HIS B 119 -34.96 5.02 -13.02
C HIS B 119 -36.40 4.52 -13.10
N GLN B 120 -37.05 4.82 -14.22
CA GLN B 120 -38.45 4.46 -14.41
C GLN B 120 -38.59 3.15 -15.19
N THR B 121 -39.81 2.66 -15.24
CA THR B 121 -40.12 1.42 -15.96
C THR B 121 -41.59 1.47 -16.35
N ILE B 122 -41.84 1.60 -17.65
CA ILE B 122 -43.19 1.56 -18.17
C ILE B 122 -43.47 0.16 -18.69
N SER B 123 -44.65 -0.34 -18.38
CA SER B 123 -45.00 -1.72 -18.69
C SER B 123 -46.50 -1.83 -18.98
N ASP B 124 -46.85 -2.84 -19.76
CA ASP B 124 -48.23 -3.06 -20.17
C ASP B 124 -49.03 -3.66 -19.03
N VAL B 125 -50.35 -3.75 -19.22
CA VAL B 125 -51.25 -4.28 -18.20
C VAL B 125 -52.18 -5.29 -18.86
N ARG B 126 -52.46 -6.38 -18.17
CA ARG B 126 -53.24 -7.44 -18.77
C ARG B 126 -54.64 -6.94 -19.11
N GLY B 127 -55.04 -7.16 -20.35
CA GLY B 127 -56.35 -6.75 -20.83
C GLY B 127 -56.60 -5.25 -20.80
N SER B 128 -55.61 -4.47 -21.21
CA SER B 128 -55.70 -3.02 -21.16
C SER B 128 -54.67 -2.38 -22.07
N PHE B 129 -54.99 -1.19 -22.58
CA PHE B 129 -54.03 -0.39 -23.35
C PHE B 129 -53.41 0.73 -22.53
N TYR B 130 -53.81 0.83 -21.26
CA TYR B 130 -53.12 1.71 -20.33
C TYR B 130 -51.86 1.06 -19.83
N GLN B 131 -50.90 1.88 -19.42
CA GLN B 131 -49.58 1.40 -19.04
C GLN B 131 -49.25 1.74 -17.60
N GLU B 132 -48.40 0.92 -17.00
CA GLU B 132 -48.03 1.08 -15.60
C GLU B 132 -46.61 1.60 -15.53
N LYS B 133 -46.45 2.73 -14.86
CA LYS B 133 -45.13 3.27 -14.60
C LYS B 133 -44.61 2.78 -13.26
N THR B 134 -43.36 2.34 -13.26
CA THR B 134 -42.70 1.89 -12.04
C THR B 134 -41.37 2.59 -11.88
N VAL B 135 -41.12 3.12 -10.69
CA VAL B 135 -39.87 3.79 -10.39
C VAL B 135 -39.08 2.99 -9.36
N PHE B 136 -37.78 2.91 -9.58
CA PHE B 136 -36.89 2.23 -8.65
C PHE B 136 -35.98 3.25 -8.00
N LEU B 137 -36.04 3.33 -6.68
CA LEU B 137 -35.16 4.23 -5.93
C LEU B 137 -34.02 3.43 -5.33
N ARG B 138 -32.82 3.59 -5.88
CA ARG B 138 -31.68 2.81 -5.45
C ARG B 138 -30.77 3.65 -4.58
N CYS B 139 -30.49 3.14 -3.38
CA CYS B 139 -29.65 3.84 -2.43
C CYS B 139 -28.41 3.01 -2.16
N THR B 140 -27.25 3.57 -2.49
CA THR B 140 -25.98 2.86 -2.36
C THR B 140 -25.03 3.58 -1.43
N VAL B 141 -24.34 2.81 -0.60
CA VAL B 141 -23.30 3.34 0.28
C VAL B 141 -22.34 2.21 0.62
N ASN B 142 -21.05 2.49 0.56
CA ASN B 142 -20.06 1.54 1.04
C ASN B 142 -19.71 1.88 2.47
N SER B 143 -19.72 0.86 3.33
CA SER B 143 -19.55 1.06 4.76
C SER B 143 -19.07 -0.23 5.41
N ASN B 144 -18.25 -0.07 6.44
CA ASN B 144 -17.87 -1.17 7.30
C ASN B 144 -18.27 -0.83 8.73
N PRO B 145 -19.12 -1.65 9.36
CA PRO B 145 -19.80 -2.89 8.96
C PRO B 145 -20.84 -2.72 7.86
N PRO B 146 -21.49 -3.81 7.45
CA PRO B 146 -22.66 -3.70 6.56
C PRO B 146 -23.67 -2.69 7.09
N ALA B 147 -24.12 -1.81 6.21
CA ALA B 147 -25.04 -0.75 6.63
C ALA B 147 -26.44 -1.29 6.85
N ARG B 148 -27.27 -0.47 7.51
CA ARG B 148 -28.69 -0.71 7.59
C ARG B 148 -29.42 0.45 6.94
N PHE B 149 -30.37 0.13 6.06
CA PHE B 149 -31.07 1.15 5.29
C PHE B 149 -32.44 1.44 5.87
N ILE B 150 -32.80 2.71 5.87
CA ILE B 150 -34.14 3.14 6.22
C ILE B 150 -34.63 4.10 5.14
N TRP B 151 -35.89 3.95 4.78
CA TRP B 151 -36.51 4.78 3.76
C TRP B 151 -37.57 5.67 4.36
N LYS B 152 -37.80 6.83 3.74
CA LYS B 152 -38.84 7.73 4.21
C LYS B 152 -39.45 8.46 3.02
N ARG B 153 -40.73 8.78 3.18
CA ARG B 153 -41.48 9.55 2.19
C ARG B 153 -41.97 10.82 2.87
N GLY B 154 -41.08 11.80 2.95
CA GLY B 154 -41.24 12.93 3.85
C GLY B 154 -40.78 12.59 5.26
N ALA B 155 -41.72 12.41 6.18
CA ALA B 155 -41.39 11.97 7.52
C ALA B 155 -41.87 10.55 7.80
N GLU B 156 -42.70 10.02 6.91
CA GLU B 156 -43.25 8.68 7.08
C GLU B 156 -42.19 7.64 6.79
N THR B 157 -42.08 6.65 7.67
CA THR B 157 -41.13 5.55 7.48
C THR B 157 -41.83 4.41 6.76
N LEU B 158 -41.17 3.88 5.72
CA LEU B 158 -41.81 2.90 4.85
C LEU B 158 -41.49 1.45 5.21
N SER B 159 -42.36 0.55 4.77
CA SER B 159 -42.14 -0.88 4.88
C SER B 159 -42.75 -1.55 3.64
N HIS B 160 -43.05 -2.85 3.73
CA HIS B 160 -43.48 -3.61 2.56
C HIS B 160 -45.00 -3.76 2.46
N SER B 161 -45.73 -3.39 3.51
CA SER B 161 -47.18 -3.52 3.50
C SER B 161 -47.81 -2.43 2.65
N VAL B 166 -44.02 0.09 -3.29
CA VAL B 166 -44.45 -0.28 -1.95
C VAL B 166 -43.50 -1.31 -1.36
N ASP B 167 -42.47 -1.68 -2.12
CA ASP B 167 -41.66 -2.85 -1.82
C ASP B 167 -40.20 -2.45 -1.60
N ILE B 168 -39.54 -3.13 -0.66
CA ILE B 168 -38.13 -2.87 -0.36
C ILE B 168 -37.33 -4.17 -0.51
N TYR B 169 -36.11 -4.04 -1.01
CA TYR B 169 -35.24 -5.19 -1.17
C TYR B 169 -33.84 -4.72 -1.57
N GLU B 170 -32.89 -5.65 -1.54
CA GLU B 170 -31.58 -5.40 -2.13
C GLU B 170 -31.49 -6.17 -3.45
N PRO B 171 -31.11 -5.49 -4.54
CA PRO B 171 -31.15 -6.15 -5.85
C PRO B 171 -29.99 -7.12 -6.06
N LEU B 172 -30.03 -7.83 -7.19
CA LEU B 172 -28.98 -8.78 -7.51
C LEU B 172 -27.66 -8.10 -7.81
N TYR B 173 -26.59 -8.89 -7.78
CA TYR B 173 -25.26 -8.41 -8.17
C TYR B 173 -24.76 -7.34 -7.21
N THR B 174 -25.17 -7.48 -5.95
CA THR B 174 -24.73 -6.61 -4.88
C THR B 174 -25.09 -7.31 -3.55
N GLN B 175 -24.21 -7.24 -2.57
CA GLN B 175 -24.38 -8.01 -1.35
C GLN B 175 -24.77 -7.16 -0.14
N GLY B 176 -25.80 -6.34 -0.31
CA GLY B 176 -26.29 -5.53 0.79
C GLY B 176 -25.77 -4.11 0.90
N GLU B 177 -24.83 -3.73 0.03
CA GLU B 177 -24.33 -2.36 0.05
C GLU B 177 -25.36 -1.37 -0.50
N THR B 178 -26.40 -1.90 -1.13
CA THR B 178 -27.43 -1.06 -1.74
C THR B 178 -28.81 -1.64 -1.48
N LYS B 179 -29.79 -0.77 -1.31
CA LYS B 179 -31.18 -1.19 -1.19
C LYS B 179 -32.07 -0.38 -2.12
N VAL B 180 -33.15 -1.00 -2.58
CA VAL B 180 -34.01 -0.39 -3.58
C VAL B 180 -35.44 -0.30 -3.07
N LEU B 181 -36.06 0.85 -3.32
CA LEU B 181 -37.47 1.03 -3.04
C LEU B 181 -38.22 1.06 -4.37
N LYS B 182 -39.11 0.08 -4.56
CA LYS B 182 -39.85 -0.03 -5.80
C LYS B 182 -41.26 0.48 -5.60
N LEU B 183 -41.64 1.44 -6.42
CA LEU B 183 -42.99 1.99 -6.38
C LEU B 183 -43.70 1.49 -7.62
N LYS B 184 -44.58 0.52 -7.44
CA LYS B 184 -45.08 -0.29 -8.55
C LYS B 184 -46.00 0.50 -9.47
N ASN B 185 -47.19 0.84 -8.97
CA ASN B 185 -48.08 1.68 -9.75
C ASN B 185 -47.94 3.11 -9.30
N LEU B 186 -47.44 3.95 -10.20
CA LEU B 186 -47.22 5.34 -9.87
C LEU B 186 -48.54 6.07 -9.76
N ARG B 187 -48.67 6.85 -8.71
CA ARG B 187 -49.87 7.63 -8.44
C ARG B 187 -49.43 9.04 -8.14
N PRO B 188 -50.32 10.02 -8.32
CA PRO B 188 -49.86 11.37 -8.01
C PRO B 188 -49.38 11.42 -6.57
N GLN B 189 -50.07 10.69 -5.70
CA GLN B 189 -49.73 10.67 -4.28
C GLN B 189 -48.32 10.13 -4.04
N ASP B 190 -47.82 9.32 -4.97
CA ASP B 190 -46.46 8.80 -4.85
C ASP B 190 -45.40 9.84 -5.18
N TYR B 191 -45.80 10.90 -5.88
CA TYR B 191 -44.84 11.93 -6.26
C TYR B 191 -44.48 12.79 -5.05
N ALA B 192 -43.43 12.38 -4.36
CA ALA B 192 -43.00 13.08 -3.16
C ALA B 192 -41.48 13.10 -3.09
N SER B 193 -40.94 13.72 -2.05
CA SER B 193 -39.51 13.66 -1.80
C SER B 193 -39.23 12.45 -0.92
N TYR B 194 -38.50 11.49 -1.47
CA TYR B 194 -38.12 10.29 -0.73
C TYR B 194 -36.71 10.45 -0.16
N THR B 195 -36.50 9.84 1.01
CA THR B 195 -35.28 10.03 1.76
C THR B 195 -34.68 8.70 2.16
N CYS B 196 -33.47 8.43 1.69
CA CYS B 196 -32.71 7.27 2.15
C CYS B 196 -31.86 7.66 3.35
N GLN B 197 -32.05 6.94 4.45
CA GLN B 197 -31.28 7.19 5.67
C GLN B 197 -30.56 5.91 6.04
N VAL B 198 -29.23 5.97 6.04
CA VAL B 198 -28.40 4.79 6.21
C VAL B 198 -27.57 4.89 7.48
N SER B 199 -27.50 3.79 8.22
CA SER B 199 -26.92 3.79 9.56
C SER B 199 -25.91 2.66 9.75
N VAL B 200 -24.98 2.87 10.68
CA VAL B 200 -24.07 1.81 11.11
C VAL B 200 -24.50 1.27 12.47
N ARG B 201 -25.73 1.57 12.86
CA ARG B 201 -26.20 1.21 14.20
C ARG B 201 -25.40 1.95 15.27
N ASN B 202 -24.75 3.04 14.88
CA ASN B 202 -23.91 3.82 15.77
C ASN B 202 -22.80 3.00 16.44
N VAL B 203 -22.42 1.89 15.81
CA VAL B 203 -21.25 1.15 16.27
C VAL B 203 -20.01 1.99 15.98
N CYS B 204 -19.03 1.93 16.87
CA CYS B 204 -17.89 2.85 16.83
C CYS B 204 -18.36 4.30 16.87
N SER B 205 -19.55 4.52 17.44
CA SER B 205 -20.12 5.86 17.57
C SER B 205 -20.02 6.62 16.25
N ILE B 206 -20.61 6.03 15.21
CA ILE B 206 -20.59 6.61 13.88
C ILE B 206 -22.00 7.12 13.55
N PRO B 207 -22.12 8.39 13.14
CA PRO B 207 -23.47 8.91 12.91
C PRO B 207 -24.11 8.33 11.65
N ASP B 208 -25.43 8.35 11.61
CA ASP B 208 -26.17 8.01 10.39
C ASP B 208 -26.05 9.16 9.41
N LYS B 209 -26.37 8.88 8.14
CA LYS B 209 -26.34 9.90 7.12
C LYS B 209 -27.53 9.74 6.19
N SER B 210 -27.96 10.85 5.58
CA SER B 210 -29.20 10.88 4.83
C SER B 210 -29.01 11.52 3.46
N ILE B 211 -29.76 11.04 2.49
CA ILE B 211 -29.87 11.69 1.20
C ILE B 211 -31.32 11.60 0.75
N THR B 212 -31.77 12.61 0.04
CA THR B 212 -33.17 12.67 -0.38
C THR B 212 -33.25 12.99 -1.88
N PHE B 213 -34.37 12.61 -2.49
CA PHE B 213 -34.60 12.89 -3.89
C PHE B 213 -36.03 13.36 -4.06
N GLN B 214 -36.23 14.36 -4.90
CA GLN B 214 -37.55 14.91 -5.14
C GLN B 214 -38.13 14.28 -6.39
N LEU B 215 -38.98 13.28 -6.21
CA LEU B 215 -39.62 12.60 -7.33
C LEU B 215 -40.82 13.39 -7.82
N THR B 216 -40.76 13.80 -9.08
CA THR B 216 -41.78 14.67 -9.67
C THR B 216 -42.10 14.22 -11.09
N ASN B 217 -43.25 14.62 -11.60
CA ASN B 217 -43.65 14.26 -12.96
C ASN B 217 -42.85 14.98 -14.03
N THR B 218 -41.93 15.84 -13.63
CA THR B 218 -40.94 16.38 -14.56
C THR B 218 -39.63 15.60 -14.54
N THR B 219 -39.40 14.81 -13.48
CA THR B 219 -38.18 14.02 -13.38
C THR B 219 -37.96 13.18 -14.64
N ALA B 220 -36.76 13.29 -15.21
CA ALA B 220 -36.45 12.61 -16.46
C ALA B 220 -34.94 12.44 -16.64
N PRO B 221 -34.51 11.32 -17.25
CA PRO B 221 -33.07 11.15 -17.47
C PRO B 221 -32.51 12.23 -18.39
N PRO B 222 -31.18 12.33 -18.48
CA PRO B 222 -30.59 13.34 -19.36
C PRO B 222 -30.65 12.97 -20.84
N ALA B 223 -30.46 13.96 -21.70
CA ALA B 223 -30.40 13.73 -23.14
C ALA B 223 -29.59 14.85 -23.76
N LEU B 224 -28.89 14.54 -24.84
CA LEU B 224 -27.95 15.48 -25.45
C LEU B 224 -28.12 15.53 -26.96
N LYS B 225 -27.75 16.67 -27.53
CA LYS B 225 -27.62 16.80 -28.98
C LYS B 225 -26.29 17.46 -29.31
N LEU B 226 -25.62 16.91 -30.31
CA LEU B 226 -24.26 17.33 -30.65
C LEU B 226 -24.27 18.10 -31.96
N SER B 227 -23.40 19.11 -32.06
CA SER B 227 -23.37 19.99 -33.22
C SER B 227 -22.44 19.51 -34.32
N VAL B 228 -21.95 18.27 -34.20
CA VAL B 228 -21.08 17.70 -35.22
C VAL B 228 -21.40 16.23 -35.40
N ASN B 229 -20.95 15.66 -36.52
CA ASN B 229 -21.29 14.29 -36.87
C ASN B 229 -20.57 13.30 -35.97
N GLU B 230 -20.90 12.02 -36.12
CA GLU B 230 -20.23 10.94 -35.42
C GLU B 230 -18.72 11.10 -35.54
N THR B 231 -18.25 11.20 -36.77
CA THR B 231 -16.83 11.32 -37.05
C THR B 231 -16.56 12.62 -37.80
N LEU B 232 -15.53 13.34 -37.37
CA LEU B 232 -15.24 14.66 -37.93
C LEU B 232 -13.78 14.73 -38.34
N VAL B 233 -13.55 15.04 -39.62
CA VAL B 233 -12.20 15.15 -40.16
C VAL B 233 -11.80 16.61 -40.21
N VAL B 234 -10.53 16.88 -39.90
CA VAL B 234 -10.04 18.25 -39.83
C VAL B 234 -8.56 18.27 -40.24
N ASN B 235 -8.05 19.46 -40.57
CA ASN B 235 -6.65 19.62 -40.92
C ASN B 235 -5.86 20.13 -39.72
N PRO B 236 -4.54 19.95 -39.72
CA PRO B 236 -3.74 20.43 -38.59
C PRO B 236 -3.76 21.95 -38.50
N GLY B 237 -3.90 22.49 -37.29
CA GLY B 237 -3.95 23.92 -37.09
C GLY B 237 -5.37 24.44 -36.93
N ASP B 238 -6.30 23.89 -37.71
CA ASP B 238 -7.70 24.29 -37.62
C ASP B 238 -8.15 24.37 -36.17
N ASN B 239 -8.97 25.38 -35.86
CA ASN B 239 -9.69 25.42 -34.60
C ASN B 239 -11.05 24.74 -34.76
N VAL B 240 -11.41 23.90 -33.81
CA VAL B 240 -12.68 23.19 -33.86
C VAL B 240 -13.34 23.27 -32.49
N THR B 241 -14.61 23.67 -32.50
CA THR B 241 -15.37 23.80 -31.27
C THR B 241 -16.64 22.96 -31.39
N GLN B 243 -20.25 21.87 -29.79
CA GLN B 243 -21.32 22.32 -28.91
C GLN B 243 -22.16 21.12 -28.48
N CYS B 244 -22.09 20.81 -27.20
CA CYS B 244 -22.90 19.74 -26.63
C CYS B 244 -23.97 20.37 -25.74
N SER B 245 -25.24 20.19 -26.13
CA SER B 245 -26.34 20.91 -25.50
C SER B 245 -27.38 19.92 -24.98
N LEU B 246 -27.95 20.23 -23.81
CA LEU B 246 -29.00 19.40 -23.24
C LEU B 246 -30.28 19.52 -24.06
N THR B 247 -30.98 18.40 -24.19
CA THR B 247 -32.32 18.39 -24.77
C THR B 247 -33.35 17.79 -23.83
N GLY B 248 -32.93 17.51 -22.60
CA GLY B 248 -33.78 16.86 -21.63
C GLY B 248 -33.03 16.47 -20.37
N GLY B 249 -33.70 16.59 -19.22
CA GLY B 249 -33.12 16.13 -17.97
C GLY B 249 -33.58 16.93 -16.77
N ASP B 250 -34.23 16.24 -15.83
CA ASP B 250 -34.62 16.84 -14.56
C ASP B 250 -34.42 15.81 -13.46
N PRO B 251 -33.54 16.11 -12.47
CA PRO B 251 -32.73 17.29 -12.19
C PRO B 251 -31.85 17.77 -13.34
N GLN B 252 -31.34 18.99 -13.23
CA GLN B 252 -30.46 19.55 -14.24
C GLN B 252 -29.16 18.76 -14.26
N PRO B 253 -28.88 18.05 -15.37
CA PRO B 253 -27.69 17.20 -15.36
C PRO B 253 -26.39 17.98 -15.50
N GLU B 254 -25.28 17.30 -15.23
CA GLU B 254 -23.97 17.91 -15.34
C GLU B 254 -23.29 17.41 -16.61
N VAL B 255 -22.97 18.34 -17.50
CA VAL B 255 -22.33 18.00 -18.77
C VAL B 255 -20.82 18.00 -18.60
N LEU B 256 -20.15 17.02 -19.21
CA LEU B 256 -18.71 16.89 -19.09
C LEU B 256 -18.08 16.37 -20.37
N TRP B 257 -16.99 16.99 -20.79
CA TRP B 257 -16.19 16.49 -21.90
C TRP B 257 -15.03 15.64 -21.40
N SER B 258 -14.65 14.66 -22.21
CA SER B 258 -13.52 13.80 -21.90
C SER B 258 -12.87 13.33 -23.19
N HIS B 259 -11.65 12.82 -23.10
CA HIS B 259 -10.87 12.49 -24.29
C HIS B 259 -10.18 11.14 -24.14
N SER B 260 -10.12 10.40 -25.25
CA SER B 260 -9.37 9.16 -25.32
C SER B 260 -8.61 9.08 -26.63
N PRO B 261 -7.31 8.75 -26.59
CA PRO B 261 -6.47 8.43 -25.43
C PRO B 261 -5.90 9.65 -24.72
N GLY B 262 -5.66 9.53 -23.42
CA GLY B 262 -4.98 10.56 -22.67
C GLY B 262 -5.94 11.62 -22.17
N PRO B 263 -5.39 12.72 -21.62
CA PRO B 263 -6.24 13.82 -21.13
C PRO B 263 -6.63 14.75 -22.26
N LEU B 264 -7.55 15.67 -21.99
CA LEU B 264 -7.94 16.64 -23.00
C LEU B 264 -6.74 17.52 -23.30
N PRO B 265 -6.63 18.00 -24.54
CA PRO B 265 -5.39 18.70 -24.89
C PRO B 265 -5.17 19.92 -24.00
N PRO B 266 -3.91 20.37 -23.84
CA PRO B 266 -3.69 21.68 -23.23
C PRO B 266 -3.88 22.81 -24.25
N ASN B 267 -4.17 22.45 -25.49
CA ASN B 267 -4.55 23.41 -26.52
C ASN B 267 -6.07 23.55 -26.64
N SER B 268 -6.80 23.10 -25.61
CA SER B 268 -8.25 23.11 -25.64
C SER B 268 -8.86 23.68 -24.36
N LEU B 269 -9.88 24.52 -24.53
CA LEU B 269 -10.59 25.10 -23.40
C LEU B 269 -12.03 24.59 -23.37
N VAL B 270 -12.53 24.32 -22.17
CA VAL B 270 -13.88 23.84 -21.98
C VAL B 270 -14.70 24.92 -21.28
N GLN B 271 -15.61 25.54 -22.02
CA GLN B 271 -16.59 26.45 -21.42
C GLN B 271 -17.57 25.72 -20.52
N GLY B 272 -17.87 24.48 -20.88
CA GLY B 272 -19.04 23.80 -20.34
C GLY B 272 -20.08 23.70 -21.44
N GLY B 273 -20.26 22.50 -21.97
CA GLY B 273 -21.07 22.33 -23.17
C GLY B 273 -20.26 22.58 -24.44
N ASN B 274 -19.57 23.72 -24.49
CA ASN B 274 -18.65 23.99 -25.60
C ASN B 274 -17.25 23.50 -25.26
N LEU B 275 -16.70 22.69 -26.16
CA LEU B 275 -15.30 22.28 -26.10
C LEU B 275 -14.60 22.81 -27.34
N THR B 276 -13.60 23.67 -27.13
CA THR B 276 -12.84 24.23 -28.23
C THR B 276 -11.39 23.75 -28.18
N ILE B 277 -10.87 23.39 -29.36
CA ILE B 277 -9.48 22.97 -29.49
C ILE B 277 -8.78 23.95 -30.42
N TRP B 278 -7.74 24.59 -29.91
CA TRP B 278 -7.02 25.60 -30.68
C TRP B 278 -5.79 24.99 -31.35
N ARG B 279 -5.55 25.38 -32.61
CA ARG B 279 -4.33 25.01 -33.32
C ARG B 279 -4.04 23.53 -33.13
N ILE B 280 -5.02 22.71 -33.49
CA ILE B 280 -5.00 21.29 -33.16
C ILE B 280 -3.78 20.64 -33.81
N ARG B 281 -3.01 19.92 -33.01
CA ARG B 281 -1.90 19.12 -33.52
C ARG B 281 -2.38 17.69 -33.75
N VAL B 282 -1.63 16.95 -34.57
CA VAL B 282 -2.09 15.65 -35.06
C VAL B 282 -2.36 14.68 -33.91
N GLU B 283 -1.56 14.75 -32.85
CA GLU B 283 -1.73 13.84 -31.72
C GLU B 283 -3.00 14.11 -30.92
N ASP B 284 -3.69 15.22 -31.21
CA ASP B 284 -4.95 15.51 -30.55
C ASP B 284 -6.09 14.65 -31.08
N SER B 285 -5.85 13.94 -32.19
CA SER B 285 -6.86 13.02 -32.72
C SER B 285 -7.38 12.11 -31.63
N GLY B 286 -8.59 11.58 -31.83
CA GLY B 286 -9.15 10.60 -30.92
C GLY B 286 -10.62 10.82 -30.67
N TYR B 287 -11.10 10.22 -29.58
CA TYR B 287 -12.52 10.28 -29.23
C TYR B 287 -12.76 11.33 -28.16
N TYR B 288 -13.67 12.25 -28.45
CA TYR B 288 -14.10 13.23 -27.46
C TYR B 288 -15.56 12.93 -27.10
N ASN B 289 -15.79 12.65 -25.82
CA ASN B 289 -17.11 12.24 -25.36
C ASN B 289 -17.72 13.28 -24.45
N CYS B 290 -18.93 13.70 -24.80
CA CYS B 290 -19.74 14.52 -23.93
C CYS B 290 -20.73 13.64 -23.18
N THR B 291 -20.77 13.78 -21.86
CA THR B 291 -21.63 12.94 -21.03
C THR B 291 -22.43 13.78 -20.05
N ALA B 292 -23.72 13.49 -19.94
CA ALA B 292 -24.60 14.16 -18.99
C ALA B 292 -25.08 13.17 -17.93
N ILE B 293 -25.05 13.60 -16.66
CA ILE B 293 -25.48 12.75 -15.56
C ILE B 293 -26.35 13.56 -14.61
N ASN B 294 -27.38 12.92 -14.06
CA ASN B 294 -28.21 13.54 -13.02
C ASN B 294 -28.77 12.53 -12.02
N ASN B 295 -28.17 11.34 -11.99
CA ASN B 295 -28.61 10.26 -11.09
C ASN B 295 -30.02 9.76 -11.38
N VAL B 296 -30.55 10.03 -12.58
CA VAL B 296 -31.81 9.42 -12.98
C VAL B 296 -31.63 8.75 -14.35
N GLY B 297 -31.92 7.45 -14.40
CA GLY B 297 -31.85 6.70 -15.63
C GLY B 297 -30.44 6.43 -16.12
N ASN B 298 -30.30 6.11 -17.41
CA ASN B 298 -28.98 5.96 -18.01
C ASN B 298 -28.39 7.34 -18.27
N PRO B 299 -27.12 7.55 -17.89
CA PRO B 299 -26.53 8.83 -18.27
C PRO B 299 -26.40 8.96 -19.78
N ALA B 300 -26.69 10.14 -20.31
CA ALA B 300 -26.57 10.37 -21.74
C ALA B 300 -25.13 10.66 -22.12
N LYS B 301 -24.67 10.08 -23.22
CA LYS B 301 -23.37 10.44 -23.76
C LYS B 301 -23.45 10.54 -25.29
N LYS B 302 -22.89 11.63 -25.82
CA LYS B 302 -22.66 11.77 -27.24
C LYS B 302 -21.17 11.70 -27.49
N THR B 303 -20.78 11.02 -28.57
CA THR B 303 -19.39 10.70 -28.81
C THR B 303 -19.01 11.09 -30.23
N VAL B 304 -17.95 11.89 -30.36
CA VAL B 304 -17.45 12.31 -31.65
C VAL B 304 -16.00 11.87 -31.80
N ASN B 305 -15.66 11.36 -32.97
CA ASN B 305 -14.32 10.91 -33.26
C ASN B 305 -13.63 11.94 -34.15
N LEU B 306 -12.64 12.63 -33.58
CA LEU B 306 -11.99 13.73 -34.26
C LEU B 306 -10.73 13.24 -34.96
N LEU B 307 -10.71 13.37 -36.28
CA LEU B 307 -9.61 12.88 -37.08
C LEU B 307 -8.91 14.04 -37.76
N VAL B 308 -7.74 14.42 -37.25
CA VAL B 308 -6.90 15.39 -37.92
C VAL B 308 -6.01 14.65 -38.91
N ARG B 309 -5.90 15.20 -40.11
CA ARG B 309 -5.26 14.51 -41.22
C ARG B 309 -3.74 14.48 -41.09
N SER B 310 -3.14 13.40 -41.56
CA SER B 310 -1.68 13.30 -41.66
C SER B 310 -1.29 12.21 -42.64
N LYS B 312 2.26 9.70 -43.36
CA LYS B 312 3.56 9.32 -42.82
C LYS B 312 4.02 7.99 -43.40
N ASN B 313 5.34 7.81 -43.47
CA ASN B 313 5.93 6.49 -43.72
C ASN B 313 5.55 5.98 -45.10
N ALA B 314 5.80 6.78 -46.12
CA ALA B 314 5.59 6.35 -47.49
C ALA B 314 6.60 5.27 -47.86
N THR B 315 6.10 4.15 -48.39
CA THR B 315 6.94 2.99 -48.65
C THR B 315 6.55 2.32 -49.95
N PHE B 316 7.55 1.78 -50.64
CA PHE B 316 7.33 1.02 -51.86
C PHE B 316 7.79 -0.43 -51.65
N GLN B 317 7.36 -1.32 -52.53
CA GLN B 317 7.78 -2.72 -52.46
C GLN B 317 8.02 -3.26 -53.86
N ILE B 318 9.14 -3.94 -54.00
CA ILE B 318 9.45 -4.68 -55.22
C ILE B 318 9.17 -6.15 -54.97
N THR B 319 8.19 -6.70 -55.67
CA THR B 319 7.87 -8.12 -55.56
C THR B 319 8.17 -8.82 -56.87
N PRO B 320 9.29 -9.56 -56.95
CA PRO B 320 9.52 -10.35 -58.16
C PRO B 320 8.43 -11.41 -58.35
N ASP B 321 8.40 -12.03 -59.52
CA ASP B 321 7.38 -13.03 -59.82
C ASP B 321 7.37 -14.09 -58.73
N VAL B 322 6.20 -14.29 -58.12
CA VAL B 322 6.05 -15.27 -57.05
C VAL B 322 5.86 -16.66 -57.65
N ILE B 323 5.12 -16.72 -58.75
CA ILE B 323 4.74 -18.00 -59.34
C ILE B 323 5.97 -18.74 -59.85
N LYS B 324 6.95 -18.00 -60.35
CA LYS B 324 8.24 -18.58 -60.72
C LYS B 324 9.17 -18.68 -59.52
N GLU B 325 8.65 -18.40 -58.32
CA GLU B 325 9.42 -18.49 -57.10
C GLU B 325 10.75 -17.74 -57.25
N SER B 326 10.65 -16.47 -57.61
CA SER B 326 11.83 -15.63 -57.84
C SER B 326 12.03 -14.65 -56.69
N GLU B 327 13.28 -14.25 -56.48
CA GLU B 327 13.60 -13.20 -55.53
C GLU B 327 14.37 -12.06 -56.21
N THR B 328 14.25 -11.99 -57.53
CA THR B 328 15.06 -11.07 -58.30
C THR B 328 14.29 -10.59 -59.53
N ILE B 329 14.58 -9.37 -59.97
CA ILE B 329 13.97 -8.83 -61.16
C ILE B 329 14.52 -9.56 -62.37
N GLN B 330 13.66 -10.30 -63.05
CA GLN B 330 14.07 -11.05 -64.23
C GLN B 330 13.14 -10.74 -65.40
N LEU B 331 13.73 -10.54 -66.57
CA LEU B 331 12.96 -10.24 -67.76
C LEU B 331 12.09 -11.43 -68.14
N GLY B 332 10.89 -11.16 -68.64
CA GLY B 332 9.93 -12.20 -68.92
C GLY B 332 9.24 -12.73 -67.67
N GLN B 333 9.15 -11.91 -66.65
CA GLN B 333 8.46 -12.29 -65.42
C GLN B 333 7.57 -11.15 -64.94
N ASP B 334 6.67 -11.45 -64.01
CA ASP B 334 5.83 -10.43 -63.39
C ASP B 334 6.59 -9.65 -62.34
N LEU B 335 6.44 -8.33 -62.37
CA LEU B 335 7.05 -7.45 -61.38
C LEU B 335 6.00 -6.52 -60.80
N LYS B 336 5.68 -6.69 -59.53
CA LYS B 336 4.80 -5.77 -58.84
C LYS B 336 5.58 -4.65 -58.15
N LEU B 337 5.07 -3.43 -58.29
CA LEU B 337 5.61 -2.29 -57.56
C LEU B 337 4.50 -1.71 -56.71
N SER B 338 4.53 -2.01 -55.41
CA SER B 338 3.50 -1.54 -54.51
C SER B 338 3.84 -0.18 -53.91
N CYS B 339 2.86 0.41 -53.24
CA CYS B 339 3.00 1.74 -52.68
C CYS B 339 2.01 1.91 -51.53
N HIS B 340 2.44 2.55 -50.47
CA HIS B 340 1.62 2.67 -49.27
C HIS B 340 2.02 3.86 -48.41
N VAL B 341 1.06 4.37 -47.65
CA VAL B 341 1.29 5.45 -46.71
C VAL B 341 0.37 5.27 -45.52
N ASP B 342 0.84 5.69 -44.35
CA ASP B 342 0.01 5.67 -43.16
C ASP B 342 -0.70 7.01 -43.03
N ALA B 343 -2.03 6.99 -43.05
CA ALA B 343 -2.83 8.21 -43.03
C ALA B 343 -4.00 8.04 -42.06
N VAL B 344 -4.41 9.12 -41.40
CA VAL B 344 -5.52 9.03 -40.45
C VAL B 344 -6.83 8.68 -41.14
N PRO B 345 -7.20 9.40 -42.21
CA PRO B 345 -8.40 8.94 -42.89
C PRO B 345 -7.87 8.02 -43.96
N GLN B 346 -7.47 6.83 -43.55
CA GLN B 346 -6.77 5.91 -44.43
C GLN B 346 -7.56 5.61 -45.70
N GLU B 347 -8.86 5.43 -45.57
CA GLU B 347 -9.70 5.14 -46.73
C GLU B 347 -9.77 6.32 -47.70
N LYS B 348 -9.27 7.47 -47.27
CA LYS B 348 -9.42 8.72 -48.03
C LYS B 348 -8.23 9.00 -48.94
N VAL B 349 -7.21 8.15 -48.89
CA VAL B 349 -5.99 8.36 -49.66
C VAL B 349 -6.21 7.96 -51.13
N VAL B 350 -5.41 8.54 -52.02
CA VAL B 350 -5.45 8.17 -53.43
C VAL B 350 -4.03 8.25 -53.99
N TYR B 351 -3.65 7.25 -54.77
CA TYR B 351 -2.28 7.10 -55.23
C TYR B 351 -2.15 7.35 -56.72
N SER B 352 -1.00 7.89 -57.11
CA SER B 352 -0.71 8.20 -58.50
C SER B 352 0.65 7.66 -58.89
N TRP B 353 0.70 6.87 -59.96
CA TRP B 353 1.92 6.20 -60.38
C TRP B 353 2.50 6.88 -61.62
N TYR B 354 3.71 7.41 -61.49
CA TYR B 354 4.40 8.02 -62.62
C TYR B 354 5.61 7.17 -63.04
N LYS B 355 6.11 7.43 -64.24
CA LYS B 355 7.23 6.68 -64.79
C LYS B 355 8.07 7.62 -65.63
N ASN B 356 9.25 7.94 -65.11
CA ASN B 356 10.13 8.94 -65.72
C ASN B 356 9.38 10.23 -66.03
N GLY B 357 8.50 10.63 -65.12
CA GLY B 357 7.61 11.76 -65.33
C GLY B 357 6.22 11.41 -65.80
N LYS B 358 6.10 10.25 -66.44
CA LYS B 358 4.95 9.96 -67.28
C LYS B 358 4.12 8.81 -66.71
N PRO B 359 2.82 9.04 -66.46
CA PRO B 359 1.94 7.93 -66.12
C PRO B 359 1.36 7.22 -67.35
N ALA B 360 1.05 5.93 -67.19
CA ALA B 360 0.49 5.15 -68.28
C ALA B 360 -0.17 3.91 -67.69
N ARG B 361 -1.24 3.46 -68.33
CA ARG B 361 -2.01 2.33 -67.83
C ARG B 361 -2.49 1.46 -68.98
N PHE B 362 -1.55 0.85 -69.68
CA PHE B 362 -1.89 -0.06 -70.76
C PHE B 362 -1.72 -1.49 -70.26
N SER B 363 -2.85 -2.18 -70.10
CA SER B 363 -2.84 -3.54 -69.59
C SER B 363 -2.46 -4.50 -70.70
N ASP B 364 -2.61 -5.79 -70.42
CA ASP B 364 -2.28 -6.84 -71.39
C ASP B 364 -0.78 -7.05 -71.44
N LEU B 367 1.12 -3.79 -68.70
CA LEU B 367 1.25 -3.25 -67.34
C LEU B 367 -0.12 -2.80 -66.83
N ILE B 368 -0.46 -3.21 -65.61
CA ILE B 368 -1.81 -3.06 -65.08
C ILE B 368 -1.73 -2.47 -63.68
N THR B 369 -2.79 -1.77 -63.28
CA THR B 369 -2.90 -1.23 -61.94
C THR B 369 -3.86 -2.08 -61.11
N ARG B 370 -3.42 -2.47 -59.93
CA ARG B 370 -4.29 -3.10 -58.94
C ARG B 370 -4.20 -2.30 -57.66
N ASN B 371 -5.35 -1.91 -57.12
CA ASN B 371 -5.41 -1.04 -55.96
C ASN B 371 -5.66 -1.78 -54.65
N ASP B 372 -6.02 -3.05 -54.72
CA ASP B 372 -6.26 -3.82 -53.51
C ASP B 372 -6.03 -5.31 -53.69
N PRO B 373 -4.77 -5.75 -53.56
CA PRO B 373 -4.45 -7.17 -53.60
C PRO B 373 -4.43 -7.71 -52.18
N GLU B 374 -3.86 -8.89 -51.96
CA GLU B 374 -3.77 -9.43 -50.61
C GLU B 374 -2.58 -8.80 -49.88
N LEU B 375 -1.81 -7.99 -50.60
CA LEU B 375 -0.62 -7.33 -50.06
C LEU B 375 -1.08 -6.37 -48.96
N PRO B 376 -0.17 -5.57 -48.37
CA PRO B 376 -0.60 -4.81 -47.18
C PRO B 376 -1.89 -4.02 -47.41
N PRO B 377 -2.46 -3.45 -46.34
CA PRO B 377 -3.79 -2.84 -46.45
C PRO B 377 -3.74 -1.50 -47.16
N VAL B 378 -4.61 -1.29 -48.13
CA VAL B 378 -4.72 0.00 -48.79
C VAL B 378 -3.43 0.31 -49.52
N THR B 379 -3.12 -0.49 -50.53
CA THR B 379 -1.87 -0.36 -51.27
C THR B 379 -2.14 -0.32 -52.76
N CYS B 380 -1.70 0.76 -53.41
CA CYS B 380 -1.71 0.84 -54.85
C CYS B 380 -0.49 0.13 -55.40
N SER B 381 -0.70 -0.75 -56.37
CA SER B 381 0.36 -1.59 -56.89
C SER B 381 0.14 -1.89 -58.36
N LEU B 382 1.05 -1.43 -59.20
CA LEU B 382 0.99 -1.72 -60.63
C LEU B 382 1.79 -2.99 -60.93
N GLU B 383 1.25 -3.83 -61.79
CA GLU B 383 1.94 -5.05 -62.22
C GLU B 383 2.49 -4.88 -63.62
N ILE B 384 3.68 -5.43 -63.86
CA ILE B 384 4.25 -5.47 -65.19
C ILE B 384 4.36 -6.93 -65.61
N ILE B 385 3.53 -7.32 -66.58
CA ILE B 385 3.56 -8.69 -67.08
C ILE B 385 4.63 -8.82 -68.16
N ASP B 386 5.37 -9.91 -68.13
CA ASP B 386 6.38 -10.20 -69.14
C ASP B 386 7.36 -9.02 -69.23
N LEU B 387 8.14 -8.84 -68.17
CA LEU B 387 9.02 -7.68 -68.03
C LEU B 387 9.98 -7.54 -69.22
N ARG B 388 10.14 -6.31 -69.68
CA ARG B 388 11.04 -6.01 -70.80
C ARG B 388 12.01 -4.90 -70.40
N PHE B 389 13.09 -4.78 -71.17
CA PHE B 389 14.03 -3.68 -70.98
C PHE B 389 13.33 -2.33 -71.08
N SER B 390 12.22 -2.28 -71.81
CA SER B 390 11.44 -1.07 -71.93
C SER B 390 10.82 -0.64 -70.61
N ASP B 391 10.78 -1.55 -69.64
CA ASP B 391 10.20 -1.24 -68.33
C ASP B 391 11.25 -0.75 -67.32
N TYR B 392 12.53 -0.90 -67.65
CA TYR B 392 13.58 -0.34 -66.79
C TYR B 392 13.47 1.17 -66.79
N GLY B 393 13.08 1.73 -65.65
CA GLY B 393 13.00 3.17 -65.50
C GLY B 393 12.82 3.62 -64.07
N THR B 394 12.57 4.91 -63.89
CA THR B 394 12.34 5.49 -62.57
C THR B 394 10.84 5.61 -62.34
N TYR B 395 10.33 4.85 -61.38
CA TYR B 395 8.91 4.90 -61.05
C TYR B 395 8.69 5.77 -59.82
N LEU B 396 7.64 6.57 -59.86
CA LEU B 396 7.27 7.41 -58.73
C LEU B 396 5.83 7.12 -58.34
N CYS B 397 5.59 7.01 -57.04
CA CYS B 397 4.23 6.90 -56.53
C CYS B 397 3.92 8.08 -55.63
N VAL B 398 2.80 8.73 -55.88
CA VAL B 398 2.44 9.94 -55.17
C VAL B 398 1.14 9.72 -54.42
N ALA B 399 1.23 9.71 -53.10
CA ALA B 399 0.05 9.62 -52.24
C ALA B 399 -0.43 11.02 -51.90
N THR B 400 -1.74 11.23 -52.02
CA THR B 400 -2.33 12.55 -51.80
C THR B 400 -3.76 12.44 -51.30
N PHE B 401 -4.19 13.46 -50.57
CA PHE B 401 -5.60 13.61 -50.24
C PHE B 401 -6.26 14.57 -51.24
N GLN B 402 -7.44 14.20 -51.70
CA GLN B 402 -8.14 15.01 -52.71
C GLN B 402 -8.37 16.43 -52.21
N GLY B 403 -7.68 17.39 -52.82
CA GLY B 403 -7.86 18.79 -52.47
C GLY B 403 -7.74 19.08 -50.98
N ALA B 404 -6.75 18.45 -50.34
CA ALA B 404 -6.49 18.69 -48.93
C ALA B 404 -5.26 19.57 -48.77
N PRO B 405 -5.27 20.46 -47.76
CA PRO B 405 -4.14 21.38 -47.60
C PRO B 405 -2.85 20.71 -47.14
N ILE B 406 -2.93 19.51 -46.58
CA ILE B 406 -1.73 18.79 -46.18
C ILE B 406 -0.88 18.55 -47.43
N PRO B 407 0.45 18.46 -47.26
CA PRO B 407 1.29 18.19 -48.43
C PRO B 407 1.24 16.72 -48.87
N ASP B 408 1.54 16.48 -50.14
CA ASP B 408 1.60 15.14 -50.69
C ASP B 408 2.89 14.43 -50.30
N LEU B 409 2.94 13.11 -50.51
CA LEU B 409 4.14 12.31 -50.28
C LEU B 409 4.43 11.46 -51.49
N SER B 410 5.71 11.16 -51.70
CA SER B 410 6.13 10.41 -52.87
C SER B 410 7.16 9.35 -52.49
N VAL B 411 7.34 8.37 -53.37
CA VAL B 411 8.36 7.34 -53.19
C VAL B 411 8.90 6.98 -54.57
N GLU B 412 10.15 7.34 -54.80
CA GLU B 412 10.81 6.99 -56.05
C GLU B 412 11.46 5.63 -55.91
N VAL B 413 11.42 4.84 -56.98
CA VAL B 413 11.99 3.50 -56.96
C VAL B 413 12.54 3.16 -58.34
N ASN B 414 13.85 3.31 -58.50
CA ASN B 414 14.50 3.00 -59.77
C ASN B 414 14.58 1.50 -59.98
N ILE B 415 14.07 1.02 -61.11
CA ILE B 415 14.27 -0.36 -61.53
C ILE B 415 15.26 -0.37 -62.68
N SER B 416 16.27 -1.22 -62.57
CA SER B 416 17.24 -1.44 -63.63
C SER B 416 17.91 -2.79 -63.44
N SER B 417 18.76 -3.18 -64.37
CA SER B 417 19.57 -4.37 -64.21
C SER B 417 20.34 -4.34 -62.89
N GLU B 418 20.70 -3.15 -62.44
CA GLU B 418 21.48 -2.99 -61.22
C GLU B 418 20.69 -3.37 -59.98
N THR B 419 19.37 -3.20 -60.02
CA THR B 419 18.54 -3.48 -58.86
C THR B 419 18.57 -4.97 -58.55
N VAL B 420 18.76 -5.29 -57.28
CA VAL B 420 19.15 -6.62 -56.88
C VAL B 420 18.73 -6.82 -55.42
N PRO B 421 18.28 -8.03 -55.06
CA PRO B 421 17.87 -8.21 -53.67
C PRO B 421 19.02 -7.93 -52.70
N PRO B 422 18.71 -7.80 -51.40
CA PRO B 422 19.73 -7.38 -50.45
C PRO B 422 20.46 -8.53 -49.78
N THR B 423 21.62 -8.21 -49.22
CA THR B 423 22.30 -9.11 -48.29
C THR B 423 22.64 -8.34 -47.04
N ILE B 424 22.65 -9.01 -45.90
CA ILE B 424 22.91 -8.37 -44.62
C ILE B 424 24.05 -9.07 -43.92
N SER B 425 24.84 -8.31 -43.17
CA SER B 425 25.95 -8.85 -42.43
C SER B 425 26.23 -8.00 -41.20
N VAL B 426 27.11 -8.49 -40.33
CA VAL B 426 27.56 -7.75 -39.18
C VAL B 426 28.95 -7.19 -39.50
N PRO B 427 29.15 -5.88 -39.34
CA PRO B 427 30.43 -5.33 -39.80
C PRO B 427 31.59 -5.90 -39.02
N LYS B 428 32.65 -6.29 -39.73
CA LYS B 428 33.82 -6.90 -39.12
C LYS B 428 33.34 -8.15 -38.40
N GLY B 429 33.77 -8.36 -37.16
CA GLY B 429 33.16 -9.37 -36.32
C GLY B 429 32.62 -8.75 -35.04
N GLN B 430 31.72 -7.78 -35.19
CA GLN B 430 30.95 -7.25 -34.07
C GLN B 430 29.73 -8.11 -33.77
N SER B 431 29.88 -9.41 -33.98
CA SER B 431 28.81 -10.35 -33.68
C SER B 431 28.46 -10.31 -32.20
N THR B 432 29.49 -10.37 -31.36
CA THR B 432 29.29 -10.23 -29.92
C THR B 432 29.82 -8.88 -29.47
N ILE B 433 28.97 -8.12 -28.78
CA ILE B 433 29.36 -6.81 -28.26
C ILE B 433 29.06 -6.79 -26.77
N THR B 434 30.09 -6.59 -25.96
CA THR B 434 29.96 -6.61 -24.52
C THR B 434 29.92 -5.19 -23.98
N VAL B 435 29.06 -4.97 -22.98
CA VAL B 435 28.95 -3.68 -22.33
C VAL B 435 28.70 -3.87 -20.84
N ARG B 436 29.06 -2.85 -20.06
CA ARG B 436 28.78 -2.84 -18.63
C ARG B 436 27.34 -2.42 -18.40
N GLU B 437 26.70 -3.02 -17.40
CA GLU B 437 25.33 -2.71 -17.08
C GLU B 437 25.18 -1.21 -16.86
N GLY B 438 24.04 -0.65 -17.27
CA GLY B 438 23.80 0.78 -17.14
C GLY B 438 24.26 1.59 -18.35
N SER B 439 25.43 1.25 -18.89
CA SER B 439 25.96 1.96 -20.04
C SER B 439 25.04 1.89 -21.25
N ARG B 440 25.43 2.54 -22.34
CA ARG B 440 24.71 2.42 -23.59
C ARG B 440 25.30 1.29 -24.44
N ALA B 441 24.44 0.60 -25.17
CA ALA B 441 24.87 -0.43 -26.09
C ALA B 441 24.42 -0.09 -27.50
N GLU B 442 25.27 -0.38 -28.47
CA GLU B 442 24.97 -0.06 -29.86
C GLU B 442 25.20 -1.30 -30.71
N LEU B 443 24.13 -1.91 -31.17
CA LEU B 443 24.22 -3.04 -32.07
C LEU B 443 24.17 -2.55 -33.51
N GLN B 444 24.99 -3.15 -34.36
CA GLN B 444 25.17 -2.64 -35.71
C GLN B 444 25.10 -3.75 -36.74
N CYS B 445 24.34 -3.51 -37.80
CA CYS B 445 24.31 -4.37 -38.97
C CYS B 445 24.49 -3.53 -40.23
N GLU B 446 24.97 -4.16 -41.30
CA GLU B 446 25.21 -3.49 -42.56
C GLU B 446 24.52 -4.22 -43.69
N VAL B 447 23.77 -3.49 -44.50
CA VAL B 447 22.94 -4.09 -45.53
C VAL B 447 23.42 -3.59 -46.89
N ARG B 448 23.45 -4.49 -47.86
CA ARG B 448 23.98 -4.19 -49.19
C ARG B 448 22.98 -4.58 -50.25
N GLY B 449 22.78 -3.70 -51.22
CA GLY B 449 21.85 -3.95 -52.30
C GLY B 449 21.32 -2.68 -52.94
N LYS B 450 20.59 -2.85 -54.03
CA LYS B 450 19.97 -1.73 -54.73
C LYS B 450 18.48 -1.99 -54.97
N PRO B 451 17.59 -1.25 -54.29
CA PRO B 451 17.83 -0.24 -53.25
C PRO B 451 18.26 -0.87 -51.93
N LYS B 452 18.75 -0.04 -51.00
CA LYS B 452 19.08 -0.52 -49.67
C LYS B 452 17.87 -0.42 -48.75
N PRO B 453 17.36 -1.57 -48.27
CA PRO B 453 16.20 -1.47 -47.38
C PRO B 453 16.62 -1.16 -45.95
N PRO B 454 15.66 -0.75 -45.11
CA PRO B 454 15.99 -0.56 -43.70
C PRO B 454 16.12 -1.88 -42.95
N ILE B 455 16.76 -1.82 -41.78
CA ILE B 455 16.98 -3.01 -40.97
C ILE B 455 15.92 -3.10 -39.88
N ILE B 456 15.51 -4.32 -39.56
CA ILE B 456 14.53 -4.55 -38.52
C ILE B 456 15.20 -5.34 -37.40
N TRP B 457 15.32 -4.71 -36.23
CA TRP B 457 15.91 -5.39 -35.08
C TRP B 457 14.85 -6.06 -34.22
N SER B 458 15.07 -7.34 -33.91
CA SER B 458 14.27 -8.05 -32.94
C SER B 458 15.18 -8.81 -31.98
N ARG B 459 14.59 -9.33 -30.90
CA ARG B 459 15.32 -10.21 -29.99
C ARG B 459 14.85 -11.64 -30.20
N VAL B 460 15.77 -12.60 -30.03
CA VAL B 460 15.51 -13.98 -30.40
C VAL B 460 15.54 -14.91 -29.19
N ASP B 461 16.47 -14.70 -28.27
CA ASP B 461 16.54 -15.54 -27.07
C ASP B 461 15.23 -15.43 -26.28
N LYS B 462 14.56 -14.28 -26.37
CA LYS B 462 13.29 -14.08 -25.69
C LYS B 462 12.35 -13.22 -26.55
N GLU B 463 11.12 -13.08 -26.08
CA GLU B 463 10.15 -12.21 -26.72
C GLU B 463 9.93 -10.99 -25.83
N THR B 464 10.80 -10.00 -25.98
CA THR B 464 10.68 -8.75 -25.24
C THR B 464 10.55 -7.58 -26.22
N PRO B 465 10.22 -6.39 -25.69
CA PRO B 465 10.12 -5.22 -26.56
C PRO B 465 11.47 -4.56 -26.79
N PRO B 467 13.71 -0.44 -27.62
CA PRO B 467 13.69 1.02 -27.53
C PRO B 467 12.34 1.63 -27.90
N SER B 468 11.81 1.24 -29.05
CA SER B 468 10.53 1.77 -29.52
C SER B 468 9.33 1.25 -28.71
N GLY B 469 9.59 0.39 -27.72
CA GLY B 469 8.52 -0.16 -26.91
C GLY B 469 7.67 -1.21 -27.61
N THR B 470 8.06 -1.59 -28.82
CA THR B 470 7.34 -2.61 -29.57
C THR B 470 8.26 -3.78 -29.91
N THR B 472 9.54 -4.98 -32.70
CA THR B 472 10.61 -4.78 -33.67
C THR B 472 10.86 -3.29 -33.87
N VAL B 473 12.05 -2.95 -34.36
CA VAL B 473 12.44 -1.56 -34.52
C VAL B 473 12.97 -1.33 -35.91
N GLU B 474 12.47 -0.29 -36.56
CA GLU B 474 12.96 0.11 -37.87
C GLU B 474 14.20 0.96 -37.69
N THR B 475 15.16 0.80 -38.60
CA THR B 475 16.38 1.58 -38.56
C THR B 475 17.03 1.58 -39.94
N TYR B 476 17.43 2.76 -40.39
CA TYR B 476 18.09 2.90 -41.68
C TYR B 476 19.61 2.93 -41.57
N ASP B 477 20.13 3.58 -40.52
CA ASP B 477 21.56 3.55 -40.25
C ASP B 477 22.05 2.19 -39.77
N GLY B 478 21.14 1.23 -39.60
CA GLY B 478 21.51 -0.09 -39.15
C GLY B 478 22.03 -0.15 -37.72
N LYS B 479 21.86 0.92 -36.97
CA LYS B 479 22.25 0.93 -35.57
C LYS B 479 21.04 0.77 -34.66
N LEU B 480 21.22 -0.02 -33.61
CA LEU B 480 20.22 -0.15 -32.56
C LEU B 480 20.84 0.33 -31.25
N ARG B 481 20.30 1.41 -30.70
CA ARG B 481 20.87 2.01 -29.50
C ARG B 481 20.05 1.63 -28.27
N LEU B 482 20.76 1.20 -27.24
CA LEU B 482 20.14 0.84 -25.98
C LEU B 482 20.78 1.70 -24.90
N GLU B 483 20.03 2.64 -24.34
CA GLU B 483 20.61 3.69 -23.51
C GLU B 483 21.06 3.14 -22.15
N SER B 484 20.11 2.64 -21.37
CA SER B 484 20.43 2.10 -20.05
C SER B 484 20.24 0.59 -20.11
N VAL B 485 21.31 -0.11 -20.42
CA VAL B 485 21.22 -1.55 -20.67
C VAL B 485 21.13 -2.30 -19.36
N SER B 486 20.20 -3.25 -19.30
CA SER B 486 19.98 -4.05 -18.11
C SER B 486 20.45 -5.48 -18.35
N ARG B 487 20.98 -6.12 -17.31
CA ARG B 487 21.51 -7.48 -17.42
C ARG B 487 20.47 -8.43 -18.02
N ASP B 488 19.21 -8.23 -17.67
CA ASP B 488 18.13 -9.05 -18.23
C ASP B 488 18.09 -8.99 -19.76
N SER B 490 20.72 -9.00 -21.77
CA SER B 490 21.82 -9.74 -22.38
C SER B 490 21.29 -10.98 -23.08
N GLY B 491 21.73 -11.19 -24.32
CA GLY B 491 21.23 -12.28 -25.11
C GLY B 491 21.61 -12.18 -26.57
N THR B 492 20.79 -12.75 -27.44
CA THR B 492 21.03 -12.73 -28.87
C THR B 492 20.02 -11.81 -29.54
N TYR B 493 20.47 -11.08 -30.55
CA TYR B 493 19.62 -10.11 -31.24
C TYR B 493 19.71 -10.31 -32.74
N LYS B 494 18.57 -10.20 -33.41
CA LYS B 494 18.49 -10.42 -34.85
C LYS B 494 18.29 -9.09 -35.57
N CYS B 495 19.01 -8.93 -36.68
CA CYS B 495 18.77 -7.83 -37.60
C CYS B 495 18.42 -8.42 -38.95
N GLN B 496 17.40 -7.87 -39.60
CA GLN B 496 16.93 -8.43 -40.86
C GLN B 496 16.47 -7.35 -41.82
N THR B 497 16.46 -7.69 -43.10
CA THR B 497 16.03 -6.76 -44.14
C THR B 497 14.52 -6.59 -44.10
N ALA B 498 14.08 -5.34 -44.21
CA ALA B 498 12.66 -5.06 -44.28
C ALA B 498 12.09 -5.58 -45.60
N ARG B 499 10.79 -5.85 -45.61
CA ARG B 499 10.10 -6.17 -46.85
C ARG B 499 9.60 -4.92 -47.57
N TYR B 500 9.86 -3.74 -47.01
CA TYR B 500 9.42 -2.50 -47.64
C TYR B 500 10.61 -1.59 -47.96
N ASN B 501 10.37 -0.54 -48.74
CA ASN B 501 11.43 0.28 -49.28
C ASN B 501 12.52 -0.60 -49.88
N GLY B 502 12.09 -1.63 -50.59
CA GLY B 502 13.00 -2.60 -51.19
C GLY B 502 12.26 -3.84 -51.62
N PHE B 503 12.99 -4.95 -51.77
CA PHE B 503 12.38 -6.19 -52.23
C PHE B 503 11.46 -6.77 -51.18
N ASN B 504 10.29 -7.22 -51.61
CA ASN B 504 9.39 -7.96 -50.74
C ASN B 504 9.69 -9.44 -50.90
N ILE B 505 10.79 -9.86 -50.27
CA ILE B 505 11.24 -11.25 -50.35
C ILE B 505 11.59 -11.71 -48.95
N ARG B 506 11.72 -13.03 -48.79
CA ARG B 506 12.16 -13.61 -47.53
C ARG B 506 13.32 -12.78 -46.95
N PRO B 507 13.11 -12.19 -45.77
CA PRO B 507 14.15 -11.29 -45.24
C PRO B 507 15.46 -11.99 -44.92
N ARG B 508 16.56 -11.34 -45.23
CA ARG B 508 17.88 -11.85 -44.86
C ARG B 508 18.16 -11.48 -43.41
N GLU B 509 18.83 -12.37 -42.70
CA GLU B 509 18.96 -12.24 -41.26
C GLU B 509 20.41 -12.31 -40.82
N ALA B 510 20.70 -11.73 -39.66
CA ALA B 510 22.02 -11.80 -39.05
C ALA B 510 21.87 -11.54 -37.56
N LEU B 511 22.69 -12.22 -36.76
CA LEU B 511 22.55 -12.18 -35.31
C LEU B 511 23.74 -11.51 -34.65
N VAL B 512 23.49 -10.83 -33.53
CA VAL B 512 24.55 -10.28 -32.70
C VAL B 512 24.29 -10.63 -31.25
N GLN B 513 25.35 -10.97 -30.53
CA GLN B 513 25.26 -11.25 -29.10
C GLN B 513 25.46 -9.98 -28.30
N LEU B 514 24.82 -9.91 -27.14
CA LEU B 514 24.97 -8.77 -26.25
C LEU B 514 25.26 -9.27 -24.84
N ASN B 515 26.52 -9.13 -24.42
CA ASN B 515 26.88 -9.42 -23.04
C ASN B 515 26.75 -8.17 -22.19
N VAL B 516 26.03 -8.30 -21.07
CA VAL B 516 25.89 -7.20 -20.13
C VAL B 516 26.62 -7.58 -18.85
N GLN B 517 27.87 -7.14 -18.75
CA GLN B 517 28.63 -7.32 -17.51
C GLN B 517 28.11 -6.40 -16.43
N PHE B 518 28.42 -6.74 -15.17
CA PHE B 518 28.00 -5.94 -14.03
C PHE B 518 28.95 -6.18 -12.87
N PRO B 519 29.02 -5.23 -11.92
CA PRO B 519 30.04 -5.30 -10.87
C PRO B 519 29.78 -6.41 -9.86
N PRO B 520 30.76 -6.69 -8.98
CA PRO B 520 30.57 -7.77 -8.01
C PRO B 520 29.56 -7.45 -6.92
N VAL B 521 29.08 -8.48 -6.25
CA VAL B 521 28.30 -8.34 -5.03
C VAL B 521 28.89 -9.27 -4.00
N VAL B 522 29.38 -8.70 -2.90
CA VAL B 522 30.17 -9.47 -1.95
C VAL B 522 29.48 -9.55 -0.59
N GLU B 523 29.99 -10.45 0.25
CA GLU B 523 29.42 -10.70 1.57
C GLU B 523 30.57 -11.12 2.50
N PRO B 524 30.60 -10.57 3.73
CA PRO B 524 29.67 -9.64 4.40
C PRO B 524 30.00 -8.18 4.14
N ALA B 525 28.96 -7.34 4.00
CA ALA B 525 29.16 -5.91 3.83
C ALA B 525 29.78 -5.32 5.09
N PHE B 526 29.28 -5.77 6.23
CA PHE B 526 29.91 -5.43 7.50
C PHE B 526 29.83 -6.59 8.48
N GLN B 527 30.90 -6.80 9.23
CA GLN B 527 30.94 -7.85 10.23
C GLN B 527 31.78 -7.41 11.42
N ASP B 528 31.22 -7.51 12.61
CA ASP B 528 31.94 -7.14 13.82
C ASP B 528 32.55 -8.40 14.42
N VAL B 529 33.87 -8.53 14.25
CA VAL B 529 34.58 -9.74 14.65
C VAL B 529 35.34 -9.48 15.93
N ARG B 530 35.19 -10.38 16.89
CA ARG B 530 35.80 -10.24 18.19
C ARG B 530 36.72 -11.43 18.46
N GLN B 531 37.79 -11.19 19.20
CA GLN B 531 38.74 -12.25 19.53
C GLN B 531 39.62 -11.82 20.69
N GLY B 532 39.96 -12.76 21.54
CA GLY B 532 40.85 -12.50 22.64
C GLY B 532 42.22 -12.04 22.17
N GLY B 534 46.07 -11.50 21.36
CA GLY B 534 47.13 -12.41 21.01
C GLY B 534 46.75 -13.50 20.03
N ARG B 535 45.49 -13.92 20.07
CA ARG B 535 45.01 -14.95 19.16
C ARG B 535 44.89 -14.37 17.76
N SER B 536 44.65 -15.23 16.78
CA SER B 536 44.49 -14.77 15.40
C SER B 536 43.04 -14.84 14.95
N VAL B 537 42.74 -14.15 13.85
CA VAL B 537 41.43 -14.23 13.20
C VAL B 537 41.65 -14.07 11.71
N THR B 538 40.79 -14.72 10.93
CA THR B 538 40.83 -14.59 9.48
C THR B 538 39.52 -13.99 8.97
N LEU B 539 39.65 -13.05 8.05
CA LEU B 539 38.50 -12.38 7.47
C LEU B 539 38.33 -12.83 6.03
N ARG B 540 37.13 -13.26 5.67
CA ARG B 540 36.84 -13.67 4.31
C ARG B 540 35.81 -12.76 3.68
N CYS B 541 36.13 -12.29 2.47
CA CYS B 541 35.18 -11.56 1.65
C CYS B 541 34.83 -12.43 0.45
N THR B 542 33.57 -12.82 0.36
CA THR B 542 33.14 -13.77 -0.66
C THR B 542 32.27 -13.09 -1.71
N LEU B 544 29.39 -13.24 -4.50
CA LEU B 544 28.17 -14.01 -4.77
C LEU B 544 27.70 -13.85 -6.21
N LYS B 545 27.45 -12.60 -6.62
CA LYS B 545 27.05 -12.32 -7.98
C LYS B 545 28.12 -11.49 -8.68
N GLY B 546 28.13 -11.53 -10.02
CA GLY B 546 29.08 -10.77 -10.79
C GLY B 546 29.42 -11.40 -12.13
N SER B 547 29.35 -10.58 -13.19
CA SER B 547 29.81 -11.01 -14.51
C SER B 547 30.87 -10.03 -15.01
N PRO B 548 32.12 -10.48 -15.13
CA PRO B 548 32.69 -11.80 -14.86
C PRO B 548 32.51 -12.29 -13.42
N LYS B 550 34.50 -13.86 -11.44
CA LYS B 550 35.79 -14.22 -10.86
C LYS B 550 36.39 -13.02 -10.17
N VAL B 551 37.11 -13.27 -9.08
CA VAL B 551 37.84 -12.22 -8.40
C VAL B 551 39.05 -11.84 -9.25
N ALA B 552 38.94 -10.74 -10.00
CA ALA B 552 40.08 -10.22 -10.73
C ALA B 552 41.17 -9.78 -9.76
N THR B 553 40.78 -9.04 -8.73
CA THR B 553 41.73 -8.55 -7.73
C THR B 553 41.03 -8.26 -6.40
N SER B 554 41.75 -8.48 -5.32
CA SER B 554 41.30 -8.09 -3.99
C SER B 554 42.37 -7.25 -3.33
N VAL B 555 41.95 -6.15 -2.70
CA VAL B 555 42.88 -5.24 -2.04
C VAL B 555 42.39 -4.99 -0.63
N TRP B 556 43.18 -5.41 0.35
CA TRP B 556 42.84 -5.20 1.76
C TRP B 556 43.45 -3.91 2.28
N ARG B 557 42.65 -3.18 3.07
CA ARG B 557 43.12 -1.97 3.73
C ARG B 557 42.84 -2.05 5.22
N PHE B 558 43.73 -1.44 6.00
CA PHE B 558 43.57 -1.37 7.44
C PHE B 558 43.64 0.08 7.88
N ASN B 559 42.61 0.53 8.59
CA ASN B 559 42.48 1.92 9.01
C ASN B 559 43.04 2.88 7.95
N GLY B 560 42.69 2.60 6.70
CA GLY B 560 42.95 3.51 5.60
C GLY B 560 44.11 3.16 4.68
N THR B 561 45.07 2.39 5.17
CA THR B 561 46.28 2.09 4.40
C THR B 561 46.24 0.67 3.87
N LEU B 562 46.94 0.44 2.75
CA LEU B 562 46.92 -0.84 2.07
C LEU B 562 47.76 -1.88 2.78
N LEU B 563 47.35 -3.15 2.66
CA LEU B 563 48.13 -4.28 3.13
C LEU B 563 48.55 -5.17 1.98
N ALA B 564 49.61 -5.94 2.20
CA ALA B 564 50.02 -6.98 1.26
C ALA B 564 49.54 -8.32 1.80
N GLN B 565 48.98 -9.14 0.91
CA GLN B 565 48.52 -10.47 1.29
C GLN B 565 48.89 -11.47 0.19
N PRO B 566 48.36 -12.71 0.27
CA PRO B 566 48.73 -13.66 -0.78
C PRO B 566 48.44 -13.12 -2.18
N PRO B 567 49.34 -13.34 -3.14
CA PRO B 567 49.15 -12.74 -4.47
C PRO B 567 48.04 -13.41 -5.27
N ALA B 568 48.02 -14.73 -5.30
CA ALA B 568 47.06 -15.47 -6.10
C ALA B 568 45.72 -15.54 -5.36
N GLU B 569 44.72 -14.82 -5.87
CA GLU B 569 43.39 -14.92 -5.31
C GLU B 569 42.70 -16.17 -5.80
N GLN B 570 42.06 -16.87 -4.87
CA GLN B 570 41.09 -17.90 -5.25
C GLN B 570 39.92 -17.23 -5.93
N GLN B 571 39.32 -17.89 -6.91
CA GLN B 571 38.01 -17.47 -7.37
C GLN B 571 37.09 -17.36 -6.16
N ASP B 572 36.02 -16.59 -6.31
CA ASP B 572 34.91 -16.62 -5.37
C ASP B 572 35.10 -15.80 -4.08
N TYR B 573 36.34 -15.65 -3.61
CA TYR B 573 36.55 -14.89 -2.38
C TYR B 573 38.01 -14.47 -2.17
N SER B 574 38.21 -13.63 -1.15
CA SER B 574 39.53 -13.24 -0.71
C SER B 574 39.61 -13.36 0.80
N GLU B 575 40.79 -13.70 1.32
CA GLU B 575 40.97 -13.90 2.75
C GLU B 575 42.16 -13.10 3.29
N LEU B 576 42.01 -12.63 4.52
CA LEU B 576 43.11 -11.99 5.24
C LEU B 576 43.21 -12.54 6.66
N LYS B 577 44.43 -12.82 7.09
CA LYS B 577 44.66 -13.35 8.43
C LYS B 577 45.40 -12.33 9.28
N VAL B 578 44.75 -11.91 10.36
CA VAL B 578 45.40 -11.09 11.37
C VAL B 578 46.09 -12.03 12.33
N ASP B 579 47.42 -11.98 12.35
CA ASP B 579 48.21 -12.94 13.12
C ASP B 579 47.91 -12.81 14.61
N SER B 580 48.05 -11.60 15.14
CA SER B 580 47.86 -11.37 16.57
C SER B 580 46.94 -10.17 16.79
N VAL B 581 45.73 -10.43 17.29
CA VAL B 581 44.78 -9.36 17.56
C VAL B 581 45.25 -8.56 18.78
N SER B 582 45.75 -7.35 18.52
CA SER B 582 46.25 -6.46 19.56
C SER B 582 45.65 -5.07 19.39
N ARG B 583 46.04 -4.13 20.25
CA ARG B 583 45.63 -2.73 20.06
C ARG B 583 46.07 -2.24 18.68
N GLU B 584 47.24 -2.70 18.24
CA GLU B 584 47.82 -2.22 17.00
C GLU B 584 47.18 -2.84 15.76
N THR B 585 46.67 -4.07 15.89
CA THR B 585 46.04 -4.73 14.75
C THR B 585 44.52 -4.63 14.77
N SER B 586 43.95 -4.34 15.94
CA SER B 586 42.49 -4.19 16.02
C SER B 586 42.08 -2.88 15.37
N GLY B 587 40.97 -2.89 14.65
CA GLY B 587 40.56 -1.75 13.86
C GLY B 587 39.57 -2.15 12.79
N SER B 588 39.54 -1.38 11.71
CA SER B 588 38.61 -1.63 10.62
C SER B 588 39.37 -2.11 9.40
N TYR B 589 38.99 -3.28 8.90
CA TYR B 589 39.61 -3.86 7.71
C TYR B 589 38.62 -3.79 6.55
N GLU B 590 39.14 -3.45 5.37
CA GLU B 590 38.31 -3.30 4.18
C GLU B 590 38.91 -4.08 3.03
N CYS B 591 38.17 -5.08 2.56
CA CYS B 591 38.56 -5.83 1.38
C CYS B 591 37.77 -5.36 0.18
N SER B 592 38.44 -4.76 -0.78
CA SER B 592 37.79 -4.28 -1.99
C SER B 592 38.02 -5.30 -3.10
N ILE B 593 37.05 -6.19 -3.27
CA ILE B 593 37.10 -7.21 -4.32
C ILE B 593 36.63 -6.58 -5.61
N SER B 594 37.22 -7.04 -6.71
CA SER B 594 36.93 -6.44 -8.01
C SER B 594 36.98 -7.48 -9.12
N ASN B 595 35.95 -7.47 -9.96
CA ASN B 595 36.04 -8.07 -11.28
C ASN B 595 36.54 -6.98 -12.22
N ASP B 596 36.65 -7.28 -13.51
CA ASP B 596 37.20 -6.31 -14.45
C ASP B 596 36.27 -5.11 -14.71
N VAL B 597 35.13 -5.06 -14.02
CA VAL B 597 34.09 -4.08 -14.36
C VAL B 597 33.85 -3.10 -13.21
N GLY B 598 33.86 -3.61 -11.98
CA GLY B 598 33.65 -2.74 -10.83
C GLY B 598 34.29 -3.25 -9.55
N VAL B 599 33.96 -2.59 -8.44
CA VAL B 599 34.49 -2.96 -7.14
C VAL B 599 33.38 -2.98 -6.10
N SER B 600 33.50 -3.90 -5.16
CA SER B 600 32.59 -3.96 -4.02
C SER B 600 33.39 -4.50 -2.84
N ALA B 601 33.05 -4.07 -1.64
CA ALA B 601 33.92 -4.29 -0.49
C ALA B 601 33.19 -4.86 0.70
N CYS B 602 33.85 -5.81 1.37
CA CYS B 602 33.47 -6.21 2.71
C CYS B 602 34.17 -5.31 3.71
N LEU B 603 33.58 -5.14 4.88
CA LEU B 603 34.12 -4.28 5.91
C LEU B 603 34.11 -4.99 7.25
N PHE B 604 35.28 -5.23 7.81
CA PHE B 604 35.40 -5.96 9.06
C PHE B 604 35.86 -5.06 10.19
N GLN B 605 35.31 -5.29 11.37
CA GLN B 605 35.73 -4.57 12.57
C GLN B 605 36.37 -5.55 13.53
N VAL B 606 37.69 -5.46 13.66
CA VAL B 606 38.45 -6.41 14.47
C VAL B 606 38.85 -5.75 15.78
N SER B 607 38.62 -6.46 16.89
CA SER B 607 39.00 -5.98 18.21
C SER B 607 38.86 -7.09 19.23
N ALA B 608 39.36 -6.84 20.43
CA ALA B 608 39.20 -7.77 21.55
C ALA B 608 38.33 -7.15 22.64
N LYS B 609 37.39 -6.30 22.25
CA LYS B 609 36.45 -5.74 23.20
C LYS B 609 35.39 -6.78 23.54
N ALA B 610 35.08 -6.88 24.83
CA ALA B 610 34.04 -7.78 25.29
C ALA B 610 32.66 -7.30 24.85
N TYR B 611 31.74 -8.24 24.70
CA TYR B 611 30.38 -7.90 24.29
C TYR B 611 29.61 -7.19 25.40
N SER B 612 28.47 -6.61 25.04
CA SER B 612 27.69 -5.81 25.98
C SER B 612 27.10 -6.68 27.09
N PRO B 613 26.99 -6.12 28.31
CA PRO B 613 26.16 -6.83 29.30
C PRO B 613 24.70 -6.74 28.93
N GLU B 614 23.93 -7.78 29.28
CA GLU B 614 22.54 -7.88 28.91
C GLU B 614 21.69 -7.80 30.17
N PHE B 615 21.09 -6.63 30.39
CA PHE B 615 20.31 -6.41 31.60
C PHE B 615 19.15 -7.39 31.68
N TYR B 616 18.86 -7.84 32.91
CA TYR B 616 17.77 -8.79 33.15
C TYR B 616 16.55 -8.04 33.65
N TYR B 617 15.46 -8.09 32.87
CA TYR B 617 14.31 -7.23 33.12
C TYR B 617 13.16 -7.90 33.85
N ASP B 618 13.19 -9.23 33.99
CA ASP B 618 12.00 -9.96 34.41
C ASP B 618 12.08 -10.37 35.87
N THR B 619 12.13 -9.38 36.75
CA THR B 619 12.06 -9.60 38.19
C THR B 619 11.53 -8.34 38.89
N PRO B 620 10.77 -8.50 39.99
CA PRO B 620 10.47 -7.33 40.82
C PRO B 620 11.64 -7.01 41.74
N ASN B 621 12.19 -5.80 41.60
CA ASN B 621 13.58 -5.52 41.97
C ASN B 621 13.81 -4.86 43.32
N PRO B 622 12.98 -3.87 43.71
CA PRO B 622 13.45 -3.02 44.80
C PRO B 622 13.37 -3.65 46.18
N THR B 623 14.18 -3.13 47.09
CA THR B 623 14.19 -3.57 48.48
C THR B 623 14.18 -2.33 49.35
N LEU B 624 13.07 -2.11 50.06
CA LEU B 624 12.92 -0.91 50.86
C LEU B 624 13.69 -1.05 52.17
N SER B 625 14.68 -0.18 52.32
CA SER B 625 15.64 -0.25 53.42
C SER B 625 15.07 0.41 54.67
N GLN B 626 14.75 -0.41 55.67
CA GLN B 626 14.29 0.09 56.95
C GLN B 626 13.01 0.91 56.74
N LYS B 627 12.94 2.13 57.25
CA LYS B 627 11.69 2.89 57.18
C LYS B 627 11.48 3.43 55.76
N GLN B 628 10.29 3.19 55.22
CA GLN B 628 9.97 3.71 53.89
C GLN B 628 9.99 5.24 53.93
N SER B 629 9.80 5.87 52.78
CA SER B 629 10.01 7.31 52.61
C SER B 629 11.50 7.65 52.73
N LYS B 630 12.34 6.62 52.84
CA LYS B 630 13.78 6.77 52.88
C LYS B 630 14.38 5.94 51.76
N ASN B 631 15.70 6.00 51.64
CA ASN B 631 16.43 5.26 50.62
C ASN B 631 15.83 3.87 50.36
N TYR B 632 15.79 3.49 49.09
CA TYR B 632 15.55 2.10 48.74
C TYR B 632 16.77 1.58 47.98
N SER B 633 16.84 0.27 47.82
CA SER B 633 17.91 -0.33 47.05
C SER B 633 17.35 -1.13 45.89
N TYR B 634 18.15 -1.28 44.84
CA TYR B 634 17.72 -1.94 43.62
C TYR B 634 18.58 -3.16 43.35
N ILE B 635 17.95 -4.26 42.96
CA ILE B 635 18.67 -5.47 42.63
C ILE B 635 19.01 -5.39 41.15
N LEU B 636 20.16 -4.81 40.84
CA LEU B 636 20.62 -4.76 39.46
C LEU B 636 21.06 -6.14 39.03
N GLN B 637 20.45 -6.64 37.96
CA GLN B 637 20.73 -7.97 37.47
C GLN B 637 21.02 -7.93 35.97
N TRP B 638 21.86 -8.86 35.53
CA TRP B 638 22.24 -8.91 34.12
C TRP B 638 23.02 -10.19 33.85
N THR B 639 23.20 -10.46 32.57
CA THR B 639 24.13 -11.50 32.14
C THR B 639 25.19 -10.85 31.26
N GLN B 640 26.30 -11.57 31.09
CA GLN B 640 27.37 -11.12 30.21
C GLN B 640 27.20 -11.83 28.87
N LYS B 641 27.03 -11.06 27.81
CA LYS B 641 26.91 -11.67 26.50
C LYS B 641 28.21 -12.34 26.11
N GLU B 642 28.10 -13.58 25.67
CA GLU B 642 29.20 -14.32 25.10
C GLU B 642 30.50 -14.14 25.88
N PRO B 643 30.53 -14.58 27.15
CA PRO B 643 31.82 -14.64 27.83
C PRO B 643 32.64 -15.75 27.20
N ASP B 644 33.96 -15.58 27.19
CA ASP B 644 34.88 -16.48 26.51
C ASP B 644 34.97 -16.14 25.03
N ALA B 645 34.32 -15.05 24.63
CA ALA B 645 34.45 -14.57 23.25
C ALA B 645 35.73 -13.75 23.11
N VAL B 646 36.14 -13.14 24.21
CA VAL B 646 37.41 -12.41 24.26
C VAL B 646 38.11 -12.82 25.54
N ASP B 647 39.08 -12.02 25.97
CA ASP B 647 39.73 -12.25 27.25
C ASP B 647 38.67 -12.22 28.35
N PRO B 648 38.90 -12.95 29.45
CA PRO B 648 37.88 -13.04 30.49
C PRO B 648 37.53 -11.70 31.11
N ILE B 649 36.30 -11.57 31.60
CA ILE B 649 35.85 -10.35 32.22
C ILE B 649 36.44 -10.26 33.62
N LEU B 650 37.16 -9.19 33.90
CA LEU B 650 37.79 -8.99 35.20
C LEU B 650 36.86 -8.21 36.13
N LYS B 651 36.40 -7.05 35.67
CA LYS B 651 35.58 -6.17 36.48
C LYS B 651 34.60 -5.40 35.60
N TYR B 652 33.47 -5.02 36.18
CA TYR B 652 32.54 -4.11 35.51
C TYR B 652 32.68 -2.71 36.05
N ARG B 653 32.66 -1.72 35.16
CA ARG B 653 32.44 -0.35 35.60
C ARG B 653 30.96 -0.10 35.71
N LEU B 654 30.52 0.34 36.90
CA LEU B 654 29.13 0.70 37.11
C LEU B 654 29.04 2.21 37.32
N GLU B 655 28.22 2.86 36.50
CA GLU B 655 27.89 4.26 36.69
C GLU B 655 26.43 4.40 37.05
N VAL B 656 26.16 5.24 38.04
CA VAL B 656 24.81 5.51 38.47
C VAL B 656 24.60 7.01 38.48
N ARG B 657 23.67 7.47 37.64
CA ARG B 657 23.31 8.87 37.64
C ARG B 657 21.84 9.02 37.99
N GLN B 658 21.56 10.06 38.75
CA GLN B 658 20.21 10.37 39.15
C GLN B 658 19.70 11.39 38.14
N LEU B 659 18.60 11.07 37.47
CA LEU B 659 18.06 11.92 36.42
C LEU B 659 17.88 13.38 36.85
N ALA B 660 17.95 13.64 38.16
CA ALA B 660 17.74 14.97 38.69
C ALA B 660 19.05 15.75 38.94
N GLN B 661 20.18 15.05 39.09
CA GLN B 661 21.44 15.71 39.41
C GLN B 661 22.50 15.39 38.36
N ARG B 662 23.48 16.29 38.23
CA ARG B 662 24.61 16.10 37.33
C ARG B 662 25.54 14.98 37.78
N ASN B 663 26.04 15.08 39.01
CA ASN B 663 27.11 14.21 39.48
C ASN B 663 26.71 12.74 39.40
N THR B 664 27.69 11.90 39.06
CA THR B 664 27.46 10.48 38.83
C THR B 664 28.36 9.65 39.73
N ILE B 665 27.85 8.55 40.25
CA ILE B 665 28.62 7.71 41.15
C ILE B 665 29.19 6.54 40.35
N GLN B 666 30.51 6.52 40.22
CA GLN B 666 31.19 5.47 39.48
C GLN B 666 31.82 4.47 40.45
N THR B 667 31.59 3.19 40.18
CA THR B 667 32.14 2.13 41.00
C THR B 667 32.51 0.93 40.13
N PHE B 668 33.25 -0.01 40.70
CA PHE B 668 33.68 -1.19 39.96
C PHE B 668 33.25 -2.46 40.66
N ILE B 669 32.55 -3.33 39.92
CA ILE B 669 32.22 -4.65 40.42
C ILE B 669 33.33 -5.60 39.99
N PRO B 670 33.91 -6.36 40.93
CA PRO B 670 34.83 -7.40 40.49
C PRO B 670 34.15 -8.76 40.39
N VAL B 671 34.19 -9.36 39.20
CA VAL B 671 33.51 -10.62 38.95
C VAL B 671 34.44 -11.78 39.31
N GLN B 672 33.89 -12.79 39.98
CA GLN B 672 34.67 -13.97 40.36
C GLN B 672 34.85 -14.93 39.20
N LYS B 673 33.74 -15.39 38.64
CA LYS B 673 33.76 -16.42 37.61
C LYS B 673 32.35 -16.48 37.02
N GLU B 675 29.57 -18.07 33.65
CA GLU B 675 29.20 -18.99 32.60
C GLU B 675 28.33 -18.25 31.60
N LYS B 676 28.10 -18.85 30.45
CA LYS B 676 27.41 -18.15 29.36
C LYS B 676 26.01 -17.69 29.75
N GLY B 677 25.38 -18.40 30.67
CA GLY B 677 24.01 -18.08 31.05
C GLY B 677 23.83 -17.58 32.48
N LEU B 678 24.94 -17.44 33.21
CA LEU B 678 24.86 -17.06 34.62
C LEU B 678 24.32 -15.65 34.84
N LEU B 679 23.35 -15.54 35.74
CA LEU B 679 22.83 -14.24 36.15
C LEU B 679 23.76 -13.61 37.19
N LEU B 680 24.09 -12.34 36.98
CA LEU B 680 24.89 -11.61 37.95
C LEU B 680 24.06 -10.60 38.70
N GLU B 681 24.52 -10.23 39.89
CA GLU B 681 23.76 -9.35 40.76
C GLU B 681 24.66 -8.29 41.38
N HIS B 682 24.07 -7.13 41.64
CA HIS B 682 24.71 -6.09 42.41
C HIS B 682 23.63 -5.21 43.01
N ILE B 683 23.73 -4.96 44.32
CA ILE B 683 22.75 -4.12 44.99
C ILE B 683 23.22 -2.68 44.97
N LEU B 684 22.36 -1.80 44.48
CA LEU B 684 22.65 -0.38 44.46
C LEU B 684 22.17 0.22 45.78
N PRO B 685 23.10 0.80 46.56
CA PRO B 685 22.82 0.96 48.00
C PRO B 685 21.82 2.05 48.35
N ASN B 686 22.06 3.28 47.90
CA ASN B 686 21.32 4.43 48.40
C ASN B 686 20.60 5.15 47.27
N LEU B 687 19.29 4.97 47.19
CA LEU B 687 18.47 5.54 46.13
C LEU B 687 17.27 6.25 46.73
N LYS B 688 17.05 7.50 46.33
CA LYS B 688 15.91 8.27 46.85
C LYS B 688 14.65 7.44 46.68
N VAL B 689 13.74 7.51 47.65
CA VAL B 689 12.57 6.64 47.65
C VAL B 689 11.67 6.76 46.42
N PRO B 690 11.45 7.97 45.87
CA PRO B 690 10.56 7.96 44.71
C PRO B 690 11.31 7.92 43.37
N GLN B 691 12.55 8.38 43.38
CA GLN B 691 13.22 8.77 42.14
C GLN B 691 13.83 7.61 41.39
N SER B 692 14.11 7.85 40.10
CA SER B 692 14.71 6.86 39.23
C SER B 692 16.17 7.23 38.93
N TYR B 693 16.87 6.32 38.25
CA TYR B 693 18.31 6.47 38.02
C TYR B 693 18.69 5.90 36.66
N GLU B 694 19.78 6.41 36.10
CA GLU B 694 20.39 5.80 34.93
C GLU B 694 21.56 4.93 35.37
N VAL B 695 21.70 3.77 34.73
CA VAL B 695 22.68 2.79 35.15
C VAL B 695 23.47 2.38 33.93
N ARG B 696 24.76 2.70 33.92
CA ARG B 696 25.63 2.31 32.82
C ARG B 696 26.63 1.28 33.31
N LEU B 697 26.69 0.16 32.60
CA LEU B 697 27.49 -0.98 33.02
C LEU B 697 28.44 -1.36 31.89
N THR B 698 29.74 -1.31 32.16
CA THR B 698 30.76 -1.58 31.16
C THR B 698 31.70 -2.70 31.63
N PRO B 699 31.95 -3.71 30.78
CA PRO B 699 32.95 -4.71 31.15
C PRO B 699 34.37 -4.27 30.87
N ILE B 700 35.32 -4.77 31.65
CA ILE B 700 36.73 -4.50 31.44
C ILE B 700 37.47 -5.82 31.30
N THR B 701 38.27 -5.93 30.25
CA THR B 701 39.21 -7.03 30.09
C THR B 701 40.60 -6.45 29.93
N SER B 702 41.60 -7.34 29.84
CA SER B 702 42.98 -6.91 29.61
C SER B 702 43.09 -5.99 28.40
N PHE B 703 42.17 -6.15 27.45
CA PHE B 703 42.10 -5.27 26.29
C PHE B 703 41.59 -3.88 26.65
N GLY B 704 40.77 -3.81 27.69
CA GLY B 704 40.17 -2.56 28.12
C GLY B 704 38.66 -2.62 28.24
N ALA B 705 38.01 -1.50 27.97
CA ALA B 705 36.57 -1.40 28.13
C ALA B 705 35.87 -2.10 26.98
N GLY B 706 34.99 -3.04 27.30
CA GLY B 706 34.13 -3.65 26.31
C GLY B 706 32.97 -2.75 25.92
N ASP B 707 31.92 -3.36 25.39
CA ASP B 707 30.73 -2.64 24.97
C ASP B 707 29.88 -2.27 26.18
N ALA B 709 26.57 -0.88 28.29
CA ALA B 709 25.12 -1.01 28.23
C ALA B 709 24.49 -0.11 29.27
N ALA B 710 23.26 0.34 29.00
CA ALA B 710 22.62 1.30 29.87
C ALA B 710 21.15 0.96 30.08
N ARG B 711 20.58 1.52 31.14
CA ARG B 711 19.27 1.13 31.61
C ARG B 711 18.78 2.17 32.61
N ILE B 712 17.47 2.31 32.73
CA ILE B 712 16.89 3.17 33.75
C ILE B 712 16.18 2.30 34.78
N ILE B 713 16.50 2.50 36.04
CA ILE B 713 15.91 1.72 37.13
C ILE B 713 14.94 2.61 37.89
N ARG B 714 13.92 1.99 38.47
CA ARG B 714 12.82 2.74 39.08
C ARG B 714 12.26 2.02 40.30
N TYR B 715 11.79 2.80 41.25
CA TYR B 715 11.19 2.28 42.49
C TYR B 715 9.81 1.67 42.24
#